data_4QBK
# 
_entry.id   4QBK 
# 
_audit_conform.dict_name       mmcif_pdbx.dic 
_audit_conform.dict_version    5.381 
_audit_conform.dict_location   http://mmcif.pdb.org/dictionaries/ascii/mmcif_pdbx.dic 
# 
loop_
_database_2.database_id 
_database_2.database_code 
_database_2.pdbx_database_accession 
_database_2.pdbx_DOI 
PDB   4QBK         pdb_00004qbk 10.2210/pdb4qbk/pdb 
RCSB  RCSB085847   ?            ?                   
WWPDB D_1000085847 ?            ?                   
# 
_pdbx_database_related.db_name        PDB 
_pdbx_database_related.db_id          4JC4 
_pdbx_database_related.details        'Model PDB' 
_pdbx_database_related.content_type   unspecified 
# 
_pdbx_database_status.status_code                     REL 
_pdbx_database_status.entry_id                        4QBK 
_pdbx_database_status.recvd_initial_deposition_date   2014-05-08 
_pdbx_database_status.deposit_site                    RCSB 
_pdbx_database_status.process_site                    PDBJ 
_pdbx_database_status.methods_development_category    ? 
_pdbx_database_status.status_code_sf                  REL 
_pdbx_database_status.status_code_mr                  ? 
_pdbx_database_status.SG_entry                        ? 
_pdbx_database_status.status_code_cs                  ? 
_pdbx_database_status.pdb_format_compatible           Y 
_pdbx_database_status.status_code_nmr_data            ? 
# 
loop_
_audit_author.name 
_audit_author.pdbx_ordinal 
'Singh, A.'   1 
'Sinha, M.'   2 
'Bhushan, A.' 3 
'Kaur, P.'    4 
'Sharma, S.'  5 
'Singh, T.P.' 6 
# 
_citation.id                        primary 
_citation.title                     
;Structural and binding studies of peptidyl-tRNA hydrolase from Pseudomonas aeruginosa provide a platform for the structure-based inhibitor design against peptidyl-tRNA hydrolase
;
_citation.journal_abbrev            Biochem.J. 
_citation.journal_volume            463 
_citation.page_first                329 
_citation.page_last                 337 
_citation.year                      2014 
_citation.journal_id_ASTM           BIJOAK 
_citation.country                   UK 
_citation.journal_id_ISSN           0264-6021 
_citation.journal_id_CSD            0043 
_citation.book_publisher            ? 
_citation.pdbx_database_id_PubMed   25101795 
_citation.pdbx_database_id_DOI      10.1042/BJ20140631 
# 
loop_
_citation_author.citation_id 
_citation_author.name 
_citation_author.ordinal 
_citation_author.identifier_ORCID 
primary 'Singh, A.'   1  ? 
primary 'Kumar, A.'   2  ? 
primary 'Gautam, L.'  3  ? 
primary 'Sharma, P.'  4  ? 
primary 'Sinha, M.'   5  ? 
primary 'Bhushan, A.' 6  ? 
primary 'Kaur, P.'    7  ? 
primary 'Sharma, S.'  8  ? 
primary 'Arora, A.'   9  ? 
primary 'Singh, T.P.' 10 ? 
# 
_cell.entry_id           4QBK 
_cell.length_a           64.751 
_cell.length_b           64.751 
_cell.length_c           157.679 
_cell.angle_alpha        90.00 
_cell.angle_beta         90.00 
_cell.angle_gamma        120.00 
_cell.Z_PDB              12 
_cell.pdbx_unique_axis   ? 
_cell.length_a_esd       ? 
_cell.length_b_esd       ? 
_cell.length_c_esd       ? 
_cell.angle_alpha_esd    ? 
_cell.angle_beta_esd     ? 
_cell.angle_gamma_esd    ? 
# 
_symmetry.entry_id                         4QBK 
_symmetry.space_group_name_H-M             'P 61 2 2' 
_symmetry.pdbx_full_space_group_name_H-M   ? 
_symmetry.cell_setting                     ? 
_symmetry.Int_Tables_number                178 
_symmetry.space_group_name_Hall            ? 
# 
loop_
_entity.id 
_entity.type 
_entity.src_method 
_entity.pdbx_description 
_entity.formula_weight 
_entity.pdbx_number_of_molecules 
_entity.pdbx_ec 
_entity.pdbx_mutation 
_entity.pdbx_fragment 
_entity.details 
1 polymer     man 'Peptidyl-tRNA hydrolase'                          20832.793 1   3.1.1.29 ? ? ? 
2 non-polymer syn GLYCEROL                                           92.094    1   ?        ? ? ? 
3 non-polymer syn "3'-deoxy-3'-[(O-methyl-L-tyrosyl)amino]adenosine" 443.456   1   ?        ? ? ? 
4 water       nat water                                              18.015    219 ?        ? ? ? 
# 
_entity_name_com.entity_id   1 
_entity_name_com.name        PTH 
# 
_entity_poly.entity_id                      1 
_entity_poly.type                           'polypeptide(L)' 
_entity_poly.nstd_linkage                   no 
_entity_poly.nstd_monomer                   no 
_entity_poly.pdbx_seq_one_letter_code       
;MTAVQLIVGLGNPGPEYDQTRHNAGALFVERLAHAQGVSLVADRKYFGLVGKFSHQGKDVRLLIPTTYMNRSGQSVAALA
GFFRIAPDAILVAHDELDMPPGVAKLKTGGGHGGHNGLRDIIAQLGNQNSFHRLRLGIGHPGHSSLVSGYVLGRAPRSEQ
ELLDTSIDFALGVLPEMLAGDWTRAMQKLHSQKA
;
_entity_poly.pdbx_seq_one_letter_code_can   
;MTAVQLIVGLGNPGPEYDQTRHNAGALFVERLAHAQGVSLVADRKYFGLVGKFSHQGKDVRLLIPTTYMNRSGQSVAALA
GFFRIAPDAILVAHDELDMPPGVAKLKTGGGHGGHNGLRDIIAQLGNQNSFHRLRLGIGHPGHSSLVSGYVLGRAPRSEQ
ELLDTSIDFALGVLPEMLAGDWTRAMQKLHSQKA
;
_entity_poly.pdbx_strand_id                 A 
_entity_poly.pdbx_target_identifier         ? 
# 
loop_
_entity_poly_seq.entity_id 
_entity_poly_seq.num 
_entity_poly_seq.mon_id 
_entity_poly_seq.hetero 
1 1   MET n 
1 2   THR n 
1 3   ALA n 
1 4   VAL n 
1 5   GLN n 
1 6   LEU n 
1 7   ILE n 
1 8   VAL n 
1 9   GLY n 
1 10  LEU n 
1 11  GLY n 
1 12  ASN n 
1 13  PRO n 
1 14  GLY n 
1 15  PRO n 
1 16  GLU n 
1 17  TYR n 
1 18  ASP n 
1 19  GLN n 
1 20  THR n 
1 21  ARG n 
1 22  HIS n 
1 23  ASN n 
1 24  ALA n 
1 25  GLY n 
1 26  ALA n 
1 27  LEU n 
1 28  PHE n 
1 29  VAL n 
1 30  GLU n 
1 31  ARG n 
1 32  LEU n 
1 33  ALA n 
1 34  HIS n 
1 35  ALA n 
1 36  GLN n 
1 37  GLY n 
1 38  VAL n 
1 39  SER n 
1 40  LEU n 
1 41  VAL n 
1 42  ALA n 
1 43  ASP n 
1 44  ARG n 
1 45  LYS n 
1 46  TYR n 
1 47  PHE n 
1 48  GLY n 
1 49  LEU n 
1 50  VAL n 
1 51  GLY n 
1 52  LYS n 
1 53  PHE n 
1 54  SER n 
1 55  HIS n 
1 56  GLN n 
1 57  GLY n 
1 58  LYS n 
1 59  ASP n 
1 60  VAL n 
1 61  ARG n 
1 62  LEU n 
1 63  LEU n 
1 64  ILE n 
1 65  PRO n 
1 66  THR n 
1 67  THR n 
1 68  TYR n 
1 69  MET n 
1 70  ASN n 
1 71  ARG n 
1 72  SER n 
1 73  GLY n 
1 74  GLN n 
1 75  SER n 
1 76  VAL n 
1 77  ALA n 
1 78  ALA n 
1 79  LEU n 
1 80  ALA n 
1 81  GLY n 
1 82  PHE n 
1 83  PHE n 
1 84  ARG n 
1 85  ILE n 
1 86  ALA n 
1 87  PRO n 
1 88  ASP n 
1 89  ALA n 
1 90  ILE n 
1 91  LEU n 
1 92  VAL n 
1 93  ALA n 
1 94  HIS n 
1 95  ASP n 
1 96  GLU n 
1 97  LEU n 
1 98  ASP n 
1 99  MET n 
1 100 PRO n 
1 101 PRO n 
1 102 GLY n 
1 103 VAL n 
1 104 ALA n 
1 105 LYS n 
1 106 LEU n 
1 107 LYS n 
1 108 THR n 
1 109 GLY n 
1 110 GLY n 
1 111 GLY n 
1 112 HIS n 
1 113 GLY n 
1 114 GLY n 
1 115 HIS n 
1 116 ASN n 
1 117 GLY n 
1 118 LEU n 
1 119 ARG n 
1 120 ASP n 
1 121 ILE n 
1 122 ILE n 
1 123 ALA n 
1 124 GLN n 
1 125 LEU n 
1 126 GLY n 
1 127 ASN n 
1 128 GLN n 
1 129 ASN n 
1 130 SER n 
1 131 PHE n 
1 132 HIS n 
1 133 ARG n 
1 134 LEU n 
1 135 ARG n 
1 136 LEU n 
1 137 GLY n 
1 138 ILE n 
1 139 GLY n 
1 140 HIS n 
1 141 PRO n 
1 142 GLY n 
1 143 HIS n 
1 144 SER n 
1 145 SER n 
1 146 LEU n 
1 147 VAL n 
1 148 SER n 
1 149 GLY n 
1 150 TYR n 
1 151 VAL n 
1 152 LEU n 
1 153 GLY n 
1 154 ARG n 
1 155 ALA n 
1 156 PRO n 
1 157 ARG n 
1 158 SER n 
1 159 GLU n 
1 160 GLN n 
1 161 GLU n 
1 162 LEU n 
1 163 LEU n 
1 164 ASP n 
1 165 THR n 
1 166 SER n 
1 167 ILE n 
1 168 ASP n 
1 169 PHE n 
1 170 ALA n 
1 171 LEU n 
1 172 GLY n 
1 173 VAL n 
1 174 LEU n 
1 175 PRO n 
1 176 GLU n 
1 177 MET n 
1 178 LEU n 
1 179 ALA n 
1 180 GLY n 
1 181 ASP n 
1 182 TRP n 
1 183 THR n 
1 184 ARG n 
1 185 ALA n 
1 186 MET n 
1 187 GLN n 
1 188 LYS n 
1 189 LEU n 
1 190 HIS n 
1 191 SER n 
1 192 GLN n 
1 193 LYS n 
1 194 ALA n 
# 
_entity_src_gen.entity_id                          1 
_entity_src_gen.pdbx_src_id                        1 
_entity_src_gen.pdbx_alt_source_flag               sample 
_entity_src_gen.pdbx_seq_type                      ? 
_entity_src_gen.pdbx_beg_seq_num                   ? 
_entity_src_gen.pdbx_end_seq_num                   ? 
_entity_src_gen.gene_src_common_name               ? 
_entity_src_gen.gene_src_genus                     ? 
_entity_src_gen.pdbx_gene_src_gene                 'PA4672, pth' 
_entity_src_gen.gene_src_species                   ? 
_entity_src_gen.gene_src_strain                    PAO1 
_entity_src_gen.gene_src_tissue                    ? 
_entity_src_gen.gene_src_tissue_fraction           ? 
_entity_src_gen.gene_src_details                   ? 
_entity_src_gen.pdbx_gene_src_fragment             ? 
_entity_src_gen.pdbx_gene_src_scientific_name      'Pseudomonas aeruginosa' 
_entity_src_gen.pdbx_gene_src_ncbi_taxonomy_id     208964 
_entity_src_gen.pdbx_gene_src_variant              ? 
_entity_src_gen.pdbx_gene_src_cell_line            ? 
_entity_src_gen.pdbx_gene_src_atcc                 ? 
_entity_src_gen.pdbx_gene_src_organ                ? 
_entity_src_gen.pdbx_gene_src_organelle            ? 
_entity_src_gen.pdbx_gene_src_cell                 ? 
_entity_src_gen.pdbx_gene_src_cellular_location    ? 
_entity_src_gen.host_org_common_name               ? 
_entity_src_gen.pdbx_host_org_scientific_name      'Escherichia coli' 
_entity_src_gen.pdbx_host_org_ncbi_taxonomy_id     562 
_entity_src_gen.host_org_genus                     ? 
_entity_src_gen.pdbx_host_org_gene                 ? 
_entity_src_gen.pdbx_host_org_organ                ? 
_entity_src_gen.host_org_species                   ? 
_entity_src_gen.pdbx_host_org_tissue               ? 
_entity_src_gen.pdbx_host_org_tissue_fraction      ? 
_entity_src_gen.pdbx_host_org_strain               'Bl21 (De3)' 
_entity_src_gen.pdbx_host_org_variant              ? 
_entity_src_gen.pdbx_host_org_cell_line            ? 
_entity_src_gen.pdbx_host_org_atcc                 ? 
_entity_src_gen.pdbx_host_org_culture_collection   ? 
_entity_src_gen.pdbx_host_org_cell                 ? 
_entity_src_gen.pdbx_host_org_organelle            ? 
_entity_src_gen.pdbx_host_org_cellular_location    ? 
_entity_src_gen.pdbx_host_org_vector_type          plasmid 
_entity_src_gen.pdbx_host_org_vector               ? 
_entity_src_gen.host_org_details                   ? 
_entity_src_gen.expression_system_id               ? 
_entity_src_gen.plasmid_name                       pET28+ 
_entity_src_gen.plasmid_details                    ? 
_entity_src_gen.pdbx_description                   ? 
# 
_struct_ref.id                         1 
_struct_ref.db_name                    UNP 
_struct_ref.db_code                    PTH_PSEAE 
_struct_ref.pdbx_db_accession          Q9HVC3 
_struct_ref.entity_id                  1 
_struct_ref.pdbx_seq_one_letter_code   
;MTAVQLIVGLGNPGPEYDQTRHNAGALFVERLAHAQGVSLVADRKYFGLVGKFSHQGKDVRLLIPTTYMNRSGQSVAALA
GFFRIAPDAILVAHDELDMPPGVAKLKTGGGHGGHNGLRDIIAQLGNQNSFHRLRLGIGHPGHSSLVSGYVLGRAPRSEQ
ELLDTSIDFALGVLPEMLAGDWTRAMQKLHSQKA
;
_struct_ref.pdbx_align_begin           1 
_struct_ref.pdbx_db_isoform            ? 
# 
_struct_ref_seq.align_id                      1 
_struct_ref_seq.ref_id                        1 
_struct_ref_seq.pdbx_PDB_id_code              4QBK 
_struct_ref_seq.pdbx_strand_id                A 
_struct_ref_seq.seq_align_beg                 1 
_struct_ref_seq.pdbx_seq_align_beg_ins_code   ? 
_struct_ref_seq.seq_align_end                 194 
_struct_ref_seq.pdbx_seq_align_end_ins_code   ? 
_struct_ref_seq.pdbx_db_accession             Q9HVC3 
_struct_ref_seq.db_align_beg                  1 
_struct_ref_seq.pdbx_db_align_beg_ins_code    ? 
_struct_ref_seq.db_align_end                  194 
_struct_ref_seq.pdbx_db_align_end_ins_code    ? 
_struct_ref_seq.pdbx_auth_seq_align_beg       1 
_struct_ref_seq.pdbx_auth_seq_align_end       194 
# 
loop_
_chem_comp.id 
_chem_comp.type 
_chem_comp.mon_nstd_flag 
_chem_comp.name 
_chem_comp.pdbx_synonyms 
_chem_comp.formula 
_chem_comp.formula_weight 
3NZ non-polymer         . "3'-deoxy-3'-[(O-methyl-L-tyrosyl)amino]adenosine" ?                               'C20 H25 N7 O5'  
443.456 
ALA 'L-peptide linking' y ALANINE                                            ?                               'C3 H7 N O2'     
89.093  
ARG 'L-peptide linking' y ARGININE                                           ?                               'C6 H15 N4 O2 1' 
175.209 
ASN 'L-peptide linking' y ASPARAGINE                                         ?                               'C4 H8 N2 O3'    
132.118 
ASP 'L-peptide linking' y 'ASPARTIC ACID'                                    ?                               'C4 H7 N O4'     
133.103 
GLN 'L-peptide linking' y GLUTAMINE                                          ?                               'C5 H10 N2 O3'   
146.144 
GLU 'L-peptide linking' y 'GLUTAMIC ACID'                                    ?                               'C5 H9 N O4'     
147.129 
GLY 'peptide linking'   y GLYCINE                                            ?                               'C2 H5 N O2'     
75.067  
GOL non-polymer         . GLYCEROL                                           'GLYCERIN; PROPANE-1,2,3-TRIOL' 'C3 H8 O3'       
92.094  
HIS 'L-peptide linking' y HISTIDINE                                          ?                               'C6 H10 N3 O2 1' 
156.162 
HOH non-polymer         . WATER                                              ?                               'H2 O'           
18.015  
ILE 'L-peptide linking' y ISOLEUCINE                                         ?                               'C6 H13 N O2'    
131.173 
LEU 'L-peptide linking' y LEUCINE                                            ?                               'C6 H13 N O2'    
131.173 
LYS 'L-peptide linking' y LYSINE                                             ?                               'C6 H15 N2 O2 1' 
147.195 
MET 'L-peptide linking' y METHIONINE                                         ?                               'C5 H11 N O2 S'  
149.211 
PHE 'L-peptide linking' y PHENYLALANINE                                      ?                               'C9 H11 N O2'    
165.189 
PRO 'L-peptide linking' y PROLINE                                            ?                               'C5 H9 N O2'     
115.130 
SER 'L-peptide linking' y SERINE                                             ?                               'C3 H7 N O3'     
105.093 
THR 'L-peptide linking' y THREONINE                                          ?                               'C4 H9 N O3'     
119.119 
TRP 'L-peptide linking' y TRYPTOPHAN                                         ?                               'C11 H12 N2 O2'  
204.225 
TYR 'L-peptide linking' y TYROSINE                                           ?                               'C9 H11 N O3'    
181.189 
VAL 'L-peptide linking' y VALINE                                             ?                               'C5 H11 N O2'    
117.146 
# 
_exptl.entry_id          4QBK 
_exptl.method            'X-RAY DIFFRACTION' 
_exptl.crystals_number   1 
# 
_exptl_crystal.id                    1 
_exptl_crystal.density_meas          ? 
_exptl_crystal.density_Matthews      2.29 
_exptl_crystal.density_percent_sol   46.29 
_exptl_crystal.description           ? 
_exptl_crystal.F_000                 ? 
_exptl_crystal.preparation           ? 
# 
_exptl_crystal_grow.crystal_id      1 
_exptl_crystal_grow.method          'VAPOR DIFFUSION, HANGING DROP' 
_exptl_crystal_grow.temp            298 
_exptl_crystal_grow.temp_details    ? 
_exptl_crystal_grow.pH              7.5 
_exptl_crystal_grow.pdbx_details    
'0.1M HEPES buffer, PEG 4000, 5% isopropanol, pH 7.5, VAPOR DIFFUSION, HANGING DROP, temperature 298K' 
_exptl_crystal_grow.pdbx_pH_range   . 
# 
_diffrn.id                     1 
_diffrn.ambient_temp           77 
_diffrn.ambient_temp_details   ? 
_diffrn.crystal_id             1 
# 
_diffrn_detector.diffrn_id              1 
_diffrn_detector.detector               CCD 
_diffrn_detector.type                   MARRESEARCH 
_diffrn_detector.pdbx_collection_date   2013-11-02 
_diffrn_detector.details                Mirror 
# 
_diffrn_radiation.diffrn_id                        1 
_diffrn_radiation.wavelength_id                    1 
_diffrn_radiation.pdbx_monochromatic_or_laue_m_l   M 
_diffrn_radiation.monochromator                    Graphite 
_diffrn_radiation.pdbx_diffrn_protocol             'SINGLE WAVELENGTH' 
_diffrn_radiation.pdbx_scattering_type             x-ray 
# 
_diffrn_radiation_wavelength.id           1 
_diffrn_radiation_wavelength.wavelength   0.97 
_diffrn_radiation_wavelength.wt           1.0 
# 
_diffrn_source.diffrn_id                   1 
_diffrn_source.source                      SYNCHROTRON 
_diffrn_source.type                        'ESRF BEAMLINE BM14' 
_diffrn_source.pdbx_synchrotron_site       ESRF 
_diffrn_source.pdbx_synchrotron_beamline   BM14 
_diffrn_source.pdbx_wavelength             ? 
_diffrn_source.pdbx_wavelength_list        0.97 
# 
_reflns.entry_id                     4QBK 
_reflns.observed_criterion_sigma_I   0.0 
_reflns.observed_criterion_sigma_F   0.0 
_reflns.d_resolution_low             27.62 
_reflns.d_resolution_high            1.77 
_reflns.number_obs                   19890 
_reflns.number_all                   ? 
_reflns.percent_possible_obs         100 
_reflns.pdbx_Rmerge_I_obs            ? 
_reflns.pdbx_Rsym_value              0.062 
_reflns.pdbx_netI_over_sigmaI        25 
_reflns.B_iso_Wilson_estimate        ? 
_reflns.pdbx_redundancy              ? 
_reflns.R_free_details               ? 
_reflns.limit_h_max                  ? 
_reflns.limit_h_min                  ? 
_reflns.limit_k_max                  ? 
_reflns.limit_k_min                  ? 
_reflns.limit_l_max                  ? 
_reflns.limit_l_min                  ? 
_reflns.observed_criterion_F_max     ? 
_reflns.observed_criterion_F_min     ? 
_reflns.pdbx_chi_squared             ? 
_reflns.pdbx_scaling_rejects         ? 
_reflns.pdbx_ordinal                 1 
_reflns.pdbx_diffrn_id               1 
# 
_reflns_shell.d_res_high                  1.77 
_reflns_shell.d_res_low                   1.80 
_reflns_shell.percent_possible_all        100 
_reflns_shell.Rmerge_I_obs                ? 
_reflns_shell.pdbx_Rsym_value             ? 
_reflns_shell.meanI_over_sigI_obs         2.1 
_reflns_shell.pdbx_redundancy             ? 
_reflns_shell.percent_possible_obs        ? 
_reflns_shell.number_unique_all           ? 
_reflns_shell.number_measured_all         ? 
_reflns_shell.number_measured_obs         ? 
_reflns_shell.number_unique_obs           ? 
_reflns_shell.pdbx_chi_squared            ? 
_reflns_shell.pdbx_rejects                ? 
_reflns_shell.pdbx_netI_over_sigmaI_obs   ? 
_reflns_shell.number_possible             ? 
_reflns_shell.Rmerge_F_all                ? 
_reflns_shell.Rmerge_F_obs                ? 
_reflns_shell.Rmerge_I_all                ? 
_reflns_shell.meanI_over_sigI_all         ? 
_reflns_shell.pdbx_Rrim_I_all             ? 
_reflns_shell.pdbx_Rpim_I_all             ? 
_reflns_shell.pdbx_ordinal                1 
_reflns_shell.pdbx_diffrn_id              1 
# 
_refine.entry_id                                 4QBK 
_refine.ls_number_reflns_obs                     18884 
_refine.ls_number_reflns_all                     ? 
_refine.pdbx_ls_sigma_I                          0.0 
_refine.pdbx_ls_sigma_F                          0.0 
_refine.pdbx_data_cutoff_high_absF               ? 
_refine.pdbx_data_cutoff_low_absF                ? 
_refine.pdbx_data_cutoff_high_rms_absF           ? 
_refine.ls_d_res_low                             27.62 
_refine.ls_d_res_high                            1.77 
_refine.ls_percent_reflns_obs                    99.94 
_refine.ls_R_factor_obs                          0.17465 
_refine.ls_R_factor_all                          ? 
_refine.ls_R_factor_R_work                       0.17419 
_refine.ls_R_factor_R_free                       0.18323 
_refine.ls_R_factor_R_free_error                 ? 
_refine.ls_R_factor_R_free_error_details         ? 
_refine.ls_percent_reflns_R_free                 5.1 
_refine.ls_number_reflns_R_free                  1016 
_refine.ls_number_parameters                     ? 
_refine.ls_number_restraints                     ? 
_refine.occupancy_min                            ? 
_refine.occupancy_max                            ? 
_refine.correlation_coeff_Fo_to_Fc               ? 
_refine.correlation_coeff_Fo_to_Fc_free          ? 
_refine.B_iso_mean                               27.116 
_refine.aniso_B[1][1]                            0.25 
_refine.aniso_B[2][2]                            0.25 
_refine.aniso_B[3][3]                            -0.81 
_refine.aniso_B[1][2]                            0.13 
_refine.aniso_B[1][3]                            0.00 
_refine.aniso_B[2][3]                            0.00 
_refine.solvent_model_details                    MASK 
_refine.solvent_model_param_ksol                 ? 
_refine.solvent_model_param_bsol                 ? 
_refine.pdbx_solvent_vdw_probe_radii             1.20 
_refine.pdbx_solvent_ion_probe_radii             0.80 
_refine.pdbx_solvent_shrinkage_radii             0.80 
_refine.pdbx_ls_cross_valid_method               THROUGHOUT 
_refine.details                                  'HYDROGENS HAVE BEEN ADDED IN THE RIDING POSITIONS' 
_refine.pdbx_starting_model                      4JC4 
_refine.pdbx_method_to_determine_struct          'MOLECULAR REPLACEMENT' 
_refine.pdbx_isotropic_thermal_model             ? 
_refine.pdbx_stereochemistry_target_values       'MAXIMUM LIKELIHOOD' 
_refine.pdbx_stereochem_target_val_spec_case     ? 
_refine.pdbx_R_Free_selection_details            RANDOM 
_refine.pdbx_overall_ESU_R                       0.119 
_refine.pdbx_overall_ESU_R_Free                  0.100 
_refine.overall_SU_ML                            ? 
_refine.pdbx_overall_phase_error                 ? 
_refine.overall_SU_B                             ? 
_refine.overall_SU_R_Cruickshank_DPI             ? 
_refine.ls_redundancy_reflns_obs                 ? 
_refine.B_iso_min                                ? 
_refine.B_iso_max                                ? 
_refine.overall_SU_R_free                        ? 
_refine.ls_wR_factor_R_free                      ? 
_refine.ls_wR_factor_R_work                      ? 
_refine.overall_FOM_free_R_set                   ? 
_refine.overall_FOM_work_R_set                   ? 
_refine.pdbx_diffrn_id                           1 
_refine.pdbx_refine_id                           'X-RAY DIFFRACTION' 
_refine.pdbx_TLS_residual_ADP_flag               ? 
_refine.pdbx_overall_SU_R_free_Cruickshank_DPI   ? 
_refine.pdbx_overall_SU_R_Blow_DPI               ? 
_refine.pdbx_overall_SU_R_free_Blow_DPI          ? 
# 
_refine_hist.pdbx_refine_id                   'X-RAY DIFFRACTION' 
_refine_hist.cycle_id                         LAST 
_refine_hist.pdbx_number_atoms_protein        1467 
_refine_hist.pdbx_number_atoms_nucleic_acid   0 
_refine_hist.pdbx_number_atoms_ligand         38 
_refine_hist.number_atoms_solvent             219 
_refine_hist.number_atoms_total               1724 
_refine_hist.d_res_high                       1.77 
_refine_hist.d_res_low                        27.62 
# 
loop_
_refine_ls_restr.type 
_refine_ls_restr.dev_ideal 
_refine_ls_restr.dev_ideal_target 
_refine_ls_restr.weight 
_refine_ls_restr.number 
_refine_ls_restr.pdbx_restraint_function 
_refine_ls_restr.pdbx_refine_id 
r_bond_refined_d       0.018  0.019  ? 1538 ? 'X-RAY DIFFRACTION' 
r_bond_other_d         0.000  0.020  ? 1486 ? 'X-RAY DIFFRACTION' 
r_angle_refined_deg    1.668  1.986  ? 2080 ? 'X-RAY DIFFRACTION' 
r_angle_other_deg      3.647  3.000  ? 3400 ? 'X-RAY DIFFRACTION' 
r_dihedral_angle_1_deg 4.991  5.000  ? 193  ? 'X-RAY DIFFRACTION' 
r_dihedral_angle_2_deg 35.467 23.030 ? 66   ? 'X-RAY DIFFRACTION' 
r_dihedral_angle_3_deg 15.122 15.000 ? 244  ? 'X-RAY DIFFRACTION' 
r_dihedral_angle_4_deg 11.112 15.000 ? 12   ? 'X-RAY DIFFRACTION' 
r_chiral_restr         0.109  0.200  ? 227  ? 'X-RAY DIFFRACTION' 
r_gen_planes_refined   0.006  0.021  ? 1763 ? 'X-RAY DIFFRACTION' 
r_gen_planes_other     0.008  0.020  ? 371  ? 'X-RAY DIFFRACTION' 
r_mcbond_it            1.479  2.399  ? 778  ? 'X-RAY DIFFRACTION' 
r_mcbond_other         1.477  2.399  ? 778  ? 'X-RAY DIFFRACTION' 
r_mcangle_it           2.361  3.584  ? 969  ? 'X-RAY DIFFRACTION' 
r_mcangle_other        2.361  3.585  ? 970  ? 'X-RAY DIFFRACTION' 
r_scbond_it            2.171  2.769  ? 760  ? 'X-RAY DIFFRACTION' 
r_scbond_other         2.170  2.769  ? 760  ? 'X-RAY DIFFRACTION' 
r_scangle_other        3.542  4.029  ? 1112 ? 'X-RAY DIFFRACTION' 
r_long_range_B_refined 6.497  22.100 ? 1905 ? 'X-RAY DIFFRACTION' 
r_long_range_B_other   6.500  22.075 ? 1903 ? 'X-RAY DIFFRACTION' 
# 
_refine_ls_shell.pdbx_refine_id                   'X-RAY DIFFRACTION' 
_refine_ls_shell.pdbx_total_number_of_bins_used   20 
_refine_ls_shell.d_res_high                       1.770 
_refine_ls_shell.d_res_low                        1.816 
_refine_ls_shell.number_reflns_R_work             1348 
_refine_ls_shell.R_factor_R_work                  0.274 
_refine_ls_shell.percent_reflns_obs               100.00 
_refine_ls_shell.R_factor_R_free                  0.304 
_refine_ls_shell.R_factor_R_free_error            ? 
_refine_ls_shell.percent_reflns_R_free            ? 
_refine_ls_shell.number_reflns_R_free             87 
_refine_ls_shell.number_reflns_all                ? 
_refine_ls_shell.R_factor_all                     ? 
_refine_ls_shell.number_reflns_obs                ? 
_refine_ls_shell.redundancy_reflns_obs            ? 
# 
_struct.entry_id                  4QBK 
_struct.title                     
;Crystal structure of the complex of Peptidyl-tRNA hydrolase from Pseudomonas aeruginosa with amino acyl-tRNA analogue at 1.77 Angstrom resolution
;
_struct.pdbx_model_details        ? 
_struct.pdbx_CASP_flag            ? 
_struct.pdbx_model_type_details   ? 
# 
_struct_keywords.entry_id        4QBK 
_struct_keywords.pdbx_keywords   HYDROLASE 
_struct_keywords.text            'Pth, hydrolase' 
# 
loop_
_struct_asym.id 
_struct_asym.pdbx_blank_PDB_chainid_flag 
_struct_asym.pdbx_modified 
_struct_asym.entity_id 
_struct_asym.details 
A N N 1 ? 
B N N 2 ? 
C N N 3 ? 
D N N 4 ? 
# 
_struct_biol.id        1 
_struct_biol.details   ? 
# 
loop_
_struct_conf.conf_type_id 
_struct_conf.id 
_struct_conf.pdbx_PDB_helix_id 
_struct_conf.beg_label_comp_id 
_struct_conf.beg_label_asym_id 
_struct_conf.beg_label_seq_id 
_struct_conf.pdbx_beg_PDB_ins_code 
_struct_conf.end_label_comp_id 
_struct_conf.end_label_asym_id 
_struct_conf.end_label_seq_id 
_struct_conf.pdbx_end_PDB_ins_code 
_struct_conf.beg_auth_comp_id 
_struct_conf.beg_auth_asym_id 
_struct_conf.beg_auth_seq_id 
_struct_conf.end_auth_comp_id 
_struct_conf.end_auth_asym_id 
_struct_conf.end_auth_seq_id 
_struct_conf.pdbx_PDB_helix_class 
_struct_conf.details 
_struct_conf.pdbx_PDB_helix_length 
HELX_P HELX_P1  1  THR A 20  ? HIS A 22  ? THR A 20  HIS A 22  5 ? 3  
HELX_P HELX_P2  2  ASN A 23  ? GLY A 37  ? ASN A 23  GLY A 37  1 ? 15 
HELX_P HELX_P3  3  ARG A 44  ? TYR A 46  ? ARG A 44  TYR A 46  5 ? 3  
HELX_P HELX_P4  4  TYR A 68  ? ASN A 70  ? TYR A 68  ASN A 70  5 ? 3  
HELX_P HELX_P5  5  ARG A 71  ? ARG A 84  ? ARG A 71  ARG A 84  1 ? 14 
HELX_P HELX_P6  6  ALA A 86  ? ASP A 88  ? ALA A 86  ASP A 88  5 ? 3  
HELX_P HELX_P7  7  HIS A 115 ? LEU A 125 ? HIS A 115 LEU A 125 1 ? 11 
HELX_P HELX_P8  8  HIS A 143 ? SER A 145 ? HIS A 143 SER A 145 5 ? 3  
HELX_P HELX_P9  9  LEU A 146 ? LEU A 152 ? LEU A 146 LEU A 152 1 ? 7  
HELX_P HELX_P10 10 PRO A 156 ? VAL A 173 ? PRO A 156 VAL A 173 1 ? 18 
HELX_P HELX_P11 11 VAL A 173 ? GLY A 180 ? VAL A 173 GLY A 180 1 ? 8  
HELX_P HELX_P12 12 ASP A 181 ? SER A 191 ? ASP A 181 SER A 191 1 ? 11 
# 
_struct_conf_type.id          HELX_P 
_struct_conf_type.criteria    ? 
_struct_conf_type.reference   ? 
# 
_struct_sheet.id               A 
_struct_sheet.type             ? 
_struct_sheet.number_strands   7 
_struct_sheet.details          ? 
# 
loop_
_struct_sheet_order.sheet_id 
_struct_sheet_order.range_id_1 
_struct_sheet_order.range_id_2 
_struct_sheet_order.offset 
_struct_sheet_order.sense 
A 1 2 ? anti-parallel 
A 2 3 ? anti-parallel 
A 3 4 ? parallel      
A 4 5 ? parallel      
A 5 6 ? parallel      
A 6 7 ? anti-parallel 
# 
loop_
_struct_sheet_range.sheet_id 
_struct_sheet_range.id 
_struct_sheet_range.beg_label_comp_id 
_struct_sheet_range.beg_label_asym_id 
_struct_sheet_range.beg_label_seq_id 
_struct_sheet_range.pdbx_beg_PDB_ins_code 
_struct_sheet_range.end_label_comp_id 
_struct_sheet_range.end_label_asym_id 
_struct_sheet_range.end_label_seq_id 
_struct_sheet_range.pdbx_end_PDB_ins_code 
_struct_sheet_range.beg_auth_comp_id 
_struct_sheet_range.beg_auth_asym_id 
_struct_sheet_range.beg_auth_seq_id 
_struct_sheet_range.end_auth_comp_id 
_struct_sheet_range.end_auth_asym_id 
_struct_sheet_range.end_auth_seq_id 
A 1 VAL A 41  ? ASP A 43  ? VAL A 41  ASP A 43  
A 2 GLY A 48  ? HIS A 55  ? GLY A 48  HIS A 55  
A 3 LYS A 58  ? PRO A 65  ? LYS A 58  PRO A 65  
A 4 LEU A 6   ? GLY A 9   ? LEU A 6   GLY A 9   
A 5 ILE A 90  ? GLU A 96  ? ILE A 90  GLU A 96  
A 6 HIS A 132 ? GLY A 137 ? HIS A 132 GLY A 137 
A 7 ALA A 104 ? THR A 108 ? ALA A 104 THR A 108 
# 
loop_
_pdbx_struct_sheet_hbond.sheet_id 
_pdbx_struct_sheet_hbond.range_id_1 
_pdbx_struct_sheet_hbond.range_id_2 
_pdbx_struct_sheet_hbond.range_1_label_atom_id 
_pdbx_struct_sheet_hbond.range_1_label_comp_id 
_pdbx_struct_sheet_hbond.range_1_label_asym_id 
_pdbx_struct_sheet_hbond.range_1_label_seq_id 
_pdbx_struct_sheet_hbond.range_1_PDB_ins_code 
_pdbx_struct_sheet_hbond.range_1_auth_atom_id 
_pdbx_struct_sheet_hbond.range_1_auth_comp_id 
_pdbx_struct_sheet_hbond.range_1_auth_asym_id 
_pdbx_struct_sheet_hbond.range_1_auth_seq_id 
_pdbx_struct_sheet_hbond.range_2_label_atom_id 
_pdbx_struct_sheet_hbond.range_2_label_comp_id 
_pdbx_struct_sheet_hbond.range_2_label_asym_id 
_pdbx_struct_sheet_hbond.range_2_label_seq_id 
_pdbx_struct_sheet_hbond.range_2_PDB_ins_code 
_pdbx_struct_sheet_hbond.range_2_auth_atom_id 
_pdbx_struct_sheet_hbond.range_2_auth_comp_id 
_pdbx_struct_sheet_hbond.range_2_auth_asym_id 
_pdbx_struct_sheet_hbond.range_2_auth_seq_id 
A 1 2 N VAL A 41  ? N VAL A 41  O VAL A 50  ? O VAL A 50  
A 2 3 N PHE A 53  ? N PHE A 53  O VAL A 60  ? O VAL A 60  
A 3 4 O LEU A 63  ? O LEU A 63  N GLY A 9   ? N GLY A 9   
A 4 5 N VAL A 8   ? N VAL A 8   O ALA A 93  ? O ALA A 93  
A 5 6 N HIS A 94  ? N HIS A 94  O LEU A 136 ? O LEU A 136 
A 6 7 O ARG A 135 ? O ARG A 135 N LYS A 105 ? N LYS A 105 
# 
loop_
_struct_site.id 
_struct_site.pdbx_evidence_code 
_struct_site.pdbx_auth_asym_id 
_struct_site.pdbx_auth_comp_id 
_struct_site.pdbx_auth_seq_id 
_struct_site.pdbx_auth_ins_code 
_struct_site.pdbx_num_residues 
_struct_site.details 
AC1 Software A GOL 201 ? 8  'BINDING SITE FOR RESIDUE GOL A 201' 
AC2 Software A 3NZ 202 ? 20 'BINDING SITE FOR RESIDUE 3NZ A 202' 
# 
loop_
_struct_site_gen.id 
_struct_site_gen.site_id 
_struct_site_gen.pdbx_num_res 
_struct_site_gen.label_comp_id 
_struct_site_gen.label_asym_id 
_struct_site_gen.label_seq_id 
_struct_site_gen.pdbx_auth_ins_code 
_struct_site_gen.auth_comp_id 
_struct_site_gen.auth_asym_id 
_struct_site_gen.auth_seq_id 
_struct_site_gen.label_atom_id 
_struct_site_gen.label_alt_id 
_struct_site_gen.symmetry 
_struct_site_gen.details 
1  AC1 8  ASP A 95  ? ASP A 95  . ? 1_555 ? 
2  AC1 8  GLU A 96  ? GLU A 96  . ? 1_555 ? 
3  AC1 8  LEU A 97  ? LEU A 97  . ? 1_555 ? 
4  AC1 8  HIS A 112 ? HIS A 112 . ? 1_555 ? 
5  AC1 8  GLY A 113 ? GLY A 113 . ? 1_555 ? 
6  AC1 8  HIS A 115 ? HIS A 115 . ? 1_555 ? 
7  AC1 8  3NZ C .   ? 3NZ A 202 . ? 1_555 ? 
8  AC1 8  HOH D .   ? HOH A 423 . ? 1_555 ? 
9  AC2 20 ASN A 12  ? ASN A 12  . ? 1_555 ? 
10 AC2 20 TYR A 17  ? TYR A 17  . ? 1_555 ? 
11 AC2 20 HIS A 22  ? HIS A 22  . ? 1_555 ? 
12 AC2 20 MET A 69  ? MET A 69  . ? 1_555 ? 
13 AC2 20 ASN A 70  ? ASN A 70  . ? 1_555 ? 
14 AC2 20 LEU A 97  ? LEU A 97  . ? 1_555 ? 
15 AC2 20 GLY A 113 ? GLY A 113 . ? 1_555 ? 
16 AC2 20 GLY A 114 ? GLY A 114 . ? 1_555 ? 
17 AC2 20 ASN A 116 ? ASN A 116 . ? 1_555 ? 
18 AC2 20 SER A 148 ? SER A 148 . ? 1_555 ? 
19 AC2 20 VAL A 151 ? VAL A 151 . ? 1_555 ? 
20 AC2 20 LEU A 152 ? LEU A 152 . ? 1_555 ? 
21 AC2 20 ARG A 157 ? ARG A 157 . ? 6_555 ? 
22 AC2 20 SER A 158 ? SER A 158 . ? 6_555 ? 
23 AC2 20 GLU A 161 ? GLU A 161 . ? 6_555 ? 
24 AC2 20 GOL B .   ? GOL A 201 . ? 1_555 ? 
25 AC2 20 HOH D .   ? HOH A 308 . ? 1_555 ? 
26 AC2 20 HOH D .   ? HOH A 423 . ? 1_555 ? 
27 AC2 20 HOH D .   ? HOH A 479 . ? 1_555 ? 
28 AC2 20 HOH D .   ? HOH A 499 . ? 6_555 ? 
# 
_atom_sites.entry_id                    4QBK 
_atom_sites.fract_transf_matrix[1][1]   -0.00492859 
_atom_sites.fract_transf_matrix[1][2]   0.01680958 
_atom_sites.fract_transf_matrix[1][3]   -0.00334056 
_atom_sites.fract_transf_matrix[2][1]   0.00429878 
_atom_sites.fract_transf_matrix[2][2]   0.01299167 
_atom_sites.fract_transf_matrix[2][3]   0.01143473 
_atom_sites.fract_transf_matrix[3][1]   0.00542550 
_atom_sites.fract_transf_matrix[3][2]   0.00096707 
_atom_sites.fract_transf_matrix[3][3]   -0.00313841 
_atom_sites.fract_transf_vector[1]      0.290119 
_atom_sites.fract_transf_vector[2]      0.379558 
_atom_sites.fract_transf_vector[3]      0.036151 
# 
loop_
_atom_type.symbol 
C 
N 
O 
S 
# 
loop_
_atom_site.group_PDB 
_atom_site.id 
_atom_site.type_symbol 
_atom_site.label_atom_id 
_atom_site.label_alt_id 
_atom_site.label_comp_id 
_atom_site.label_asym_id 
_atom_site.label_entity_id 
_atom_site.label_seq_id 
_atom_site.pdbx_PDB_ins_code 
_atom_site.Cartn_x 
_atom_site.Cartn_y 
_atom_site.Cartn_z 
_atom_site.occupancy 
_atom_site.B_iso_or_equiv 
_atom_site.pdbx_formal_charge 
_atom_site.auth_seq_id 
_atom_site.auth_comp_id 
_atom_site.auth_asym_id 
_atom_site.auth_atom_id 
_atom_site.pdbx_PDB_model_num 
ATOM   1    N N     . MET A 1 1   ? 1.413   18.420  8.353   1.00 58.84 ? 1   MET A N     1 
ATOM   2    C CA    . MET A 1 1   ? 2.827   18.605  8.550   1.00 59.85 ? 1   MET A CA    1 
ATOM   3    C C     . MET A 1 1   ? 3.689   18.368  7.321   1.00 52.86 ? 1   MET A C     1 
ATOM   4    O O     . MET A 1 1   ? 4.137   19.294  6.715   1.00 53.36 ? 1   MET A O     1 
ATOM   5    C CB    . MET A 1 1   ? 3.268   17.688  9.627   1.00 67.41 ? 1   MET A CB    1 
ATOM   6    C CG    . MET A 1 1   ? 3.530   18.352  10.954  1.00 71.18 ? 1   MET A CG    1 
ATOM   7    S SD    . MET A 1 1   ? 3.479   16.935  12.052  1.00 82.61 ? 1   MET A SD    1 
ATOM   8    C CE    . MET A 1 1   ? 5.084   16.965  12.825  1.00 81.41 ? 1   MET A CE    1 
ATOM   9    N N     . THR A 1 2   ? 3.902   17.106  6.961   1.00 45.63 ? 2   THR A N     1 
ATOM   10   C CA    . THR A 1 2   ? 4.429   16.800  5.652   1.00 38.83 ? 2   THR A CA    1 
ATOM   11   C C     . THR A 1 2   ? 3.369   16.125  4.793   1.00 32.77 ? 2   THR A C     1 
ATOM   12   O O     . THR A 1 2   ? 2.959   15.040  5.071   1.00 31.72 ? 2   THR A O     1 
ATOM   13   C CB    . THR A 1 2   ? 5.606   15.836  5.720   1.00 41.53 ? 2   THR A CB    1 
ATOM   14   O OG1   . THR A 1 2   ? 6.595   16.336  6.606   1.00 42.47 ? 2   THR A OG1   1 
ATOM   15   C CG2   . THR A 1 2   ? 6.220   15.700  4.376   1.00 41.41 ? 2   THR A CG2   1 
ATOM   16   N N     . ALA A 1 3   ? 2.971   16.778  3.725   1.00 28.49 ? 3   ALA A N     1 
ATOM   17   C CA    . ALA A 1 3   ? 1.952   16.251  2.837   1.00 27.09 ? 3   ALA A CA    1 
ATOM   18   C C     . ALA A 1 3   ? 2.483   15.003  2.136   1.00 24.41 ? 3   ALA A C     1 
ATOM   19   O O     . ALA A 1 3   ? 3.645   14.953  1.765   1.00 23.71 ? 3   ALA A O     1 
ATOM   20   C CB    . ALA A 1 3   ? 1.563   17.298  1.803   1.00 27.96 ? 3   ALA A CB    1 
ATOM   21   N N     . VAL A 1 4   ? 1.644   13.999  1.978   1.00 23.65 ? 4   VAL A N     1 
ATOM   22   C CA    . VAL A 1 4   ? 2.001   12.837  1.191   1.00 22.79 ? 4   VAL A CA    1 
ATOM   23   C C     . VAL A 1 4   ? 2.084   13.185  -0.297  1.00 22.40 ? 4   VAL A C     1 
ATOM   24   O O     . VAL A 1 4   ? 1.203   13.759  -0.816  1.00 21.98 ? 4   VAL A O     1 
ATOM   25   C CB    . VAL A 1 4   ? 0.925   11.771  1.373   1.00 23.26 ? 4   VAL A CB    1 
ATOM   26   C CG1   . VAL A 1 4   ? 1.108   10.614  0.444   1.00 24.01 ? 4   VAL A CG1   1 
ATOM   27   C CG2   . VAL A 1 4   ? 0.941   11.272  2.784   1.00 23.34 ? 4   VAL A CG2   1 
ATOM   28   N N     . GLN A 1 5   ? 3.151   12.759  -0.954  1.00 23.07 ? 5   GLN A N     1 
ATOM   29   C CA    . GLN A 1 5   ? 3.317   12.987  -2.366  1.00 24.04 ? 5   GLN A CA    1 
ATOM   30   C C     . GLN A 1 5   ? 3.245   11.720  -3.209  1.00 21.65 ? 5   GLN A C     1 
ATOM   31   O O     . GLN A 1 5   ? 3.173   11.809  -4.370  1.00 21.12 ? 5   GLN A O     1 
ATOM   32   C CB    . GLN A 1 5   ? 4.661   13.610  -2.637  1.00 27.58 ? 5   GLN A CB    1 
ATOM   33   C CG    . GLN A 1 5   ? 4.846   15.015  -2.127  1.00 31.31 ? 5   GLN A CG    1 
ATOM   34   C CD    . GLN A 1 5   ? 6.297   15.438  -2.166  1.00 34.13 ? 5   GLN A CD    1 
ATOM   35   O OE1   . GLN A 1 5   ? 6.789   15.820  -3.181  1.00 37.91 ? 5   GLN A OE1   1 
ATOM   36   N NE2   . GLN A 1 5   ? 6.959   15.361  -1.057  1.00 37.28 ? 5   GLN A NE2   1 
ATOM   37   N N     . LEU A 1 6   ? 3.378   10.560  -2.574  1.00 20.71 ? 6   LEU A N     1 
ATOM   38   C CA    . LEU A 1 6   ? 3.329   9.271   -3.239  1.00 18.06 ? 6   LEU A CA    1 
ATOM   39   C C     . LEU A 1 6   ? 2.620   8.218   -2.399  1.00 17.75 ? 6   LEU A C     1 
ATOM   40   O O     . LEU A 1 6   ? 2.942   8.040   -1.275  1.00 17.57 ? 6   LEU A O     1 
ATOM   41   C CB    . LEU A 1 6   ? 4.737   8.819   -3.543  1.00 18.10 ? 6   LEU A CB    1 
ATOM   42   C CG    . LEU A 1 6   ? 4.967   7.441   -4.143  1.00 18.01 ? 6   LEU A CG    1 
ATOM   43   C CD1   . LEU A 1 6   ? 4.217   7.333   -5.435  1.00 18.83 ? 6   LEU A CD1   1 
ATOM   44   C CD2   . LEU A 1 6   ? 6.419   7.132   -4.358  1.00 19.02 ? 6   LEU A CD2   1 
ATOM   45   N N     . ILE A 1 7   ? 1.667   7.534   -2.997  1.00 16.65 ? 7   ILE A N     1 
ATOM   46   C CA    . ILE A 1 7   ? 0.965   6.435   -2.361  1.00 16.73 ? 7   ILE A CA    1 
ATOM   47   C C     . ILE A 1 7   ? 1.232   5.221   -3.229  1.00 17.14 ? 7   ILE A C     1 
ATOM   48   O O     . ILE A 1 7   ? 0.914   5.236   -4.417  1.00 16.85 ? 7   ILE A O     1 
ATOM   49   C CB    . ILE A 1 7   ? -0.541  6.698   -2.271  1.00 17.12 ? 7   ILE A CB    1 
ATOM   50   C CG1   . ILE A 1 7   ? -0.778  8.026   -1.537  1.00 17.90 ? 7   ILE A CG1   1 
ATOM   51   C CG2   . ILE A 1 7   ? -1.254  5.526   -1.601  1.00 16.63 ? 7   ILE A CG2   1 
ATOM   52   C CD1   . ILE A 1 7   ? -2.231  8.394   -1.364  1.00 18.45 ? 7   ILE A CD1   1 
ATOM   53   N N     . VAL A 1 8   ? 1.814   4.190   -2.628  1.00 17.20 ? 8   VAL A N     1 
ATOM   54   C CA    . VAL A 1 8   ? 2.222   2.985   -3.361  1.00 17.25 ? 8   VAL A CA    1 
ATOM   55   C C     . VAL A 1 8   ? 1.325   1.857   -2.946  1.00 16.61 ? 8   VAL A C     1 
ATOM   56   O O     . VAL A 1 8   ? 1.056   1.700   -1.759  1.00 16.68 ? 8   VAL A O     1 
ATOM   57   C CB    . VAL A 1 8   ? 3.669   2.593   -3.047  1.00 17.08 ? 8   VAL A CB    1 
ATOM   58   C CG1   . VAL A 1 8   ? 4.125   1.453   -3.961  1.00 18.08 ? 8   VAL A CG1   1 
ATOM   59   C CG2   . VAL A 1 8   ? 4.600   3.781   -3.171  1.00 17.70 ? 8   VAL A CG2   1 
ATOM   60   N N     . GLY A 1 9   ? 0.827   1.075   -3.900  1.00 15.61 ? 9   GLY A N     1 
ATOM   61   C CA    . GLY A 1 9   ? 0.037   -0.101  -3.550  1.00 15.71 ? 9   GLY A CA    1 
ATOM   62   C C     . GLY A 1 9   ? 0.722   -1.362  -4.033  1.00 16.26 ? 9   GLY A C     1 
ATOM   63   O O     . GLY A 1 9   ? 0.891   -1.550  -5.251  1.00 15.76 ? 9   GLY A O     1 
ATOM   64   N N     . LEU A 1 10  ? 1.112   -2.211  -3.093  1.00 15.75 ? 10  LEU A N     1 
ATOM   65   C CA    . LEU A 1 10  ? 1.904   -3.409  -3.393  1.00 17.65 ? 10  LEU A CA    1 
ATOM   66   C C     . LEU A 1 10  ? 1.122   -4.631  -3.909  1.00 17.31 ? 10  LEU A C     1 
ATOM   67   O O     . LEU A 1 10  ? 0.009   -4.926  -3.492  1.00 16.90 ? 10  LEU A O     1 
ATOM   68   C CB    . LEU A 1 10  ? 2.746   -3.802  -2.165  1.00 17.79 ? 10  LEU A CB    1 
ATOM   69   C CG    . LEU A 1 10  ? 3.678   -2.687  -1.666  1.00 19.23 ? 10  LEU A CG    1 
ATOM   70   C CD1   . LEU A 1 10  ? 4.557   -3.188  -0.533  1.00 18.96 ? 10  LEU A CD1   1 
ATOM   71   C CD2   . LEU A 1 10  ? 4.525   -2.124  -2.799  1.00 20.37 ? 10  LEU A CD2   1 
ATOM   72   N N     . GLY A 1 11  ? 1.725   -5.348  -4.839  1.00 16.36 ? 11  GLY A N     1 
ATOM   73   C CA    . GLY A 1 11  ? 1.053   -6.472  -5.423  1.00 17.84 ? 11  GLY A CA    1 
ATOM   74   C C     . GLY A 1 11  ? 1.925   -7.122  -6.453  1.00 19.82 ? 11  GLY A C     1 
ATOM   75   O O     . GLY A 1 11  ? 3.009   -6.621  -6.748  1.00 19.46 ? 11  GLY A O     1 
ATOM   76   N N     . ASN A 1 12  ? 1.459   -8.262  -6.952  1.00 19.75 ? 12  ASN A N     1 
ATOM   77   C CA    . ASN A 1 12  ? 2.115   -8.950  -8.053  1.00 21.20 ? 12  ASN A CA    1 
ATOM   78   C C     . ASN A 1 12  ? 1.330   -8.720  -9.317  1.00 22.52 ? 12  ASN A C     1 
ATOM   79   O O     . ASN A 1 12  ? 0.102   -8.574  -9.260  1.00 23.18 ? 12  ASN A O     1 
ATOM   80   C CB    . ASN A 1 12  ? 2.211   -10.443 -7.782  1.00 21.82 ? 12  ASN A CB    1 
ATOM   81   C CG    . ASN A 1 12  ? 3.334   -10.790 -6.832  1.00 23.11 ? 12  ASN A CG    1 
ATOM   82   O OD1   . ASN A 1 12  ? 4.488   -10.365 -7.019  1.00 22.62 ? 12  ASN A OD1   1 
ATOM   83   N ND2   . ASN A 1 12  ? 3.013   -11.561 -5.811  1.00 22.57 ? 12  ASN A ND2   1 
ATOM   84   N N     . PRO A 1 13  ? 2.024   -8.695  -10.465 1.00 24.08 ? 13  PRO A N     1 
ATOM   85   C CA    . PRO A 1 13  ? 1.377   -8.444  -11.747 1.00 24.75 ? 13  PRO A CA    1 
ATOM   86   C C     . PRO A 1 13  ? 0.709   -9.684  -12.375 1.00 24.55 ? 13  PRO A C     1 
ATOM   87   O O     . PRO A 1 13  ? 1.075   -10.811 -12.088 1.00 24.44 ? 13  PRO A O     1 
ATOM   88   C CB    . PRO A 1 13  ? 2.543   -7.961  -12.625 1.00 24.63 ? 13  PRO A CB    1 
ATOM   89   C CG    . PRO A 1 13  ? 3.712   -8.684  -12.096 1.00 24.73 ? 13  PRO A CG    1 
ATOM   90   C CD    . PRO A 1 13  ? 3.493   -8.789  -10.607 1.00 25.21 ? 13  PRO A CD    1 
ATOM   91   N N     . GLY A 1 14  ? -0.284  -9.453  -13.213 1.00 28.37 ? 14  GLY A N     1 
ATOM   92   C CA    . GLY A 1 14  ? -0.852  -10.529 -14.022 1.00 28.91 ? 14  GLY A CA    1 
ATOM   93   C C     . GLY A 1 14  ? -2.110  -11.130 -13.442 1.00 31.34 ? 14  GLY A C     1 
ATOM   94   O O     . GLY A 1 14  ? -2.407  -10.962 -12.247 1.00 29.56 ? 14  GLY A O     1 
ATOM   95   N N     . PRO A 1 15  ? -2.844  -11.830 -14.267 1.00 33.73 ? 15  PRO A N     1 
ATOM   96   C CA    . PRO A 1 15  ? -4.122  -12.359 -13.825 1.00 34.98 ? 15  PRO A CA    1 
ATOM   97   C C     . PRO A 1 15  ? -4.020  -13.395 -12.707 1.00 34.14 ? 15  PRO A C     1 
ATOM   98   O O     . PRO A 1 15  ? -4.921  -13.531 -11.955 1.00 35.51 ? 15  PRO A O     1 
ATOM   99   C CB    . PRO A 1 15  ? -4.711  -12.949 -15.096 1.00 36.27 ? 15  PRO A CB    1 
ATOM   100  C CG    . PRO A 1 15  ? -4.055  -12.209 -16.191 1.00 35.64 ? 15  PRO A CG    1 
ATOM   101  C CD    . PRO A 1 15  ? -2.653  -12.070 -15.704 1.00 35.28 ? 15  PRO A CD    1 
ATOM   102  N N     . GLU A 1 16  ? -2.943  -14.150 -12.659 1.00 35.97 ? 16  GLU A N     1 
ATOM   103  C CA    . GLU A 1 16  ? -2.778  -15.197 -11.686 1.00 37.13 ? 16  GLU A CA    1 
ATOM   104  C C     . GLU A 1 16  ? -2.797  -14.619 -10.266 1.00 34.49 ? 16  GLU A C     1 
ATOM   105  O O     . GLU A 1 16  ? -3.254  -15.225 -9.362  1.00 33.79 ? 16  GLU A O     1 
ATOM   106  C CB    . GLU A 1 16  ? -1.501  -16.018 -11.901 1.00 41.41 ? 16  GLU A CB    1 
ATOM   107  C CG    . GLU A 1 16  ? -0.350  -15.296 -12.579 1.00 46.82 ? 16  GLU A CG    1 
ATOM   108  C CD    . GLU A 1 16  ? 0.892   -16.151 -12.859 1.00 50.74 ? 16  GLU A CD    1 
ATOM   109  O OE1   . GLU A 1 16  ? 0.824   -17.369 -12.972 1.00 58.02 ? 16  GLU A OE1   1 
ATOM   110  O OE2   . GLU A 1 16  ? 1.974   -15.587 -13.003 1.00 54.84 ? 16  GLU A OE2   1 
ATOM   111  N N     . TYR A 1 17  ? -2.265  -13.426 -10.106 1.00 30.55 ? 17  TYR A N     1 
ATOM   112  C CA    . TYR A 1 17  ? -2.084  -12.838 -8.795  1.00 28.79 ? 17  TYR A CA    1 
ATOM   113  C C     . TYR A 1 17  ? -3.154  -11.812 -8.436  1.00 29.12 ? 17  TYR A C     1 
ATOM   114  O O     . TYR A 1 17  ? -3.235  -11.342 -7.353  1.00 28.94 ? 17  TYR A O     1 
ATOM   115  C CB    . TYR A 1 17  ? -0.681  -12.280 -8.677  1.00 28.05 ? 17  TYR A CB    1 
ATOM   116  C CG    . TYR A 1 17  ? 0.420   -13.282 -8.800  1.00 28.96 ? 17  TYR A CG    1 
ATOM   117  C CD1   . TYR A 1 17  ? 0.634   -14.218 -7.842  1.00 31.43 ? 17  TYR A CD1   1 
ATOM   118  C CD2   . TYR A 1 17  ? 1.261   -13.274 -9.866  1.00 30.77 ? 17  TYR A CD2   1 
ATOM   119  C CE1   . TYR A 1 17  ? 1.657   -15.114 -7.935  1.00 31.87 ? 17  TYR A CE1   1 
ATOM   120  C CE2   . TYR A 1 17  ? 2.267   -14.179 -9.965  1.00 31.90 ? 17  TYR A CE2   1 
ATOM   121  C CZ    . TYR A 1 17  ? 2.454   -15.085 -8.997  1.00 32.68 ? 17  TYR A CZ    1 
ATOM   122  O OH    . TYR A 1 17  ? 3.440   -15.968 -9.102  1.00 36.31 ? 17  TYR A OH    1 
ATOM   123  N N     . ASP A 1 18  ? -3.988  -11.479 -9.379  1.00 30.36 ? 18  ASP A N     1 
ATOM   124  C CA    . ASP A 1 18  ? -5.067  -10.591 -9.129  1.00 31.67 ? 18  ASP A CA    1 
ATOM   125  C C     . ASP A 1 18  ? -6.086  -11.211 -8.148  1.00 30.56 ? 18  ASP A C     1 
ATOM   126  O O     . ASP A 1 18  ? -6.357  -12.373 -8.170  1.00 30.01 ? 18  ASP A O     1 
ATOM   127  C CB    . ASP A 1 18  ? -5.712  -10.282 -10.476 1.00 34.74 ? 18  ASP A CB    1 
ATOM   128  C CG    . ASP A 1 18  ? -6.646  -9.125  -10.440 1.00 34.07 ? 18  ASP A CG    1 
ATOM   129  O OD1   . ASP A 1 18  ? -6.367  -8.080  -9.875  1.00 37.29 ? 18  ASP A OD1   1 
ATOM   130  O OD2   . ASP A 1 18  ? -7.683  -9.268  -11.020 1.00 36.90 ? 18  ASP A OD2   1 
ATOM   131  N N     . GLN A 1 19  ? -6.519  -10.432 -7.203  1.00 31.97 ? 19  GLN A N     1 
ATOM   132  C CA    . GLN A 1 19  ? -7.445  -10.935 -6.232  1.00 31.22 ? 19  GLN A CA    1 
ATOM   133  C C     . GLN A 1 19  ? -6.773  -11.799 -5.178  1.00 26.41 ? 19  GLN A C     1 
ATOM   134  O O     . GLN A 1 19  ? -7.444  -12.320 -4.334  1.00 24.73 ? 19  GLN A O     1 
ATOM   135  C CB    . GLN A 1 19  ? -8.485  -11.801 -6.912  1.00 38.45 ? 19  GLN A CB    1 
ATOM   136  C CG    . GLN A 1 19  ? -9.616  -11.096 -7.620  1.00 43.84 ? 19  GLN A CG    1 
ATOM   137  C CD    . GLN A 1 19  ? -10.811 -12.032 -7.765  1.00 49.82 ? 19  GLN A CD    1 
ATOM   138  O OE1   . GLN A 1 19  ? -10.734 -13.044 -8.441  1.00 53.58 ? 19  GLN A OE1   1 
ATOM   139  N NE2   . GLN A 1 19  ? -11.893 -11.719 -7.089  1.00 52.92 ? 19  GLN A NE2   1 
ATOM   140  N N     . THR A 1 20  ? -5.465  -11.974 -5.238  1.00 21.57 ? 20  THR A N     1 
ATOM   141  C CA    . THR A 1 20  ? -4.771  -12.690 -4.145  1.00 19.89 ? 20  THR A CA    1 
ATOM   142  C C     . THR A 1 20  ? -4.493  -11.756 -2.965  1.00 18.33 ? 20  THR A C     1 
ATOM   143  O O     . THR A 1 20  ? -4.480  -10.529 -3.111  1.00 17.88 ? 20  THR A O     1 
ATOM   144  C CB    . THR A 1 20  ? -3.470  -13.363 -4.608  1.00 20.59 ? 20  THR A CB    1 
ATOM   145  O OG1   . THR A 1 20  ? -2.514  -12.376 -5.023  1.00 19.55 ? 20  THR A OG1   1 
ATOM   146  C CG2   . THR A 1 20  ? -3.753  -14.350 -5.735  1.00 20.84 ? 20  THR A CG2   1 
ATOM   147  N N     . ARG A 1 21  ? -4.303  -12.338 -1.782  1.00 17.85 ? 21  ARG A N     1 
ATOM   148  C CA    . ARG A 1 21  ? -4.112  -11.562 -0.562  1.00 17.04 ? 21  ARG A CA    1 
ATOM   149  C C     . ARG A 1 21  ? -2.929  -10.605 -0.642  1.00 16.45 ? 21  ARG A C     1 
ATOM   150  O O     . ARG A 1 21  ? -2.984  -9.492  -0.129  1.00 15.56 ? 21  ARG A O     1 
ATOM   151  C CB    . ARG A 1 21  ? -3.929  -12.500 0.640   1.00 17.61 ? 21  ARG A CB    1 
ATOM   152  C CG    . ARG A 1 21  ? -5.160  -13.343 0.966   1.00 17.82 ? 21  ARG A CG    1 
ATOM   153  C CD    . ARG A 1 21  ? -4.868  -14.133 2.228   1.00 18.73 ? 21  ARG A CD    1 
ATOM   154  N NE    . ARG A 1 21  ? -5.986  -14.917 2.737   1.00 19.05 ? 21  ARG A NE    1 
ATOM   155  C CZ    . ARG A 1 21  ? -6.202  -16.211 2.503   1.00 19.60 ? 21  ARG A CZ    1 
ATOM   156  N NH1   . ARG A 1 21  ? -5.403  -16.944 1.729   1.00 20.54 ? 21  ARG A NH1   1 
ATOM   157  N NH2   . ARG A 1 21  ? -7.255  -16.797 3.042   1.00 21.96 ? 21  ARG A NH2   1 
ATOM   158  N N     . HIS A 1 22  ? -1.861  -11.019 -1.317  1.00 15.56 ? 22  HIS A N     1 
ATOM   159  C CA    . HIS A 1 22  ? -0.626  -10.235 -1.361  1.00 15.59 ? 22  HIS A CA    1 
ATOM   160  C C     . HIS A 1 22  ? -0.791  -9.002  -2.268  1.00 15.66 ? 22  HIS A C     1 
ATOM   161  O O     . HIS A 1 22  ? 0.106   -8.188  -2.358  1.00 15.89 ? 22  HIS A O     1 
ATOM   162  C CB    . HIS A 1 22  ? 0.525   -11.163 -1.837  1.00 16.53 ? 22  HIS A CB    1 
ATOM   163  C CG    . HIS A 1 22  ? 1.882   -10.861 -1.269  1.00 17.28 ? 22  HIS A CG    1 
ATOM   164  N ND1   . HIS A 1 22  ? 2.089   -10.415 0.018   1.00 18.07 ? 22  HIS A ND1   1 
ATOM   165  C CD2   . HIS A 1 22  ? 3.118   -11.031 -1.810  1.00 18.06 ? 22  HIS A CD2   1 
ATOM   166  C CE1   . HIS A 1 22  ? 3.390   -10.292 0.240   1.00 18.46 ? 22  HIS A CE1   1 
ATOM   167  N NE2   . HIS A 1 22  ? 4.034   -10.658 -0.856  1.00 18.27 ? 22  HIS A NE2   1 
ATOM   168  N N     . ASN A 1 23  ? -1.955  -8.861  -2.911  1.00 15.79 ? 23  ASN A N     1 
ATOM   169  C CA    . ASN A 1 23  ? -2.292  -7.688  -3.727  1.00 15.56 ? 23  ASN A CA    1 
ATOM   170  C C     . ASN A 1 23  ? -3.234  -6.701  -3.011  1.00 15.87 ? 23  ASN A C     1 
ATOM   171  O O     . ASN A 1 23  ? -3.723  -5.747  -3.638  1.00 14.86 ? 23  ASN A O     1 
ATOM   172  C CB    . ASN A 1 23  ? -2.916  -8.131  -5.059  1.00 16.66 ? 23  ASN A CB    1 
ATOM   173  C CG    . ASN A 1 23  ? -1.877  -8.575  -6.067  1.00 18.04 ? 23  ASN A CG    1 
ATOM   174  O OD1   . ASN A 1 23  ? -0.848  -9.148  -5.698  1.00 18.56 ? 23  ASN A OD1   1 
ATOM   175  N ND2   . ASN A 1 23  ? -2.103  -8.237  -7.340  1.00 21.13 ? 23  ASN A ND2   1 
ATOM   176  N N     . ALA A 1 24  ? -3.431  -6.881  -1.697  1.00 15.21 ? 24  ALA A N     1 
ATOM   177  C CA    . ALA A 1 24  ? -4.319  -5.970  -0.927  1.00 15.44 ? 24  ALA A CA    1 
ATOM   178  C C     . ALA A 1 24  ? -3.940  -4.512  -1.115  1.00 14.97 ? 24  ALA A C     1 
ATOM   179  O O     . ALA A 1 24  ? -4.794  -3.638  -1.274  1.00 15.26 ? 24  ALA A O     1 
ATOM   180  C CB    . ALA A 1 24  ? -4.260  -6.305  0.565   1.00 15.77 ? 24  ALA A CB    1 
ATOM   181  N N     . GLY A 1 25  ? -2.650  -4.218  -1.103  1.00 14.75 ? 25  GLY A N     1 
ATOM   182  C CA    . GLY A 1 25  ? -2.215  -2.824  -1.202  1.00 14.77 ? 25  GLY A CA    1 
ATOM   183  C C     . GLY A 1 25  ? -2.513  -2.230  -2.573  1.00 14.65 ? 25  GLY A C     1 
ATOM   184  O O     . GLY A 1 25  ? -2.977  -1.095  -2.696  1.00 14.15 ? 25  GLY A O     1 
ATOM   185  N N     . ALA A 1 26  ? -2.193  -2.996  -3.604  1.00 15.07 ? 26  ALA A N     1 
ATOM   186  C CA    . ALA A 1 26  ? -2.553  -2.631  -4.971  1.00 15.44 ? 26  ALA A CA    1 
ATOM   187  C C     . ALA A 1 26  ? -4.055  -2.377  -5.079  1.00 16.03 ? 26  ALA A C     1 
ATOM   188  O O     . ALA A 1 26  ? -4.481  -1.415  -5.733  1.00 16.78 ? 26  ALA A O     1 
ATOM   189  C CB    . ALA A 1 26  ? -2.144  -3.725  -5.938  1.00 15.89 ? 26  ALA A CB    1 
ATOM   190  N N     . LEU A 1 27  ? -4.854  -3.242  -4.461  1.00 15.88 ? 27  LEU A N     1 
ATOM   191  C CA    . LEU A 1 27  ? -6.309  -3.064  -4.490  1.00 16.27 ? 27  LEU A CA    1 
ATOM   192  C C     . LEU A 1 27  ? -6.728  -1.737  -3.857  1.00 16.49 ? 27  LEU A C     1 
ATOM   193  O O     . LEU A 1 27  ? -7.562  -1.018  -4.416  1.00 16.59 ? 27  LEU A O     1 
ATOM   194  C CB    . LEU A 1 27  ? -7.031  -4.230  -3.821  1.00 17.04 ? 27  LEU A CB    1 
ATOM   195  C CG    . LEU A 1 27  ? -8.569  -4.145  -3.811  1.00 17.57 ? 27  LEU A CG    1 
ATOM   196  C CD1   . LEU A 1 27  ? -9.138  -4.092  -5.218  1.00 18.42 ? 27  LEU A CD1   1 
ATOM   197  C CD2   . LEU A 1 27  ? -9.155  -5.311  -3.040  1.00 17.68 ? 27  LEU A CD2   1 
ATOM   198  N N     . PHE A 1 28  ? -6.145  -1.403  -2.703  1.00 15.45 ? 28  PHE A N     1 
ATOM   199  C CA    . PHE A 1 28  ? -6.395  -0.098  -2.083  1.00 15.44 ? 28  PHE A CA    1 
ATOM   200  C C     . PHE A 1 28  ? -6.115  1.040   -3.073  1.00 15.69 ? 28  PHE A C     1 
ATOM   201  O O     . PHE A 1 28  ? -6.945  1.908   -3.256  1.00 15.48 ? 28  PHE A O     1 
ATOM   202  C CB    . PHE A 1 28  ? -5.590  0.088   -0.790  1.00 15.28 ? 28  PHE A CB    1 
ATOM   203  C CG    . PHE A 1 28  ? -5.603  1.498   -0.278  1.00 15.26 ? 28  PHE A CG    1 
ATOM   204  C CD1   . PHE A 1 28  ? -6.683  1.957   0.456   1.00 15.52 ? 28  PHE A CD1   1 
ATOM   205  C CD2   . PHE A 1 28  ? -4.588  2.367   -0.573  1.00 14.97 ? 28  PHE A CD2   1 
ATOM   206  C CE1   . PHE A 1 28  ? -6.729  3.265   0.894   1.00 15.11 ? 28  PHE A CE1   1 
ATOM   207  C CE2   . PHE A 1 28  ? -4.618  3.670   -0.145  1.00 15.64 ? 28  PHE A CE2   1 
ATOM   208  C CZ    . PHE A 1 28  ? -5.692  4.125   0.600   1.00 15.40 ? 28  PHE A CZ    1 
ATOM   209  N N     . VAL A 1 29  ? -4.966  1.018   -3.740  1.00 15.06 ? 29  VAL A N     1 
ATOM   210  C CA    . VAL A 1 29  ? -4.610  2.117   -4.635  1.00 16.34 ? 29  VAL A CA    1 
ATOM   211  C C     . VAL A 1 29  ? -5.515  2.167   -5.882  1.00 16.56 ? 29  VAL A C     1 
ATOM   212  O O     . VAL A 1 29  ? -5.890  3.255   -6.338  1.00 17.35 ? 29  VAL A O     1 
ATOM   213  C CB    . VAL A 1 29  ? -3.117  2.064   -4.993  1.00 16.32 ? 29  VAL A CB    1 
ATOM   214  C CG1   . VAL A 1 29  ? -2.787  3.000   -6.144  1.00 16.71 ? 29  VAL A CG1   1 
ATOM   215  C CG2   . VAL A 1 29  ? -2.288  2.391   -3.750  1.00 16.74 ? 29  VAL A CG2   1 
ATOM   216  N N     . GLU A 1 30  ? -5.908  1.012   -6.375  1.00 17.30 ? 30  GLU A N     1 
ATOM   217  C CA    . GLU A 1 30  ? -6.872  0.955   -7.460  1.00 19.84 ? 30  GLU A CA    1 
ATOM   218  C C     . GLU A 1 30  ? -8.229  1.571   -7.033  1.00 20.14 ? 30  GLU A C     1 
ATOM   219  O O     . GLU A 1 30  ? -8.794  2.360   -7.712  1.00 19.62 ? 30  GLU A O     1 
ATOM   220  C CB    . GLU A 1 30  ? -7.059  -0.502  -7.900  1.00 21.96 ? 30  GLU A CB    1 
ATOM   221  C CG    . GLU A 1 30  ? -8.083  -0.680  -8.974  1.00 25.86 ? 30  GLU A CG    1 
ATOM   222  C CD    . GLU A 1 30  ? -8.232  -2.105  -9.468  1.00 29.02 ? 30  GLU A CD    1 
ATOM   223  O OE1   . GLU A 1 30  ? -7.449  -2.944  -9.147  1.00 30.23 ? 30  GLU A OE1   1 
ATOM   224  O OE2   . GLU A 1 30  ? -9.176  -2.351  -10.189 1.00 34.90 ? 30  GLU A OE2   1 
ATOM   225  N N     . ARG A 1 31  ? -8.689  1.226   -5.851  1.00 19.24 ? 31  ARG A N     1 
ATOM   226  C CA    . ARG A 1 31  ? -9.934  1.782   -5.319  1.00 20.39 ? 31  ARG A CA    1 
ATOM   227  C C     . ARG A 1 31  ? -9.823  3.289   -5.117  1.00 19.95 ? 31  ARG A C     1 
ATOM   228  O O     . ARG A 1 31  ? -10.763 4.039   -5.457  1.00 20.89 ? 31  ARG A O     1 
ATOM   229  C CB    . ARG A 1 31  ? -10.286 1.123   -3.984  1.00 21.75 ? 31  ARG A CB    1 
ATOM   230  C CG    . ARG A 1 31  ? -10.599 -0.349  -4.082  1.00 23.93 ? 31  ARG A CG    1 
ATOM   231  C CD    . ARG A 1 31  ? -12.065 -0.610  -4.265  1.00 25.86 ? 31  ARG A CD    1 
ATOM   232  N NE    . ARG A 1 31  ? -12.299 -2.013  -4.590  1.00 27.99 ? 31  ARG A NE    1 
ATOM   233  C CZ    . ARG A 1 31  ? -12.348 -3.011  -3.713  1.00 28.35 ? 31  ARG A CZ    1 
ATOM   234  N NH1   . ARG A 1 31  ? -12.190 -2.795  -2.418  1.00 29.58 ? 31  ARG A NH1   1 
ATOM   235  N NH2   . ARG A 1 31  ? -12.565 -4.253  -4.139  1.00 29.60 ? 31  ARG A NH2   1 
ATOM   236  N N     . LEU A 1 32  ? -8.687  3.728   -4.610  1.00 18.40 ? 32  LEU A N     1 
ATOM   237  C CA    . LEU A 1 32  ? -8.428  5.135   -4.443  1.00 19.65 ? 32  LEU A CA    1 
ATOM   238  C C     . LEU A 1 32  ? -8.412  5.900   -5.775  1.00 18.67 ? 32  LEU A C     1 
ATOM   239  O O     . LEU A 1 32  ? -9.019  6.918   -5.915  1.00 19.62 ? 32  LEU A O     1 
ATOM   240  C CB    . LEU A 1 32  ? -7.094  5.319   -3.756  1.00 20.43 ? 32  LEU A CB    1 
ATOM   241  C CG    . LEU A 1 32  ? -6.601  6.719   -3.487  1.00 22.28 ? 32  LEU A CG    1 
ATOM   242  C CD1   . LEU A 1 32  ? -7.673  7.577   -2.894  1.00 24.62 ? 32  LEU A CD1   1 
ATOM   243  C CD2   . LEU A 1 32  ? -5.399  6.716   -2.578  1.00 23.32 ? 32  LEU A CD2   1 
ATOM   244  N N     . ALA A 1 33  ? -7.726  5.345   -6.743  1.00 17.26 ? 33  ALA A N     1 
ATOM   245  C CA    . ALA A 1 33  ? -7.686  5.960   -8.078  1.00 18.44 ? 33  ALA A CA    1 
ATOM   246  C C     . ALA A 1 33  ? -9.092  6.079   -8.678  1.00 19.42 ? 33  ALA A C     1 
ATOM   247  O O     . ALA A 1 33  ? -9.460  7.118   -9.233  1.00 19.06 ? 33  ALA A O     1 
ATOM   248  C CB    . ALA A 1 33  ? -6.780  5.165   -9.001  1.00 18.50 ? 33  ALA A CB    1 
ATOM   249  N N     . HIS A 1 34  ? -9.882  5.029   -8.542  1.00 20.84 ? 34  HIS A N     1 
ATOM   250  C CA    . HIS A 1 34  ? -11.231 5.037   -9.063  1.00 23.14 ? 34  HIS A CA    1 
ATOM   251  C C     . HIS A 1 34  ? -12.094 6.064   -8.383  1.00 24.88 ? 34  HIS A C     1 
ATOM   252  O O     . HIS A 1 34  ? -12.732 6.886   -9.023  1.00 24.00 ? 34  HIS A O     1 
ATOM   253  C CB    . HIS A 1 34  ? -11.815 3.641   -8.930  1.00 25.10 ? 34  HIS A CB    1 
ATOM   254  C CG    . HIS A 1 34  ? -13.203 3.501   -9.460  1.00 28.29 ? 34  HIS A CG    1 
ATOM   255  N ND1   . HIS A 1 34  ? -13.462 3.271   -10.728 1.00 30.48 ? 34  HIS A ND1   1 
ATOM   256  C CD2   . HIS A 1 34  ? -14.407 3.551   -8.827  1.00 30.64 ? 34  HIS A CD2   1 
ATOM   257  C CE1   . HIS A 1 34  ? -14.772 3.195   -10.907 1.00 31.85 ? 34  HIS A CE1   1 
ATOM   258  N NE2   . HIS A 1 34  ? -15.345 3.368   -9.748  1.00 30.85 ? 34  HIS A NE2   1 
ATOM   259  N N     . ALA A 1 35  ? -12.045 6.096   -7.071  1.00 24.70 ? 35  ALA A N     1 
ATOM   260  C CA    . ALA A 1 35  ? -12.799 7.101   -6.323  1.00 27.05 ? 35  ALA A CA    1 
ATOM   261  C C     . ALA A 1 35  ? -12.380 8.548   -6.640  1.00 28.30 ? 35  ALA A C     1 
ATOM   262  O O     . ALA A 1 35  ? -13.232 9.452   -6.638  1.00 30.78 ? 35  ALA A O     1 
ATOM   263  C CB    . ALA A 1 35  ? -12.689 6.848   -4.832  1.00 27.50 ? 35  ALA A CB    1 
ATOM   264  N N     . GLN A 1 36  ? -11.113 8.773   -6.931  1.00 26.65 ? 36  GLN A N     1 
ATOM   265  C CA    . GLN A 1 36  ? -10.596 10.094  -7.248  1.00 27.40 ? 36  GLN A CA    1 
ATOM   266  C C     . GLN A 1 36  ? -10.637 10.441  -8.731  1.00 25.72 ? 36  GLN A C     1 
ATOM   267  O O     . GLN A 1 36  ? -10.224 11.505  -9.087  1.00 25.38 ? 36  GLN A O     1 
ATOM   268  C CB    . GLN A 1 36  ? -9.183  10.257  -6.753  1.00 29.55 ? 36  GLN A CB    1 
ATOM   269  C CG    . GLN A 1 36  ? -9.082  10.258  -5.258  1.00 33.61 ? 36  GLN A CG    1 
ATOM   270  C CD    . GLN A 1 36  ? -9.750  11.444  -4.660  1.00 36.65 ? 36  GLN A CD    1 
ATOM   271  O OE1   . GLN A 1 36  ? -9.346  12.551  -4.893  1.00 42.43 ? 36  GLN A OE1   1 
ATOM   272  N NE2   . GLN A 1 36  ? -10.816 11.225  -3.963  1.00 38.43 ? 36  GLN A NE2   1 
ATOM   273  N N     . GLY A 1 37  ? -11.117 9.537   -9.556  1.00 24.07 ? 37  GLY A N     1 
ATOM   274  C CA    . GLY A 1 37  ? -11.173 9.729   -11.012 1.00 24.75 ? 37  GLY A CA    1 
ATOM   275  C C     . GLY A 1 37  ? -9.805  9.822   -11.660 1.00 24.18 ? 37  GLY A C     1 
ATOM   276  O O     . GLY A 1 37  ? -9.619  10.560  -12.629 1.00 26.72 ? 37  GLY A O     1 
ATOM   277  N N     . VAL A 1 38  ? -8.847  9.071   -11.133 1.00 22.13 ? 38  VAL A N     1 
ATOM   278  C CA    . VAL A 1 38  ? -7.469  9.111   -11.602 1.00 23.51 ? 38  VAL A CA    1 
ATOM   279  C C     . VAL A 1 38  ? -7.160  7.912   -12.496 1.00 23.70 ? 38  VAL A C     1 
ATOM   280  O O     . VAL A 1 38  ? -7.369  6.769   -12.104 1.00 23.21 ? 38  VAL A O     1 
ATOM   281  C CB    . VAL A 1 38  ? -6.496  9.073   -10.409 1.00 22.94 ? 38  VAL A CB    1 
ATOM   282  C CG1   . VAL A 1 38  ? -5.050  9.040   -10.889 1.00 23.26 ? 38  VAL A CG1   1 
ATOM   283  C CG2   . VAL A 1 38  ? -6.757  10.253  -9.499  1.00 24.96 ? 38  VAL A CG2   1 
ATOM   284  N N     . SER A 1 39  ? -6.632  8.180   -13.686 1.00 24.70 ? 39  SER A N     1 
ATOM   285  C CA    . SER A 1 39  ? -6.154  7.121   -14.571 1.00 25.33 ? 39  SER A CA    1 
ATOM   286  C C     . SER A 1 39  ? -4.775  6.587   -14.146 1.00 24.60 ? 39  SER A C     1 
ATOM   287  O O     . SER A 1 39  ? -3.868  7.349   -13.863 1.00 25.80 ? 39  SER A O     1 
ATOM   288  C CB    . SER A 1 39  ? -6.051  7.661   -16.003 1.00 27.01 ? 39  SER A CB    1 
ATOM   289  O OG    . SER A 1 39  ? -7.238  8.333   -16.371 1.00 27.75 ? 39  SER A OG    1 
ATOM   290  N N     . LEU A 1 40  ? -4.610  5.273   -14.146 1.00 22.96 ? 40  LEU A N     1 
ATOM   291  C CA    . LEU A 1 40  ? -3.310  4.693   -13.897 1.00 22.09 ? 40  LEU A CA    1 
ATOM   292  C C     . LEU A 1 40  ? -2.648  4.325   -15.235 1.00 22.36 ? 40  LEU A C     1 
ATOM   293  O O     . LEU A 1 40  ? -3.135  3.441   -15.934 1.00 22.39 ? 40  LEU A O     1 
ATOM   294  C CB    . LEU A 1 40  ? -3.452  3.472   -13.014 1.00 23.02 ? 40  LEU A CB    1 
ATOM   295  C CG    . LEU A 1 40  ? -4.044  3.750   -11.631 1.00 23.33 ? 40  LEU A CG    1 
ATOM   296  C CD1   . LEU A 1 40  ? -4.250  2.445   -10.898 1.00 25.24 ? 40  LEU A CD1   1 
ATOM   297  C CD2   . LEU A 1 40  ? -3.125  4.650   -10.830 1.00 24.15 ? 40  LEU A CD2   1 
ATOM   298  N N     . VAL A 1 41  ? -1.566  5.031   -15.562 1.00 21.13 ? 41  VAL A N     1 
ATOM   299  C CA    . VAL A 1 41  ? -0.852  4.914   -16.842 1.00 21.46 ? 41  VAL A CA    1 
ATOM   300  C C     . VAL A 1 41  ? 0.318   3.956   -16.707 1.00 20.95 ? 41  VAL A C     1 
ATOM   301  O O     . VAL A 1 41  ? 1.119   4.040   -15.757 1.00 20.51 ? 41  VAL A O     1 
ATOM   302  C CB    . VAL A 1 41  ? -0.359  6.312   -17.318 1.00 22.34 ? 41  VAL A CB    1 
ATOM   303  C CG1   . VAL A 1 41  ? 0.553   6.225   -18.561 1.00 22.24 ? 41  VAL A CG1   1 
ATOM   304  C CG2   . VAL A 1 41  ? -1.553  7.209   -17.589 1.00 23.44 ? 41  VAL A CG2   1 
ATOM   305  N N     . ALA A 1 42  ? 0.437   3.034   -17.647 1.00 20.31 ? 42  ALA A N     1 
ATOM   306  C CA    . ALA A 1 42  ? 1.601   2.154   -17.683 1.00 21.89 ? 42  ALA A CA    1 
ATOM   307  C C     . ALA A 1 42  ? 2.819   2.949   -18.126 1.00 23.47 ? 42  ALA A C     1 
ATOM   308  O O     . ALA A 1 42  ? 2.821   3.514   -19.210 1.00 24.21 ? 42  ALA A O     1 
ATOM   309  C CB    . ALA A 1 42  ? 1.366   0.986   -18.614 1.00 23.35 ? 42  ALA A CB    1 
ATOM   310  N N     . ASP A 1 43  ? 3.851   2.986   -17.288 1.00 23.74 ? 43  ASP A N     1 
ATOM   311  C CA    . ASP A 1 43  ? 5.009   3.851   -17.533 1.00 24.96 ? 43  ASP A CA    1 
ATOM   312  C C     . ASP A 1 43  ? 6.250   3.065   -17.231 1.00 24.35 ? 43  ASP A C     1 
ATOM   313  O O     . ASP A 1 43  ? 6.574   2.797   -16.071 1.00 22.27 ? 43  ASP A O     1 
ATOM   314  C CB    . ASP A 1 43  ? 4.928   5.125   -16.691 1.00 26.21 ? 43  ASP A CB    1 
ATOM   315  C CG    . ASP A 1 43  ? 5.868   6.226   -17.183 1.00 28.16 ? 43  ASP A CG    1 
ATOM   316  O OD1   . ASP A 1 43  ? 6.917   5.915   -17.750 1.00 31.36 ? 43  ASP A OD1   1 
ATOM   317  O OD2   . ASP A 1 43  ? 5.546   7.405   -17.013 1.00 31.60 ? 43  ASP A OD2   1 
ATOM   318  N N     . ARG A 1 44  ? 6.938   2.635   -18.282 1.00 24.46 ? 44  ARG A N     1 
ATOM   319  C CA    . ARG A 1 44  ? 8.101   1.767   -18.100 1.00 27.92 ? 44  ARG A CA    1 
ATOM   320  C C     . ARG A 1 44  ? 9.239   2.305   -17.251 1.00 27.53 ? 44  ARG A C     1 
ATOM   321  O O     . ARG A 1 44  ? 9.933   1.517   -16.613 1.00 28.96 ? 44  ARG A O     1 
ATOM   322  C CB    . ARG A 1 44  ? 8.697   1.360   -19.439 1.00 30.22 ? 44  ARG A CB    1 
ATOM   323  C CG    . ARG A 1 44  ? 8.060   0.114   -19.994 1.00 33.30 ? 44  ARG A CG    1 
ATOM   324  C CD    . ARG A 1 44  ? 8.897   -0.428  -21.115 1.00 34.81 ? 44  ARG A CD    1 
ATOM   325  N NE    . ARG A 1 44  ? 8.194   -1.513  -21.762 1.00 35.51 ? 44  ARG A NE    1 
ATOM   326  C CZ    . ARG A 1 44  ? 8.337   -2.798  -21.463 1.00 35.78 ? 44  ARG A CZ    1 
ATOM   327  N NH1   . ARG A 1 44  ? 9.139   -3.202  -20.478 1.00 34.60 ? 44  ARG A NH1   1 
ATOM   328  N NH2   . ARG A 1 44  ? 7.645   -3.682  -22.154 1.00 36.53 ? 44  ARG A NH2   1 
ATOM   329  N N     . LYS A 1 45  ? 9.377   3.616   -17.238 1.00 29.37 ? 45  LYS A N     1 
ATOM   330  C CA    . LYS A 1 45  ? 10.402  4.389   -16.545 1.00 32.65 ? 45  LYS A CA    1 
ATOM   331  C C     . LYS A 1 45  ? 10.316  4.106   -15.054 1.00 30.11 ? 45  LYS A C     1 
ATOM   332  O O     . LYS A 1 45  ? 11.266  4.033   -14.362 1.00 28.39 ? 45  LYS A O     1 
ATOM   333  C CB    . LYS A 1 45  ? 10.070  5.887   -16.651 1.00 38.33 ? 45  LYS A CB    1 
ATOM   334  C CG    . LYS A 1 45  ? 10.269  6.649   -17.942 1.00 41.41 ? 45  LYS A CG    1 
ATOM   335  C CD    . LYS A 1 45  ? 9.457   6.109   -19.094 1.00 45.85 ? 45  LYS A CD    1 
ATOM   336  C CE    . LYS A 1 45  ? 8.527   7.109   -19.722 1.00 48.82 ? 45  LYS A CE    1 
ATOM   337  N NZ    . LYS A 1 45  ? 7.509   6.377   -20.489 1.00 49.59 ? 45  LYS A NZ    1 
ATOM   338  N N     . TYR A 1 46  ? 9.089   4.009   -14.591 1.00 27.34 ? 46  TYR A N     1 
ATOM   339  C CA    . TYR A 1 46  ? 8.766   3.780   -13.180 1.00 25.83 ? 46  TYR A CA    1 
ATOM   340  C C     . TYR A 1 46  ? 8.382   2.335   -12.855 1.00 24.07 ? 46  TYR A C     1 
ATOM   341  O O     . TYR A 1 46  ? 7.965   2.032   -11.739 1.00 24.58 ? 46  TYR A O     1 
ATOM   342  C CB    . TYR A 1 46  ? 7.689   4.761   -12.760 1.00 25.72 ? 46  TYR A CB    1 
ATOM   343  C CG    . TYR A 1 46  ? 8.077   6.184   -13.079 1.00 26.49 ? 46  TYR A CG    1 
ATOM   344  C CD1   . TYR A 1 46  ? 9.234   6.748   -12.532 1.00 26.75 ? 46  TYR A CD1   1 
ATOM   345  C CD2   . TYR A 1 46  ? 7.316   6.959   -13.947 1.00 26.58 ? 46  TYR A CD2   1 
ATOM   346  C CE1   . TYR A 1 46  ? 9.594   8.048   -12.813 1.00 27.20 ? 46  TYR A CE1   1 
ATOM   347  C CE2   . TYR A 1 46  ? 7.675   8.262   -14.246 1.00 28.24 ? 46  TYR A CE2   1 
ATOM   348  C CZ    . TYR A 1 46  ? 8.823   8.802   -13.671 1.00 28.45 ? 46  TYR A CZ    1 
ATOM   349  O OH    . TYR A 1 46  ? 9.191   10.093  -13.953 1.00 30.77 ? 46  TYR A OH    1 
ATOM   350  N N     . PHE A 1 47  ? 8.495   1.457   -13.822 1.00 22.95 ? 47  PHE A N     1 
ATOM   351  C CA    . PHE A 1 47  ? 8.298   0.055   -13.620 1.00 22.02 ? 47  PHE A CA    1 
ATOM   352  C C     . PHE A 1 47  ? 6.936   -0.218  -12.974 1.00 20.95 ? 47  PHE A C     1 
ATOM   353  O O     . PHE A 1 47  ? 6.822   -1.060  -12.140 1.00 20.52 ? 47  PHE A O     1 
ATOM   354  C CB    . PHE A 1 47  ? 9.391   -0.534  -12.766 1.00 23.77 ? 47  PHE A CB    1 
ATOM   355  C CG    . PHE A 1 47  ? 10.747  -0.281  -13.297 1.00 26.07 ? 47  PHE A CG    1 
ATOM   356  C CD1   . PHE A 1 47  ? 11.118  -0.840  -14.467 1.00 29.13 ? 47  PHE A CD1   1 
ATOM   357  C CD2   . PHE A 1 47  ? 11.607  0.569   -12.665 1.00 28.80 ? 47  PHE A CD2   1 
ATOM   358  C CE1   . PHE A 1 47  ? 12.359  -0.588  -14.993 1.00 31.29 ? 47  PHE A CE1   1 
ATOM   359  C CE2   . PHE A 1 47  ? 12.851  0.839   -13.188 1.00 29.70 ? 47  PHE A CE2   1 
ATOM   360  C CZ    . PHE A 1 47  ? 13.221  0.246   -14.345 1.00 30.19 ? 47  PHE A CZ    1 
ATOM   361  N N     . GLY A 1 48  ? 5.918   0.484   -13.402 1.00 20.42 ? 48  GLY A N     1 
ATOM   362  C CA    . GLY A 1 48  ? 4.563   0.268   -12.884 1.00 20.06 ? 48  GLY A CA    1 
ATOM   363  C C     . GLY A 1 48  ? 3.496   1.112   -13.523 1.00 19.96 ? 48  GLY A C     1 
ATOM   364  O O     . GLY A 1 48  ? 3.681   1.683   -14.608 1.00 21.06 ? 48  GLY A O     1 
ATOM   365  N N     . LEU A 1 49  ? 2.364   1.168   -12.842 1.00 18.28 ? 49  LEU A N     1 
ATOM   366  C CA    . LEU A 1 49  ? 1.240   1.975   -13.221 1.00 18.44 ? 49  LEU A CA    1 
ATOM   367  C C     . LEU A 1 49  ? 1.235   3.219   -12.364 1.00 19.11 ? 49  LEU A C     1 
ATOM   368  O O     . LEU A 1 49  ? 1.265   3.136   -11.184 1.00 17.43 ? 49  LEU A O     1 
ATOM   369  C CB    . LEU A 1 49  ? -0.072  1.261   -12.976 1.00 18.43 ? 49  LEU A CB    1 
ATOM   370  C CG    . LEU A 1 49  ? -0.224  -0.128  -13.569 1.00 19.45 ? 49  LEU A CG    1 
ATOM   371  C CD1   . LEU A 1 49  ? -1.580  -0.680  -13.235 1.00 19.10 ? 49  LEU A CD1   1 
ATOM   372  C CD2   . LEU A 1 49  ? -0.104  -0.018  -15.067 1.00 20.54 ? 49  LEU A CD2   1 
ATOM   373  N N     . VAL A 1 50  ? 1.211   4.353   -13.013 1.00 18.94 ? 50  VAL A N     1 
ATOM   374  C CA    . VAL A 1 50  ? 1.360   5.638   -12.332 1.00 20.74 ? 50  VAL A CA    1 
ATOM   375  C C     . VAL A 1 50  ? 0.182   6.556   -12.618 1.00 21.75 ? 50  VAL A C     1 
ATOM   376  O O     . VAL A 1 50  ? -0.248  6.730   -13.769 1.00 22.73 ? 50  VAL A O     1 
ATOM   377  C CB    . VAL A 1 50  ? 2.652   6.358   -12.767 1.00 21.62 ? 50  VAL A CB    1 
ATOM   378  C CG1   . VAL A 1 50  ? 2.813   7.670   -12.004 1.00 22.92 ? 50  VAL A CG1   1 
ATOM   379  C CG2   . VAL A 1 50  ? 3.835   5.449   -12.561 1.00 22.83 ? 50  VAL A CG2   1 
ATOM   380  N N     . GLY A 1 51  ? -0.317  7.173   -11.565 1.00 20.70 ? 51  GLY A N     1 
ATOM   381  C CA    . GLY A 1 51  ? -1.407  8.104   -11.649 1.00 22.01 ? 51  GLY A CA    1 
ATOM   382  C C     . GLY A 1 51  ? -1.031  9.371   -10.922 1.00 21.79 ? 51  GLY A C     1 
ATOM   383  O O     . GLY A 1 51  ? -0.143  9.375   -10.077 1.00 20.96 ? 51  GLY A O     1 
ATOM   384  N N     . LYS A 1 52  ? -1.661  10.449  -11.286 1.00 23.74 ? 52  LYS A N     1 
ATOM   385  C CA    . LYS A 1 52  ? -1.387  11.685  -10.637 1.00 26.28 ? 52  LYS A CA    1 
ATOM   386  C C     . LYS A 1 52  ? -2.642  12.512  -10.462 1.00 27.00 ? 52  LYS A C     1 
ATOM   387  O O     . LYS A 1 52  ? -3.436  12.578  -11.327 1.00 25.78 ? 52  LYS A O     1 
ATOM   388  C CB    . LYS A 1 52  ? -0.366  12.450  -11.456 1.00 29.57 ? 52  LYS A CB    1 
ATOM   389  C CG    . LYS A 1 52  ? -0.095  13.832  -10.962 1.00 32.44 ? 52  LYS A CG    1 
ATOM   390  C CD    . LYS A 1 52  ? 1.016   14.463  -11.731 1.00 36.36 ? 52  LYS A CD    1 
ATOM   391  C CE    . LYS A 1 52  ? 0.547   15.037  -13.033 1.00 38.77 ? 52  LYS A CE    1 
ATOM   392  N NZ    . LYS A 1 52  ? -0.083  16.343  -12.808 1.00 42.17 ? 52  LYS A NZ    1 
ATOM   393  N N     . PHE A 1 53  ? -2.756  13.180  -9.341  1.00 25.70 ? 53  PHE A N     1 
ATOM   394  C CA    . PHE A 1 53  ? -3.806  14.154  -9.147  1.00 27.56 ? 53  PHE A CA    1 
ATOM   395  C C     . PHE A 1 53  ? -3.311  15.274  -8.253  1.00 28.73 ? 53  PHE A C     1 
ATOM   396  O O     . PHE A 1 53  ? -2.224  15.180  -7.665  1.00 29.49 ? 53  PHE A O     1 
ATOM   397  C CB    . PHE A 1 53  ? -5.065  13.495  -8.595  1.00 27.42 ? 53  PHE A CB    1 
ATOM   398  C CG    . PHE A 1 53  ? -4.927  12.987  -7.197  1.00 28.05 ? 53  PHE A CG    1 
ATOM   399  C CD1   . PHE A 1 53  ? -4.304  11.776  -6.941  1.00 27.23 ? 53  PHE A CD1   1 
ATOM   400  C CD2   . PHE A 1 53  ? -5.448  13.708  -6.133  1.00 27.84 ? 53  PHE A CD2   1 
ATOM   401  C CE1   . PHE A 1 53  ? -4.186  11.301  -5.643  1.00 25.81 ? 53  PHE A CE1   1 
ATOM   402  C CE2   . PHE A 1 53  ? -5.329  13.235  -4.838  1.00 27.85 ? 53  PHE A CE2   1 
ATOM   403  C CZ    . PHE A 1 53  ? -4.693  12.032  -4.597  1.00 25.64 ? 53  PHE A CZ    1 
ATOM   404  N N     . SER A 1 54  ? -4.099  16.327  -8.150  1.00 28.47 ? 54  SER A N     1 
ATOM   405  C CA    . SER A 1 54  ? -3.687  17.485  -7.424  1.00 29.95 ? 54  SER A CA    1 
ATOM   406  C C     . SER A 1 54  ? -4.445  17.606  -6.143  1.00 28.31 ? 54  SER A C     1 
ATOM   407  O O     . SER A 1 54  ? -5.598  17.340  -6.122  1.00 29.31 ? 54  SER A O     1 
ATOM   408  C CB    . SER A 1 54  ? -3.913  18.714  -8.294  1.00 32.24 ? 54  SER A CB    1 
ATOM   409  O OG    . SER A 1 54  ? -3.148  19.773  -7.850  1.00 36.90 ? 54  SER A OG    1 
ATOM   410  N N     . HIS A 1 55  ? -3.766  17.999  -5.082  1.00 27.58 ? 55  HIS A N     1 
ATOM   411  C CA    . HIS A 1 55  ? -4.402  18.195  -3.787  1.00 25.45 ? 55  HIS A CA    1 
ATOM   412  C C     . HIS A 1 55  ? -3.729  19.336  -3.061  1.00 25.11 ? 55  HIS A C     1 
ATOM   413  O O     . HIS A 1 55  ? -2.515  19.308  -2.799  1.00 22.57 ? 55  HIS A O     1 
ATOM   414  C CB    . HIS A 1 55  ? -4.324  16.931  -2.951  1.00 25.08 ? 55  HIS A CB    1 
ATOM   415  C CG    . HIS A 1 55  ? -5.035  17.035  -1.641  1.00 25.11 ? 55  HIS A CG    1 
ATOM   416  N ND1   . HIS A 1 55  ? -6.406  17.126  -1.540  1.00 25.24 ? 55  HIS A ND1   1 
ATOM   417  C CD2   . HIS A 1 55  ? -4.559  17.063  -0.376  1.00 24.73 ? 55  HIS A CD2   1 
ATOM   418  C CE1   . HIS A 1 55  ? -6.745  17.199  -0.266  1.00 25.01 ? 55  HIS A CE1   1 
ATOM   419  N NE2   . HIS A 1 55  ? -5.642  17.162  0.462   1.00 25.33 ? 55  HIS A NE2   1 
ATOM   420  N N     . GLN A 1 56  ? -4.520  20.353  -2.732  1.00 24.19 ? 56  GLN A N     1 
ATOM   421  C CA    . GLN A 1 56  ? -4.004  21.536  -2.070  1.00 24.26 ? 56  GLN A CA    1 
ATOM   422  C C     . GLN A 1 56  ? -2.801  22.130  -2.815  1.00 24.75 ? 56  GLN A C     1 
ATOM   423  O O     . GLN A 1 56  ? -1.825  22.566  -2.211  1.00 26.13 ? 56  GLN A O     1 
ATOM   424  C CB    . GLN A 1 56  ? -3.701  21.244  -0.593  1.00 24.13 ? 56  GLN A CB    1 
ATOM   425  C CG    . GLN A 1 56  ? -4.966  20.855  0.166   1.00 25.50 ? 56  GLN A CG    1 
ATOM   426  C CD    . GLN A 1 56  ? -4.774  20.571  1.645   1.00 27.59 ? 56  GLN A CD    1 
ATOM   427  O OE1   . GLN A 1 56  ? -3.679  20.725  2.193   1.00 30.39 ? 56  GLN A OE1   1 
ATOM   428  N NE2   . GLN A 1 56  ? -5.862  20.172  2.310   1.00 27.38 ? 56  GLN A NE2   1 
ATOM   429  N N     . GLY A 1 57  ? -2.886  22.139  -4.139  1.00 26.47 ? 57  GLY A N     1 
ATOM   430  C CA    . GLY A 1 57  ? -1.887  22.796  -4.969  1.00 27.36 ? 57  GLY A CA    1 
ATOM   431  C C     . GLY A 1 57  ? -0.609  21.999  -5.187  1.00 30.14 ? 57  GLY A C     1 
ATOM   432  O O     . GLY A 1 57  ? 0.356   22.528  -5.753  1.00 29.20 ? 57  GLY A O     1 
ATOM   433  N N     . LYS A 1 58  ? -0.619  20.736  -4.780  1.00 28.74 ? 58  LYS A N     1 
ATOM   434  C CA    . LYS A 1 58  ? 0.537   19.854  -4.950  1.00 31.43 ? 58  LYS A CA    1 
ATOM   435  C C     . LYS A 1 58  ? 0.162   18.557  -5.627  1.00 28.47 ? 58  LYS A C     1 
ATOM   436  O O     . LYS A 1 58  ? -0.896  18.064  -5.444  1.00 26.40 ? 58  LYS A O     1 
ATOM   437  C CB    . LYS A 1 58  ? 1.218   19.602  -3.623  1.00 35.75 ? 58  LYS A CB    1 
ATOM   438  C CG    . LYS A 1 58  ? 1.590   20.881  -2.905  1.00 40.75 ? 58  LYS A CG    1 
ATOM   439  C CD    . LYS A 1 58  ? 2.066   20.662  -1.480  1.00 45.66 ? 58  LYS A CD    1 
ATOM   440  C CE    . LYS A 1 58  ? 1.096   19.839  -0.669  1.00 48.54 ? 58  LYS A CE    1 
ATOM   441  N NZ    . LYS A 1 58  ? 0.221   20.628  0.214   1.00 50.33 ? 58  LYS A NZ    1 
ATOM   442  N N     . ASP A 1 59  ? 1.073   18.050  -6.433  1.00 28.13 ? 59  ASP A N     1 
ATOM   443  C CA    . ASP A 1 59  ? 0.823   16.792  -7.120  1.00 27.57 ? 59  ASP A CA    1 
ATOM   444  C C     . ASP A 1 59  ? 0.972   15.633  -6.151  1.00 25.73 ? 59  ASP A C     1 
ATOM   445  O O     . ASP A 1 59  ? 1.937   15.562  -5.402  1.00 24.64 ? 59  ASP A O     1 
ATOM   446  C CB    . ASP A 1 59  ? 1.814   16.584  -8.263  1.00 30.61 ? 59  ASP A CB    1 
ATOM   447  C CG    . ASP A 1 59  ? 1.612   17.556  -9.415  1.00 32.21 ? 59  ASP A CG    1 
ATOM   448  O OD1   . ASP A 1 59  ? 0.470   17.988  -9.672  1.00 34.79 ? 59  ASP A OD1   1 
ATOM   449  O OD2   . ASP A 1 59  ? 2.620   17.847  -10.085 1.00 36.59 ? 59  ASP A OD2   1 
ATOM   450  N N     . VAL A 1 60  ? 0.018   14.719  -6.184  1.00 24.14 ? 60  VAL A N     1 
ATOM   451  C CA    . VAL A 1 60  ? 0.097   13.484  -5.435  1.00 23.44 ? 60  VAL A CA    1 
ATOM   452  C C     . VAL A 1 60  ? 0.104   12.386  -6.475  1.00 23.09 ? 60  VAL A C     1 
ATOM   453  O O     . VAL A 1 60  ? -0.732  12.374  -7.383  1.00 24.45 ? 60  VAL A O     1 
ATOM   454  C CB    . VAL A 1 60  ? -1.109  13.306  -4.511  1.00 24.21 ? 60  VAL A CB    1 
ATOM   455  C CG1   . VAL A 1 60  ? -1.016  11.984  -3.745  1.00 25.26 ? 60  VAL A CG1   1 
ATOM   456  C CG2   . VAL A 1 60  ? -1.205  14.491  -3.559  1.00 25.25 ? 60  VAL A CG2   1 
ATOM   457  N N     . ARG A 1 61  ? 1.057   11.476  -6.363  1.00 21.21 ? 61  ARG A N     1 
ATOM   458  C CA    . ARG A 1 61  ? 1.138   10.373  -7.307  1.00 20.31 ? 61  ARG A CA    1 
ATOM   459  C C     . ARG A 1 61  ? 0.707   9.056   -6.687  1.00 18.97 ? 61  ARG A C     1 
ATOM   460  O O     . ARG A 1 61  ? 0.896   8.816   -5.491  1.00 17.38 ? 61  ARG A O     1 
ATOM   461  C CB    . ARG A 1 61  ? 2.538   10.301  -7.905  1.00 22.02 ? 61  ARG A CB    1 
ATOM   462  C CG    . ARG A 1 61  ? 2.748   11.373  -8.973  1.00 23.82 ? 61  ARG A CG    1 
ATOM   463  C CD    . ARG A 1 61  ? 4.137   11.344  -9.591  1.00 26.30 ? 61  ARG A CD    1 
ATOM   464  N NE    . ARG A 1 61  ? 4.250   12.371  -10.633 1.00 28.95 ? 61  ARG A NE    1 
ATOM   465  C CZ    . ARG A 1 61  ? 4.463   13.668  -10.420 1.00 29.22 ? 61  ARG A CZ    1 
ATOM   466  N NH1   . ARG A 1 61  ? 4.537   14.492  -11.462 1.00 33.30 ? 61  ARG A NH1   1 
ATOM   467  N NH2   . ARG A 1 61  ? 4.599   14.162  -9.196  1.00 30.65 ? 61  ARG A NH2   1 
ATOM   468  N N     . LEU A 1 62  ? 0.120   8.216   -7.535  1.00 18.27 ? 62  LEU A N     1 
ATOM   469  C CA    . LEU A 1 62  ? -0.308  6.875   -7.163  1.00 19.02 ? 62  LEU A CA    1 
ATOM   470  C C     . LEU A 1 62  ? 0.562   5.912   -7.953  1.00 19.22 ? 62  LEU A C     1 
ATOM   471  O O     . LEU A 1 62  ? 0.838   6.160   -9.145  1.00 22.29 ? 62  LEU A O     1 
ATOM   472  C CB    . LEU A 1 62  ? -1.774  6.678   -7.527  1.00 18.39 ? 62  LEU A CB    1 
ATOM   473  C CG    . LEU A 1 62  ? -2.779  7.677   -6.965  1.00 19.13 ? 62  LEU A CG    1 
ATOM   474  C CD1   . LEU A 1 62  ? -4.185  7.255   -7.343  1.00 19.59 ? 62  LEU A CD1   1 
ATOM   475  C CD2   . LEU A 1 62  ? -2.649  7.778   -5.439  1.00 20.11 ? 62  LEU A CD2   1 
ATOM   476  N N     . LEU A 1 63  ? 1.018   4.841   -7.310  1.00 17.85 ? 63  LEU A N     1 
ATOM   477  C CA    . LEU A 1 63  ? 1.904   3.899   -7.957  1.00 17.38 ? 63  LEU A CA    1 
ATOM   478  C C     . LEU A 1 63  ? 1.519   2.480   -7.595  1.00 17.92 ? 63  LEU A C     1 
ATOM   479  O O     . LEU A 1 63  ? 1.427   2.131   -6.426  1.00 17.21 ? 63  LEU A O     1 
ATOM   480  C CB    . LEU A 1 63  ? 3.343   4.147   -7.539  1.00 17.43 ? 63  LEU A CB    1 
ATOM   481  C CG    . LEU A 1 63  ? 4.396   3.151   -8.004  1.00 17.85 ? 63  LEU A CG    1 
ATOM   482  C CD1   . LEU A 1 63  ? 4.494   3.176   -9.516  1.00 18.75 ? 63  LEU A CD1   1 
ATOM   483  C CD2   . LEU A 1 63  ? 5.749   3.448   -7.377  1.00 18.64 ? 63  LEU A CD2   1 
ATOM   484  N N     . ILE A 1 64  ? 1.301   1.655   -8.613  1.00 17.73 ? 64  ILE A N     1 
ATOM   485  C CA    . ILE A 1 64  ? 1.214   0.227   -8.413  1.00 17.95 ? 64  ILE A CA    1 
ATOM   486  C C     . ILE A 1 64  ? 2.362   -0.357  -9.233  1.00 17.84 ? 64  ILE A C     1 
ATOM   487  O O     . ILE A 1 64  ? 2.300   -0.329  -10.464 1.00 17.80 ? 64  ILE A O     1 
ATOM   488  C CB    . ILE A 1 64  ? -0.122  -0.329  -8.889  1.00 18.12 ? 64  ILE A CB    1 
ATOM   489  C CG1   . ILE A 1 64  ? -1.266  0.291   -8.068  1.00 19.02 ? 64  ILE A CG1   1 
ATOM   490  C CG2   . ILE A 1 64  ? -0.111  -1.846  -8.792  1.00 18.39 ? 64  ILE A CG2   1 
ATOM   491  C CD1   . ILE A 1 64  ? -2.656  -0.056  -8.582  1.00 18.90 ? 64  ILE A CD1   1 
ATOM   492  N N     . PRO A 1 65  ? 3.421   -0.823  -8.566  1.00 18.89 ? 65  PRO A N     1 
ATOM   493  C CA    . PRO A 1 65  ? 4.535   -1.481  -9.260  1.00 19.60 ? 65  PRO A CA    1 
ATOM   494  C C     . PRO A 1 65  ? 4.044   -2.691  -10.030 1.00 21.40 ? 65  PRO A C     1 
ATOM   495  O O     . PRO A 1 65  ? 3.164   -3.431  -9.546  1.00 20.85 ? 65  PRO A O     1 
ATOM   496  C CB    . PRO A 1 65  ? 5.455   -1.921  -8.125  1.00 19.68 ? 65  PRO A CB    1 
ATOM   497  C CG    . PRO A 1 65  ? 5.079   -1.045  -6.970  1.00 19.99 ? 65  PRO A CG    1 
ATOM   498  C CD    . PRO A 1 65  ? 3.626   -0.794  -7.109  1.00 18.97 ? 65  PRO A CD    1 
ATOM   499  N N     . THR A 1 66  ? 4.587   -2.854  -11.229 1.00 22.10 ? 66  THR A N     1 
ATOM   500  C CA    . THR A 1 66  ? 4.356   -4.040  -12.036 1.00 22.01 ? 66  THR A CA    1 
ATOM   501  C C     . THR A 1 66  ? 5.564   -4.980  -12.124 1.00 23.44 ? 66  THR A C     1 
ATOM   502  O O     . THR A 1 66  ? 5.633   -5.845  -12.953 1.00 23.31 ? 66  THR A O     1 
ATOM   503  C CB    . THR A 1 66  ? 3.807   -3.679  -13.407 1.00 22.14 ? 66  THR A CB    1 
ATOM   504  O OG1   . THR A 1 66  ? 4.667   -2.740  -14.026 1.00 22.24 ? 66  THR A OG1   1 
ATOM   505  C CG2   . THR A 1 66  ? 2.436   -3.145  -13.271 1.00 21.31 ? 66  THR A CG2   1 
ATOM   506  N N     . THR A 1 67  ? 6.493   -4.775  -11.222 1.00 23.51 ? 67  THR A N     1 
ATOM   507  C CA    . THR A 1 67  ? 7.531   -5.709  -10.931 1.00 24.29 ? 67  THR A CA    1 
ATOM   508  C C     . THR A 1 67  ? 6.895   -6.849  -10.163 1.00 26.39 ? 67  THR A C     1 
ATOM   509  O O     . THR A 1 67  ? 5.825   -6.758  -9.710  1.00 28.96 ? 67  THR A O     1 
ATOM   510  C CB    . THR A 1 67  ? 8.608   -5.080  -10.041 1.00 24.70 ? 67  THR A CB    1 
ATOM   511  O OG1   . THR A 1 67  ? 8.019   -4.633  -8.840  1.00 22.61 ? 67  THR A OG1   1 
ATOM   512  C CG2   . THR A 1 67  ? 9.234   -3.928  -10.717 1.00 24.74 ? 67  THR A CG2   1 
ATOM   513  N N     . TYR A 1 68  ? 7.596   -7.913  -9.957  1.00 28.52 ? 68  TYR A N     1 
ATOM   514  C CA    . TYR A 1 68  ? 7.087   -8.849  -9.017  1.00 28.51 ? 68  TYR A CA    1 
ATOM   515  C C     . TYR A 1 68  ? 7.249   -8.191  -7.639  1.00 24.93 ? 68  TYR A C     1 
ATOM   516  O O     . TYR A 1 68  ? 7.979   -7.259  -7.531  1.00 21.52 ? 68  TYR A O     1 
ATOM   517  C CB    . TYR A 1 68  ? 7.812   -10.152 -9.133  1.00 32.94 ? 68  TYR A CB    1 
ATOM   518  C CG    . TYR A 1 68  ? 7.217   -10.974 -10.234 1.00 38.38 ? 68  TYR A CG    1 
ATOM   519  C CD1   . TYR A 1 68  ? 5.870   -11.260 -10.233 1.00 41.68 ? 68  TYR A CD1   1 
ATOM   520  C CD2   . TYR A 1 68  ? 7.973   -11.408 -11.303 1.00 43.38 ? 68  TYR A CD2   1 
ATOM   521  C CE1   . TYR A 1 68  ? 5.291   -11.985 -11.241 1.00 45.32 ? 68  TYR A CE1   1 
ATOM   522  C CE2   . TYR A 1 68  ? 7.395   -12.145 -12.325 1.00 45.94 ? 68  TYR A CE2   1 
ATOM   523  C CZ    . TYR A 1 68  ? 6.053   -12.418 -12.285 1.00 46.56 ? 68  TYR A CZ    1 
ATOM   524  O OH    . TYR A 1 68  ? 5.454   -13.154 -13.277 1.00 50.81 ? 68  TYR A OH    1 
ATOM   525  N N     . MET A 1 69  ? 6.578   -8.708  -6.625  1.00 20.73 ? 69  MET A N     1 
ATOM   526  C CA    . MET A 1 69  ? 6.530   -8.040  -5.348  1.00 20.31 ? 69  MET A CA    1 
ATOM   527  C C     . MET A 1 69  ? 7.920   -7.792  -4.797  1.00 19.46 ? 69  MET A C     1 
ATOM   528  O O     . MET A 1 69  ? 8.158   -6.748  -4.297  1.00 19.25 ? 69  MET A O     1 
ATOM   529  C CB    . MET A 1 69  ? 5.779   -8.898  -4.351  1.00 19.45 ? 69  MET A CB    1 
ATOM   530  C CG    . MET A 1 69  ? 5.697   -8.380  -2.937  1.00 18.89 ? 69  MET A CG    1 
ATOM   531  S SD    . MET A 1 69  ? 4.686   -6.904  -2.830  1.00 18.06 ? 69  MET A SD    1 
ATOM   532  C CE    . MET A 1 69  ? 3.030   -7.536  -2.673  1.00 17.81 ? 69  MET A CE    1 
ATOM   533  N N     . ASN A 1 70  ? 8.820   -8.749  -4.916  1.00 19.95 ? 70  ASN A N     1 
ATOM   534  C CA    . ASN A 1 70  ? 10.160  -8.607  -4.337  1.00 19.81 ? 70  ASN A CA    1 
ATOM   535  C C     . ASN A 1 70  ? 11.093  -7.586  -5.015  1.00 19.76 ? 70  ASN A C     1 
ATOM   536  O O     . ASN A 1 70  ? 12.213  -7.412  -4.558  1.00 21.21 ? 70  ASN A O     1 
ATOM   537  C CB    . ASN A 1 70  ? 10.862  -9.958  -4.221  1.00 21.32 ? 70  ASN A CB    1 
ATOM   538  C CG    . ASN A 1 70  ? 11.253  -10.528 -5.565  1.00 22.55 ? 70  ASN A CG    1 
ATOM   539  O OD1   . ASN A 1 70  ? 10.529  -10.362 -6.545  1.00 24.40 ? 70  ASN A OD1   1 
ATOM   540  N ND2   . ASN A 1 70  ? 12.417  -11.189 -5.625  1.00 21.74 ? 70  ASN A ND2   1 
ATOM   541  N N     . ARG A 1 71  ? 10.645  -6.945  -6.079  1.00 20.23 ? 71  ARG A N     1 
ATOM   542  C CA    . ARG A 1 71  ? 11.360  -5.870  -6.731  1.00 21.89 ? 71  ARG A CA    1 
ATOM   543  C C     . ARG A 1 71  ? 10.597  -4.554  -6.727  1.00 22.04 ? 71  ARG A C     1 
ATOM   544  O O     . ARG A 1 71  ? 10.886  -3.673  -7.440  1.00 22.88 ? 71  ARG A O     1 
ATOM   545  C CB    . ARG A 1 71  ? 11.792  -6.283  -8.138  1.00 22.54 ? 71  ARG A CB    1 
ATOM   546  C CG    . ARG A 1 71  ? 12.686  -7.468  -8.150  1.00 24.81 ? 71  ARG A CG    1 
ATOM   547  C CD    . ARG A 1 71  ? 14.013  -7.122  -7.535  1.00 27.36 ? 71  ARG A CD    1 
ATOM   548  N NE    . ARG A 1 71  ? 14.919  -8.236  -7.452  1.00 29.08 ? 71  ARG A NE    1 
ATOM   549  C CZ    . ARG A 1 71  ? 15.234  -8.855  -6.341  1.00 30.26 ? 71  ARG A CZ    1 
ATOM   550  N NH1   . ARG A 1 71  ? 16.058  -9.879  -6.383  1.00 31.01 ? 71  ARG A NH1   1 
ATOM   551  N NH2   . ARG A 1 71  ? 14.708  -8.459  -5.200  1.00 31.10 ? 71  ARG A NH2   1 
ATOM   552  N N     . SER A 1 72  ? 9.585   -4.470  -5.891  1.00 21.33 ? 72  SER A N     1 
ATOM   553  C CA    . SER A 1 72  ? 8.766   -3.265  -5.771  1.00 20.99 ? 72  SER A CA    1 
ATOM   554  C C     . SER A 1 72  ? 9.582   -2.015  -5.547  1.00 19.42 ? 72  SER A C     1 
ATOM   555  O O     . SER A 1 72  ? 9.185   -0.942  -5.981  1.00 17.61 ? 72  SER A O     1 
ATOM   556  C CB    . SER A 1 72  ? 7.786   -3.399  -4.592  1.00 22.37 ? 72  SER A CB    1 
ATOM   557  O OG    . SER A 1 72  ? 6.811   -4.381  -4.874  1.00 23.66 ? 72  SER A OG    1 
ATOM   558  N N     . GLY A 1 73  ? 10.699  -2.149  -4.832  1.00 19.40 ? 73  GLY A N     1 
ATOM   559  C CA    . GLY A 1 73  ? 11.571  -1.014  -4.533  1.00 21.20 ? 73  GLY A CA    1 
ATOM   560  C C     . GLY A 1 73  ? 12.150  -0.307  -5.742  1.00 21.18 ? 73  GLY A C     1 
ATOM   561  O O     . GLY A 1 73  ? 12.376  0.902   -5.715  1.00 22.74 ? 73  GLY A O     1 
ATOM   562  N N     . GLN A 1 74  ? 12.360  -1.074  -6.789  1.00 22.99 ? 74  GLN A N     1 
ATOM   563  C CA    . GLN A 1 74  ? 12.886  -0.548  -8.017  1.00 24.78 ? 74  GLN A CA    1 
ATOM   564  C C     . GLN A 1 74  ? 11.930  0.482   -8.603  1.00 22.70 ? 74  GLN A C     1 
ATOM   565  O O     . GLN A 1 74  ? 12.301  1.515   -9.058  1.00 22.16 ? 74  GLN A O     1 
ATOM   566  C CB    . GLN A 1 74  ? 13.034  -1.746  -8.931  1.00 28.53 ? 74  GLN A CB    1 
ATOM   567  C CG    . GLN A 1 74  ? 13.295  -1.514  -10.382 1.00 32.98 ? 74  GLN A CG    1 
ATOM   568  C CD    . GLN A 1 74  ? 13.562  -2.852  -11.081 1.00 36.29 ? 74  GLN A CD    1 
ATOM   569  O OE1   . GLN A 1 74  ? 13.270  -3.018  -12.246 1.00 43.77 ? 74  GLN A OE1   1 
ATOM   570  N NE2   . GLN A 1 74  ? 14.062  -3.817  -10.334 1.00 38.18 ? 74  GLN A NE2   1 
ATOM   571  N N     . SER A 1 75  ? 10.659  0.171   -8.543  1.00 21.48 ? 75  SER A N     1 
ATOM   572  C CA    . SER A 1 75  ? 9.610   1.068   -8.945  1.00 20.47 ? 75  SER A CA    1 
ATOM   573  C C     . SER A 1 75  ? 9.511   2.281   -8.027  1.00 19.31 ? 75  SER A C     1 
ATOM   574  O O     . SER A 1 75  ? 9.486   3.419   -8.496  1.00 18.74 ? 75  SER A O     1 
ATOM   575  C CB    . SER A 1 75  ? 8.290   0.291   -8.993  1.00 20.36 ? 75  SER A CB    1 
ATOM   576  O OG    . SER A 1 75  ? 7.224   1.158   -9.287  1.00 20.67 ? 75  SER A OG    1 
ATOM   577  N N     . VAL A 1 76  ? 9.446   2.046   -6.718  1.00 19.62 ? 76  VAL A N     1 
ATOM   578  C CA    . VAL A 1 76  ? 9.296   3.148   -5.780  1.00 19.68 ? 76  VAL A CA    1 
ATOM   579  C C     . VAL A 1 76  ? 10.496  4.102   -5.855  1.00 19.80 ? 76  VAL A C     1 
ATOM   580  O O     . VAL A 1 76  ? 10.316  5.322   -5.898  1.00 21.31 ? 76  VAL A O     1 
ATOM   581  C CB    . VAL A 1 76  ? 9.073   2.635   -4.347  1.00 19.71 ? 76  VAL A CB    1 
ATOM   582  C CG1   . VAL A 1 76  ? 9.042   3.795   -3.357  1.00 19.97 ? 76  VAL A CG1   1 
ATOM   583  C CG2   . VAL A 1 76  ? 7.799   1.802   -4.273  1.00 19.66 ? 76  VAL A CG2   1 
ATOM   584  N N     . ALA A 1 77  ? 11.710  3.563   -5.876  1.00 20.54 ? 77  ALA A N     1 
ATOM   585  C CA    . ALA A 1 77  ? 12.919  4.422   -5.959  1.00 20.90 ? 77  ALA A CA    1 
ATOM   586  C C     . ALA A 1 77  ? 13.018  5.209   -7.268  1.00 20.75 ? 77  ALA A C     1 
ATOM   587  O O     . ALA A 1 77  ? 13.510  6.336   -7.297  1.00 22.15 ? 77  ALA A O     1 
ATOM   588  C CB    . ALA A 1 77  ? 14.179  3.599   -5.756  1.00 20.95 ? 77  ALA A CB    1 
ATOM   589  N N     . ALA A 1 78  ? 12.558  4.615   -8.362  1.00 21.75 ? 78  ALA A N     1 
ATOM   590  C CA    . ALA A 1 78  ? 12.580  5.295   -9.670  1.00 21.60 ? 78  ALA A CA    1 
ATOM   591  C C     . ALA A 1 78  ? 11.667  6.502   -9.656  1.00 21.82 ? 78  ALA A C     1 
ATOM   592  O O     . ALA A 1 78  ? 12.048  7.599   -10.088 1.00 23.14 ? 78  ALA A O     1 
ATOM   593  C CB    . ALA A 1 78  ? 12.186  4.327   -10.781 1.00 22.05 ? 78  ALA A CB    1 
ATOM   594  N N     . LEU A 1 79  ? 10.457  6.318   -9.179  1.00 20.83 ? 79  LEU A N     1 
ATOM   595  C CA    . LEU A 1 79  ? 9.565   7.440   -9.067  1.00 22.33 ? 79  LEU A CA    1 
ATOM   596  C C     . LEU A 1 79  ? 9.904   8.472   -7.965  1.00 23.81 ? 79  LEU A C     1 
ATOM   597  O O     . LEU A 1 79  ? 9.980   9.616   -8.229  1.00 25.05 ? 79  LEU A O     1 
ATOM   598  C CB    . LEU A 1 79  ? 8.117   6.970   -8.954  1.00 22.61 ? 79  LEU A CB    1 
ATOM   599  C CG    . LEU A 1 79  ? 6.967   7.919   -9.187  1.00 22.58 ? 79  LEU A CG    1 
ATOM   600  C CD1   . LEU A 1 79  ? 5.680   7.138   -9.185  1.00 22.53 ? 79  LEU A CD1   1 
ATOM   601  C CD2   . LEU A 1 79  ? 6.853   8.962   -8.114  1.00 25.19 ? 79  LEU A CD2   1 
ATOM   602  N N     . ALA A 1 80  ? 10.163  8.028   -6.740  1.00 23.71 ? 80  ALA A N     1 
ATOM   603  C CA    . ALA A 1 80  ? 10.557  8.936   -5.641  1.00 23.64 ? 80  ALA A CA    1 
ATOM   604  C C     . ALA A 1 80  ? 11.848  9.665   -5.978  1.00 23.84 ? 80  ALA A C     1 
ATOM   605  O O     . ALA A 1 80  ? 11.972  10.860  -5.719  1.00 26.06 ? 80  ALA A O     1 
ATOM   606  C CB    . ALA A 1 80  ? 10.735  8.186   -4.332  1.00 23.26 ? 80  ALA A CB    1 
ATOM   607  N N     . GLY A 1 81  ? 12.797  8.937   -6.549  1.00 24.84 ? 81  GLY A N     1 
ATOM   608  C CA    . GLY A 1 81  ? 14.072  9.509   -6.970  1.00 25.49 ? 81  GLY A CA    1 
ATOM   609  C C     . GLY A 1 81  ? 13.866  10.611  -7.984  1.00 27.06 ? 81  GLY A C     1 
ATOM   610  O O     . GLY A 1 81  ? 14.345  11.739  -7.790  1.00 26.32 ? 81  GLY A O     1 
ATOM   611  N N     . PHE A 1 82  ? 13.135  10.296  -9.059  1.00 27.39 ? 82  PHE A N     1 
ATOM   612  C CA    . PHE A 1 82  ? 12.928  11.248  -10.154 1.00 29.57 ? 82  PHE A CA    1 
ATOM   613  C C     . PHE A 1 82  ? 12.298  12.551  -9.692  1.00 30.35 ? 82  PHE A C     1 
ATOM   614  O O     . PHE A 1 82  ? 12.713  13.611  -10.155 1.00 30.72 ? 82  PHE A O     1 
ATOM   615  C CB    . PHE A 1 82  ? 12.067  10.647  -11.271 1.00 30.65 ? 82  PHE A CB    1 
ATOM   616  C CG    . PHE A 1 82  ? 12.043  11.463  -12.528 1.00 32.50 ? 82  PHE A CG    1 
ATOM   617  C CD1   . PHE A 1 82  ? 13.003  11.267  -13.518 1.00 35.09 ? 82  PHE A CD1   1 
ATOM   618  C CD2   . PHE A 1 82  ? 11.047  12.411  -12.741 1.00 33.38 ? 82  PHE A CD2   1 
ATOM   619  C CE1   . PHE A 1 82  ? 12.977  12.020  -14.683 1.00 36.27 ? 82  PHE A CE1   1 
ATOM   620  C CE2   . PHE A 1 82  ? 11.016  13.170  -13.899 1.00 36.40 ? 82  PHE A CE2   1 
ATOM   621  C CZ    . PHE A 1 82  ? 11.984  12.974  -14.876 1.00 36.32 ? 82  PHE A CZ    1 
ATOM   622  N N     . PHE A 1 83  ? 11.288  12.475  -8.809  1.00 28.44 ? 83  PHE A N     1 
ATOM   623  C CA    . PHE A 1 83  ? 10.574  13.668  -8.318  1.00 28.57 ? 83  PHE A CA    1 
ATOM   624  C C     . PHE A 1 83  ? 11.070  14.190  -6.955  1.00 29.37 ? 83  PHE A C     1 
ATOM   625  O O     . PHE A 1 83  ? 10.472  15.103  -6.387  1.00 31.01 ? 83  PHE A O     1 
ATOM   626  C CB    . PHE A 1 83  ? 9.053   13.422  -8.293  1.00 28.47 ? 83  PHE A CB    1 
ATOM   627  C CG    . PHE A 1 83  ? 8.453   13.216  -9.668  1.00 27.64 ? 83  PHE A CG    1 
ATOM   628  C CD1   . PHE A 1 83  ? 8.239   14.296  -10.505 1.00 28.21 ? 83  PHE A CD1   1 
ATOM   629  C CD2   . PHE A 1 83  ? 8.134   11.947  -10.133 1.00 28.05 ? 83  PHE A CD2   1 
ATOM   630  C CE1   . PHE A 1 83  ? 7.704   14.132  -11.777 1.00 27.95 ? 83  PHE A CE1   1 
ATOM   631  C CE2   . PHE A 1 83  ? 7.586   11.773  -11.406 1.00 28.33 ? 83  PHE A CE2   1 
ATOM   632  C CZ    . PHE A 1 83  ? 7.378   12.866  -12.229 1.00 27.38 ? 83  PHE A CZ    1 
ATOM   633  N N     . ARG A 1 84  ? 12.157  13.639  -6.472  1.00 30.06 ? 84  ARG A N     1 
ATOM   634  C CA    . ARG A 1 84  ? 12.765  14.062  -5.244  1.00 32.03 ? 84  ARG A CA    1 
ATOM   635  C C     . ARG A 1 84  ? 11.857  13.980  -4.030  1.00 30.84 ? 84  ARG A C     1 
ATOM   636  O O     . ARG A 1 84  ? 11.756  14.890  -3.274  1.00 29.28 ? 84  ARG A O     1 
ATOM   637  C CB    . ARG A 1 84  ? 13.331  15.457  -5.415  1.00 34.49 ? 84  ARG A CB    1 
ATOM   638  C CG    . ARG A 1 84  ? 14.691  15.521  -6.085  1.00 38.25 ? 84  ARG A CG    1 
ATOM   639  C CD    . ARG A 1 84  ? 14.660  15.147  -7.540  1.00 41.33 ? 84  ARG A CD    1 
ATOM   640  N NE    . ARG A 1 84  ? 15.851  15.606  -8.287  1.00 44.05 ? 84  ARG A NE    1 
ATOM   641  C CZ    . ARG A 1 84  ? 16.256  15.127  -9.452  1.00 45.03 ? 84  ARG A CZ    1 
ATOM   642  N NH1   . ARG A 1 84  ? 17.325  15.610  -10.059 1.00 45.39 ? 84  ARG A NH1   1 
ATOM   643  N NH2   . ARG A 1 84  ? 15.590  14.160  -10.028 1.00 44.62 ? 84  ARG A NH2   1 
ATOM   644  N N     . ILE A 1 85  ? 11.167  12.859  -3.898  1.00 28.42 ? 85  ILE A N     1 
ATOM   645  C CA    . ILE A 1 85  ? 10.189  12.638  -2.833  1.00 26.35 ? 85  ILE A CA    1 
ATOM   646  C C     . ILE A 1 85  ? 10.883  11.901  -1.688  1.00 26.98 ? 85  ILE A C     1 
ATOM   647  O O     . ILE A 1 85  ? 11.411  10.807  -1.880  1.00 26.77 ? 85  ILE A O     1 
ATOM   648  C CB    . ILE A 1 85  ? 8.996   11.796  -3.339  1.00 25.68 ? 85  ILE A CB    1 
ATOM   649  C CG1   . ILE A 1 85  ? 8.336   12.496  -4.535  1.00 26.14 ? 85  ILE A CG1   1 
ATOM   650  C CG2   . ILE A 1 85  ? 7.985   11.553  -2.225  1.00 25.63 ? 85  ILE A CG2   1 
ATOM   651  C CD1   . ILE A 1 85  ? 7.196   11.720  -5.154  1.00 25.54 ? 85  ILE A CD1   1 
ATOM   652  N N     . ALA A 1 86  ? 10.888  12.510  -0.503  1.00 25.94 ? 86  ALA A N     1 
ATOM   653  C CA    . ALA A 1 86  ? 11.498  11.907  0.661   1.00 26.60 ? 86  ALA A CA    1 
ATOM   654  C C     . ALA A 1 86  ? 10.610  10.818  1.248   1.00 25.42 ? 86  ALA A C     1 
ATOM   655  O O     . ALA A 1 86  ? 9.387   10.880  1.129   1.00 25.25 ? 86  ALA A O     1 
ATOM   656  C CB    . ALA A 1 86  ? 11.758  12.961  1.717   1.00 26.73 ? 86  ALA A CB    1 
ATOM   657  N N     . PRO A 1 87  ? 11.214  9.855   1.949   1.00 25.81 ? 87  PRO A N     1 
ATOM   658  C CA    . PRO A 1 87  ? 10.414  8.784   2.563   1.00 25.41 ? 87  PRO A CA    1 
ATOM   659  C C     . PRO A 1 87  ? 9.252   9.252   3.424   1.00 25.76 ? 87  PRO A C     1 
ATOM   660  O O     . PRO A 1 87  ? 8.206   8.600   3.432   1.00 23.42 ? 87  PRO A O     1 
ATOM   661  C CB    . PRO A 1 87  ? 11.442  8.011   3.387   1.00 25.95 ? 87  PRO A CB    1 
ATOM   662  C CG    . PRO A 1 87  ? 12.725  8.244   2.683   1.00 26.98 ? 87  PRO A CG    1 
ATOM   663  C CD    . PRO A 1 87  ? 12.662  9.632   2.125   1.00 25.48 ? 87  PRO A CD    1 
ATOM   664  N N     . ASP A 1 88  ? 9.401   10.371  4.105   1.00 25.40 ? 88  ASP A N     1 
ATOM   665  C CA    . ASP A 1 88  ? 8.369   10.901  4.968   1.00 26.21 ? 88  ASP A CA    1 
ATOM   666  C C     . ASP A 1 88  ? 7.095   11.297  4.201   1.00 23.32 ? 88  ASP A C     1 
ATOM   667  O O     . ASP A 1 88  ? 6.079   11.430  4.776   1.00 23.62 ? 88  ASP A O     1 
ATOM   668  C CB    . ASP A 1 88  ? 8.893   12.077  5.801   1.00 29.80 ? 88  ASP A CB    1 
ATOM   669  C CG    . ASP A 1 88  ? 7.902   12.555  6.863   1.00 34.47 ? 88  ASP A CG    1 
ATOM   670  O OD1   . ASP A 1 88  ? 7.219   11.765  7.525   1.00 35.14 ? 88  ASP A OD1   1 
ATOM   671  O OD2   . ASP A 1 88  ? 7.801   13.783  7.033   1.00 39.24 ? 88  ASP A OD2   1 
ATOM   672  N N     . ALA A 1 89  ? 7.220   11.525  2.906   1.00 21.47 ? 89  ALA A N     1 
ATOM   673  C CA    . ALA A 1 89  ? 6.099   11.909  2.053   1.00 22.03 ? 89  ALA A CA    1 
ATOM   674  C C     . ALA A 1 89  ? 5.554   10.726  1.224   1.00 20.68 ? 89  ALA A C     1 
ATOM   675  O O     . ALA A 1 89  ? 4.761   10.937  0.319   1.00 20.78 ? 89  ALA A O     1 
ATOM   676  C CB    . ALA A 1 89  ? 6.525   13.039  1.134   1.00 21.42 ? 89  ALA A CB    1 
ATOM   677  N N     . ILE A 1 90  ? 5.987   9.507   1.559   1.00 19.54 ? 90  ILE A N     1 
ATOM   678  C CA    . ILE A 1 90  ? 5.524   8.275   0.931   1.00 18.98 ? 90  ILE A CA    1 
ATOM   679  C C     . ILE A 1 90  ? 4.639   7.440   1.858   1.00 18.69 ? 90  ILE A C     1 
ATOM   680  O O     . ILE A 1 90  ? 4.984   7.187   3.031   1.00 18.31 ? 90  ILE A O     1 
ATOM   681  C CB    . ILE A 1 90  ? 6.724   7.402   0.498   1.00 18.54 ? 90  ILE A CB    1 
ATOM   682  C CG1   . ILE A 1 90  ? 7.651   8.193   -0.425  1.00 18.59 ? 90  ILE A CG1   1 
ATOM   683  C CG2   . ILE A 1 90  ? 6.266   6.099   -0.155  1.00 18.07 ? 90  ILE A CG2   1 
ATOM   684  C CD1   . ILE A 1 90  ? 8.920   7.444   -0.768  1.00 18.66 ? 90  ILE A CD1   1 
ATOM   685  N N     . LEU A 1 91  ? 3.524   6.953   1.326   1.00 17.89 ? 91  LEU A N     1 
ATOM   686  C CA    . LEU A 1 91  ? 2.650   6.021   2.023   1.00 17.01 ? 91  LEU A CA    1 
ATOM   687  C C     . LEU A 1 91  ? 2.628   4.745   1.232   1.00 17.72 ? 91  LEU A C     1 
ATOM   688  O O     . LEU A 1 91  ? 2.331   4.787   0.108   1.00 16.30 ? 91  LEU A O     1 
ATOM   689  C CB    . LEU A 1 91  ? 1.214   6.524   2.084   1.00 17.37 ? 91  LEU A CB    1 
ATOM   690  C CG    . LEU A 1 91  ? 0.138   5.618   2.647   1.00 17.98 ? 91  LEU A CG    1 
ATOM   691  C CD1   . LEU A 1 91  ? 0.408   5.311   4.086   1.00 18.73 ? 91  LEU A CD1   1 
ATOM   692  C CD2   . LEU A 1 91  ? -1.241  6.231   2.507   1.00 17.99 ? 91  LEU A CD2   1 
ATOM   693  N N     . VAL A 1 92  ? 2.895   3.631   1.878   1.00 16.77 ? 92  VAL A N     1 
ATOM   694  C CA    . VAL A 1 92  ? 2.872   2.316   1.218   1.00 16.99 ? 92  VAL A CA    1 
ATOM   695  C C     . VAL A 1 92  ? 1.768   1.460   1.813   1.00 16.51 ? 92  VAL A C     1 
ATOM   696  O O     . VAL A 1 92  ? 1.773   1.133   3.012   1.00 16.69 ? 92  VAL A O     1 
ATOM   697  C CB    . VAL A 1 92  ? 4.210   1.560   1.361   1.00 17.51 ? 92  VAL A CB    1 
ATOM   698  C CG1   . VAL A 1 92  ? 4.122   0.179   0.684   1.00 17.41 ? 92  VAL A CG1   1 
ATOM   699  C CG2   . VAL A 1 92  ? 5.347   2.381   0.781   1.00 18.20 ? 92  VAL A CG2   1 
ATOM   700  N N     . ALA A 1 93  ? 0.807   1.087   0.973   1.00 15.69 ? 93  ALA A N     1 
ATOM   701  C CA    . ALA A 1 93  ? -0.259  0.200   1.380   1.00 14.72 ? 93  ALA A CA    1 
ATOM   702  C C     . ALA A 1 93  ? 0.130   -1.243  1.111   1.00 15.63 ? 93  ALA A C     1 
ATOM   703  O O     . ALA A 1 93  ? 0.623   -1.572  0.017   1.00 14.88 ? 93  ALA A O     1 
ATOM   704  C CB    . ALA A 1 93  ? -1.538  0.533   0.637   1.00 14.95 ? 93  ALA A CB    1 
ATOM   705  N N     . HIS A 1 94  ? -0.123  -2.105  2.091   1.00 15.00 ? 94  HIS A N     1 
ATOM   706  C CA    . HIS A 1 94  ? 0.262   -3.505  1.994   1.00 15.47 ? 94  HIS A CA    1 
ATOM   707  C C     . HIS A 1 94  ? -0.581  -4.429  2.869   1.00 15.77 ? 94  HIS A C     1 
ATOM   708  O O     . HIS A 1 94  ? -1.176  -4.012  3.890   1.00 15.80 ? 94  HIS A O     1 
ATOM   709  C CB    . HIS A 1 94  ? 1.761   -3.631  2.346   1.00 16.54 ? 94  HIS A CB    1 
ATOM   710  C CG    . HIS A 1 94  ? 2.068   -3.376  3.790   1.00 16.58 ? 94  HIS A CG    1 
ATOM   711  N ND1   . HIS A 1 94  ? 1.974   -4.357  4.749   1.00 17.60 ? 94  HIS A ND1   1 
ATOM   712  C CD2   . HIS A 1 94  ? 2.465   -2.254  4.436   1.00 16.97 ? 94  HIS A CD2   1 
ATOM   713  C CE1   . HIS A 1 94  ? 2.296   -3.852  5.929   1.00 16.92 ? 94  HIS A CE1   1 
ATOM   714  N NE2   . HIS A 1 94  ? 2.591   -2.578  5.766   1.00 16.81 ? 94  HIS A NE2   1 
ATOM   715  N N     . ASP A 1 95  ? -0.606  -5.698  2.459   1.00 15.38 ? 95  ASP A N     1 
ATOM   716  C CA    . ASP A 1 95  ? -1.203  -6.771  3.221   1.00 15.83 ? 95  ASP A CA    1 
ATOM   717  C C     . ASP A 1 95  ? -0.455  -6.967  4.542   1.00 16.24 ? 95  ASP A C     1 
ATOM   718  O O     . ASP A 1 95  ? 0.724   -6.856  4.593   1.00 16.49 ? 95  ASP A O     1 
ATOM   719  C CB    . ASP A 1 95  ? -1.249  -8.080  2.435   1.00 16.08 ? 95  ASP A CB    1 
ATOM   720  C CG    . ASP A 1 95  ? 0.075   -8.432  1.821   1.00 16.05 ? 95  ASP A CG    1 
ATOM   721  O OD1   . ASP A 1 95  ? 0.550   -7.660  1.065   1.00 16.23 ? 95  ASP A OD1   1 
ATOM   722  O OD2   . ASP A 1 95  ? 0.569   -9.479  2.087   1.00 16.34 ? 95  ASP A OD2   1 
ATOM   723  N N     . GLU A 1 96  ? -1.199  -7.262  5.602   1.00 16.15 ? 96  GLU A N     1 
ATOM   724  C CA    . GLU A 1 96  ? -0.638  -7.473  6.918   1.00 16.57 ? 96  GLU A CA    1 
ATOM   725  C C     . GLU A 1 96  ? -1.154  -8.771  7.525   1.00 16.35 ? 96  GLU A C     1 
ATOM   726  O O     . GLU A 1 96  ? -2.289  -8.906  7.824   1.00 15.72 ? 96  GLU A O     1 
ATOM   727  C CB    . GLU A 1 96  ? -0.969  -6.295  7.827   1.00 16.89 ? 96  GLU A CB    1 
ATOM   728  C CG    . GLU A 1 96  ? -0.491  -6.413  9.243   1.00 16.74 ? 96  GLU A CG    1 
ATOM   729  C CD    . GLU A 1 96  ? 0.988   -6.609  9.321   1.00 17.33 ? 96  GLU A CD    1 
ATOM   730  O OE1   . GLU A 1 96  ? 1.665   -5.627  9.176   1.00 18.18 ? 96  GLU A OE1   1 
ATOM   731  O OE2   . GLU A 1 96  ? 1.410   -7.726  9.523   1.00 18.59 ? 96  GLU A OE2   1 
ATOM   732  N N     . LEU A 1 97  ? -0.278  -9.734  7.682   1.00 15.83 ? 97  LEU A N     1 
ATOM   733  C CA    . LEU A 1 97  ? -0.608  -10.997 8.289   1.00 16.94 ? 97  LEU A CA    1 
ATOM   734  C C     . LEU A 1 97  ? -1.055  -10.857 9.734   1.00 17.19 ? 97  LEU A C     1 
ATOM   735  O O     . LEU A 1 97  ? -1.811  -11.610 10.191  1.00 19.16 ? 97  LEU A O     1 
ATOM   736  C CB    . LEU A 1 97  ? 0.588   -11.937 8.248   1.00 17.52 ? 97  LEU A CB    1 
ATOM   737  C CG    . LEU A 1 97  ? 0.948   -12.468 6.876   1.00 16.97 ? 97  LEU A CG    1 
ATOM   738  C CD1   . LEU A 1 97  ? 2.390   -12.916 6.820   1.00 18.34 ? 97  LEU A CD1   1 
ATOM   739  C CD2   . LEU A 1 97  ? 0.026   -13.585 6.488   1.00 17.69 ? 97  LEU A CD2   1 
ATOM   740  N N     . ASP A 1 98  ? -0.491  -9.928  10.437  1.00 18.47 ? 98  ASP A N     1 
ATOM   741  C CA    . ASP A 1 98  ? -0.684  -9.897  11.879  1.00 20.36 ? 98  ASP A CA    1 
ATOM   742  C C     . ASP A 1 98  ? -2.039  -9.303  12.335  1.00 21.47 ? 98  ASP A C     1 
ATOM   743  O O     . ASP A 1 98  ? -2.291  -9.171  13.499  1.00 20.58 ? 98  ASP A O     1 
ATOM   744  C CB    . ASP A 1 98  ? 0.480   -9.230  12.582  1.00 21.16 ? 98  ASP A CB    1 
ATOM   745  C CG    . ASP A 1 98  ? 1.705   -10.128 12.708  1.00 22.48 ? 98  ASP A CG    1 
ATOM   746  O OD1   . ASP A 1 98  ? 1.615   -11.300 12.484  1.00 22.83 ? 98  ASP A OD1   1 
ATOM   747  O OD2   . ASP A 1 98  ? 2.741   -9.604  13.057  1.00 25.79 ? 98  ASP A OD2   1 
ATOM   748  N N     . MET A 1 99  ? -2.871  -8.927  11.387  1.00 20.24 ? 99  MET A N     1 
ATOM   749  C CA    . MET A 1 99  ? -4.177  -8.374  11.665  1.00 21.82 ? 99  MET A CA    1 
ATOM   750  C C     . MET A 1 99  ? -5.181  -9.123  10.818  1.00 22.06 ? 99  MET A C     1 
ATOM   751  O O     . MET A 1 99  ? -4.890  -9.379  9.700   1.00 20.96 ? 99  MET A O     1 
ATOM   752  C CB    . MET A 1 99  ? -4.212  -6.884  11.315  1.00 23.45 ? 99  MET A CB    1 
ATOM   753  C CG    . MET A 1 99  ? -3.219  -6.026  12.019  1.00 25.63 ? 99  MET A CG    1 
ATOM   754  S SD    . MET A 1 99  ? -3.092  -4.263  11.644  1.00 29.71 ? 99  MET A SD    1 
ATOM   755  C CE    . MET A 1 99  ? -3.862  -4.162  10.094  1.00 31.08 ? 99  MET A CE    1 
ATOM   756  N N     . PRO A 1 100 ? -6.359  -9.424  11.354  1.00 20.64 ? 100 PRO A N     1 
ATOM   757  C CA    . PRO A 1 100 ? -7.371  -10.138 10.601  1.00 21.09 ? 100 PRO A CA    1 
ATOM   758  C C     . PRO A 1 100 ? -8.039  -9.293  9.515   1.00 19.14 ? 100 PRO A C     1 
ATOM   759  O O     . PRO A 1 100 ? -7.966  -8.126  9.556   1.00 19.81 ? 100 PRO A O     1 
ATOM   760  C CB    . PRO A 1 100 ? -8.408  -10.513 11.649  1.00 21.54 ? 100 PRO A CB    1 
ATOM   761  C CG    . PRO A 1 100 ? -8.189  -9.628  12.779  1.00 22.31 ? 100 PRO A CG    1 
ATOM   762  C CD    . PRO A 1 100 ? -6.912  -8.851  12.578  1.00 21.93 ? 100 PRO A CD    1 
ATOM   763  N N     . PRO A 1 101 ? -8.713  -9.937  8.598   1.00 19.20 ? 101 PRO A N     1 
ATOM   764  C CA    . PRO A 1 101 ? -9.469  -9.224  7.583   1.00 19.39 ? 101 PRO A CA    1 
ATOM   765  C C     . PRO A 1 101 ? -10.501 -8.332  8.280   1.00 20.74 ? 101 PRO A C     1 
ATOM   766  O O     . PRO A 1 101 ? -11.141 -8.756  9.193   1.00 21.10 ? 101 PRO A O     1 
ATOM   767  C CB    . PRO A 1 101 ? -10.160 -10.334 6.838   1.00 18.87 ? 101 PRO A CB    1 
ATOM   768  C CG    . PRO A 1 101 ? -9.323  -11.528 7.046   1.00 19.55 ? 101 PRO A CG    1 
ATOM   769  C CD    . PRO A 1 101 ? -8.758  -11.373 8.408   1.00 18.76 ? 101 PRO A CD    1 
ATOM   770  N N     . GLY A 1 102 ? -10.627 -7.107  7.811   1.00 21.64 ? 102 GLY A N     1 
ATOM   771  C CA    . GLY A 1 102 ? -11.516 -6.116  8.427   1.00 21.84 ? 102 GLY A CA    1 
ATOM   772  C C     . GLY A 1 102 ? -10.799 -5.079  9.270   1.00 21.86 ? 102 GLY A C     1 
ATOM   773  O O     . GLY A 1 102 ? -11.408 -4.113  9.737   1.00 23.18 ? 102 GLY A O     1 
ATOM   774  N N     . VAL A 1 103 ? -9.509  -5.246  9.453   1.00 20.92 ? 103 VAL A N     1 
ATOM   775  C CA    . VAL A 1 103 ? -8.750  -4.303  10.215  1.00 21.51 ? 103 VAL A CA    1 
ATOM   776  C C     . VAL A 1 103 ? -7.680  -3.599  9.393   1.00 22.48 ? 103 VAL A C     1 
ATOM   777  O O     . VAL A 1 103 ? -6.933  -4.270  8.763   1.00 21.01 ? 103 VAL A O     1 
ATOM   778  C CB    . VAL A 1 103 ? -8.040  -5.023  11.365  1.00 22.19 ? 103 VAL A CB    1 
ATOM   779  C CG1   . VAL A 1 103 ? -7.163  -4.076  12.112  1.00 22.18 ? 103 VAL A CG1   1 
ATOM   780  C CG2   . VAL A 1 103 ? -9.046  -5.667  12.276  1.00 24.27 ? 103 VAL A CG2   1 
ATOM   781  N N     . ALA A 1 104 ? -7.650  -2.262  9.407   1.00 22.46 ? 104 ALA A N     1 
ATOM   782  C CA    . ALA A 1 104 ? -6.567  -1.484  8.804   1.00 23.44 ? 104 ALA A CA    1 
ATOM   783  C C     . ALA A 1 104 ? -5.961  -0.570  9.850   1.00 24.02 ? 104 ALA A C     1 
ATOM   784  O O     . ALA A 1 104 ? -6.676  0.000   10.662  1.00 23.94 ? 104 ALA A O     1 
ATOM   785  C CB    . ALA A 1 104 ? -7.086  -0.662  7.639   1.00 23.49 ? 104 ALA A CB    1 
ATOM   786  N N     . LYS A 1 105 ? -4.658  -0.436  9.820   1.00 22.40 ? 105 LYS A N     1 
ATOM   787  C CA    . LYS A 1 105 ? -3.938  0.475   10.671  1.00 23.55 ? 105 LYS A CA    1 
ATOM   788  C C     . LYS A 1 105 ? -2.824  1.178   9.964   1.00 23.34 ? 105 LYS A C     1 
ATOM   789  O O     . LYS A 1 105 ? -2.347  0.705   8.998   1.00 21.89 ? 105 LYS A O     1 
ATOM   790  C CB    . LYS A 1 105 ? -3.424  -0.233  11.916  1.00 27.21 ? 105 LYS A CB    1 
ATOM   791  C CG    . LYS A 1 105 ? -4.559  -0.793  12.703  1.00 30.48 ? 105 LYS A CG    1 
ATOM   792  C CD    . LYS A 1 105 ? -4.126  -1.812  13.696  1.00 36.32 ? 105 LYS A CD    1 
ATOM   793  C CE    . LYS A 1 105 ? -3.905  -1.136  14.999  1.00 40.67 ? 105 LYS A CE    1 
ATOM   794  N NZ    . LYS A 1 105 ? -4.851  -1.704  15.971  1.00 43.71 ? 105 LYS A NZ    1 
ATOM   795  N N     . LEU A 1 106 ? -2.399  2.275   10.525  1.00 20.78 ? 106 LEU A N     1 
ATOM   796  C CA    . LEU A 1 106 ? -1.332  3.049   10.001  1.00 21.82 ? 106 LEU A CA    1 
ATOM   797  C C     . LEU A 1 106 ? -0.109  2.939   10.902  1.00 23.59 ? 106 LEU A C     1 
ATOM   798  O O     . LEU A 1 106 ? -0.218  2.793   12.080  1.00 24.44 ? 106 LEU A O     1 
ATOM   799  C CB    . LEU A 1 106 ? -1.735  4.523   9.846   1.00 20.62 ? 106 LEU A CB    1 
ATOM   800  C CG    . LEU A 1 106 ? -2.702  4.832   8.724   1.00 20.28 ? 106 LEU A CG    1 
ATOM   801  C CD1   . LEU A 1 106 ? -3.422  6.147   8.901   1.00 20.30 ? 106 LEU A CD1   1 
ATOM   802  C CD2   . LEU A 1 106 ? -1.934  4.834   7.431   1.00 19.55 ? 106 LEU A CD2   1 
ATOM   803  N N     . LYS A 1 107 ? 1.043   3.008   10.289  1.00 22.73 ? 107 LYS A N     1 
ATOM   804  C CA    . LYS A 1 107 ? 2.264   2.912   11.009  1.00 25.56 ? 107 LYS A CA    1 
ATOM   805  C C     . LYS A 1 107 ? 3.327   3.693   10.317  1.00 25.31 ? 107 LYS A C     1 
ATOM   806  O O     . LYS A 1 107 ? 3.378   3.707   9.142   1.00 24.86 ? 107 LYS A O     1 
ATOM   807  C CB    . LYS A 1 107 ? 2.654   1.444   11.107  1.00 27.94 ? 107 LYS A CB    1 
ATOM   808  C CG    . LYS A 1 107 ? 3.989   1.120   11.742  1.00 30.96 ? 107 LYS A CG    1 
ATOM   809  C CD    . LYS A 1 107 ? 4.171   -0.383  11.724  1.00 33.71 ? 107 LYS A CD    1 
ATOM   810  C CE    . LYS A 1 107 ? 5.536   -0.868  12.136  1.00 37.01 ? 107 LYS A CE    1 
ATOM   811  N NZ    . LYS A 1 107 ? 5.746   -0.572  13.569  1.00 39.14 ? 107 LYS A NZ    1 
ATOM   812  N N     . THR A 1 108 ? 4.179   4.327   11.087  1.00 24.51 ? 108 THR A N     1 
ATOM   813  C CA    . THR A 1 108 ? 5.283   5.055   10.505  1.00 26.21 ? 108 THR A CA    1 
ATOM   814  C C     . THR A 1 108 ? 6.548   4.291   10.842  1.00 27.57 ? 108 THR A C     1 
ATOM   815  O O     . THR A 1 108 ? 6.839   4.066   12.015  1.00 27.13 ? 108 THR A O     1 
ATOM   816  C CB    . THR A 1 108 ? 5.359   6.490   11.042  1.00 25.41 ? 108 THR A CB    1 
ATOM   817  O OG1   . THR A 1 108 ? 4.190   7.223   10.631  1.00 24.63 ? 108 THR A OG1   1 
ATOM   818  C CG2   . THR A 1 108 ? 6.608   7.169   10.537  1.00 25.71 ? 108 THR A CG2   1 
ATOM   819  N N     . GLY A 1 109 ? 7.287   3.883   9.815   1.00 27.27 ? 109 GLY A N     1 
ATOM   820  C CA    . GLY A 1 109 ? 8.566   3.193   10.013  1.00 28.36 ? 109 GLY A CA    1 
ATOM   821  C C     . GLY A 1 109 ? 8.435   1.758   10.474  1.00 27.37 ? 109 GLY A C     1 
ATOM   822  O O     . GLY A 1 109 ? 7.347   1.180   10.473  1.00 27.53 ? 109 GLY A O     1 
ATOM   823  N N     . GLY A 1 110 ? 9.564   1.188   10.873  1.00 29.60 ? 110 GLY A N     1 
ATOM   824  C CA    . GLY A 1 110 ? 9.625   -0.190  11.348  1.00 28.34 ? 110 GLY A CA    1 
ATOM   825  C C     . GLY A 1 110 ? 10.232  -1.098  10.284  1.00 28.15 ? 110 GLY A C     1 
ATOM   826  O O     . GLY A 1 110 ? 10.732  -0.625  9.253   1.00 30.94 ? 110 GLY A O     1 
ATOM   827  N N     . GLY A 1 111 ? 10.182  -2.397  10.541  1.00 26.03 ? 111 GLY A N     1 
ATOM   828  C CA    . GLY A 1 111 ? 10.782  -3.371  9.658   1.00 26.06 ? 111 GLY A CA    1 
ATOM   829  C C     . GLY A 1 111 ? 9.816   -3.839  8.586   1.00 26.03 ? 111 GLY A C     1 
ATOM   830  O O     . GLY A 1 111 ? 8.712   -3.293  8.416   1.00 24.98 ? 111 GLY A O     1 
ATOM   831  N N     . HIS A 1 112 ? 10.227  -4.874  7.872   1.00 23.61 ? 112 HIS A N     1 
ATOM   832  C CA    . HIS A 1 112 ? 9.406   -5.487  6.871   1.00 23.04 ? 112 HIS A CA    1 
ATOM   833  C C     . HIS A 1 112 ? 8.613   -6.677  7.278   1.00 22.50 ? 112 HIS A C     1 
ATOM   834  O O     . HIS A 1 112 ? 7.702   -7.039  6.623   1.00 21.97 ? 112 HIS A O     1 
ATOM   835  C CB    . HIS A 1 112 ? 10.229  -5.787  5.625   1.00 22.86 ? 112 HIS A CB    1 
ATOM   836  C CG    . HIS A 1 112 ? 11.434  -6.621  5.886   1.00 23.13 ? 112 HIS A CG    1 
ATOM   837  N ND1   . HIS A 1 112 ? 11.367  -7.912  6.115   1.00 25.06 ? 112 HIS A ND1   1 
ATOM   838  C CD2   . HIS A 1 112 ? 12.763  -6.298  5.894   1.00 24.08 ? 112 HIS A CD2   1 
ATOM   839  C CE1   . HIS A 1 112 ? 12.583  -8.384  6.281   1.00 23.88 ? 112 HIS A CE1   1 
ATOM   840  N NE2   . HIS A 1 112 ? 13.430  -7.391  6.132   1.00 23.59 ? 112 HIS A NE2   1 
ATOM   841  N N     . GLY A 1 113 ? 8.991   -7.321  8.362   1.00 22.07 ? 113 GLY A N     1 
ATOM   842  C CA    . GLY A 1 113 ? 8.245   -8.476  8.886   1.00 22.20 ? 113 GLY A CA    1 
ATOM   843  C C     . GLY A 1 113 ? 8.142   -9.690  7.964   1.00 22.01 ? 113 GLY A C     1 
ATOM   844  O O     . GLY A 1 113 ? 7.214   -10.488 8.056   1.00 23.63 ? 113 GLY A O     1 
ATOM   845  N N     . GLY A 1 114 ? 9.125   -9.836  7.092   1.00 22.70 ? 114 GLY A N     1 
ATOM   846  C CA    . GLY A 1 114 ? 9.131   -10.850 6.036   1.00 22.16 ? 114 GLY A CA    1 
ATOM   847  C C     . GLY A 1 114 ? 8.315   -10.547 4.792   1.00 20.66 ? 114 GLY A C     1 
ATOM   848  O O     . GLY A 1 114 ? 8.179   -11.397 3.935   1.00 21.14 ? 114 GLY A O     1 
ATOM   849  N N     . HIS A 1 115 ? 7.768   -9.336  4.697   1.00 19.62 ? 115 HIS A N     1 
ATOM   850  C CA    . HIS A 1 115 ? 7.063   -8.896  3.509   1.00 18.33 ? 115 HIS A CA    1 
ATOM   851  C C     . HIS A 1 115 ? 8.123   -8.430  2.516   1.00 18.85 ? 115 HIS A C     1 
ATOM   852  O O     . HIS A 1 115 ? 8.759   -7.414  2.725   1.00 18.64 ? 115 HIS A O     1 
ATOM   853  C CB    . HIS A 1 115 ? 6.130   -7.712  3.826   1.00 17.99 ? 115 HIS A CB    1 
ATOM   854  C CG    . HIS A 1 115 ? 5.112   -7.445  2.758   1.00 17.05 ? 115 HIS A CG    1 
ATOM   855  N ND1   . HIS A 1 115 ? 5.448   -6.948  1.524   1.00 17.32 ? 115 HIS A ND1   1 
ATOM   856  C CD2   . HIS A 1 115 ? 3.778   -7.673  2.719   1.00 17.04 ? 115 HIS A CD2   1 
ATOM   857  C CE1   . HIS A 1 115 ? 4.360   -6.830  0.785   1.00 16.99 ? 115 HIS A CE1   1 
ATOM   858  N NE2   . HIS A 1 115 ? 3.334   -7.279  1.485   1.00 15.50 ? 115 HIS A NE2   1 
ATOM   859  N N     . ASN A 1 116 ? 8.317   -9.189  1.460   1.00 19.87 ? 116 ASN A N     1 
ATOM   860  C CA    . ASN A 1 116 ? 9.373   -8.897  0.501   1.00 19.51 ? 116 ASN A CA    1 
ATOM   861  C C     . ASN A 1 116 ? 9.217   -7.618  -0.325  1.00 19.97 ? 116 ASN A C     1 
ATOM   862  O O     . ASN A 1 116 ? 10.148  -7.104  -0.823  1.00 19.61 ? 116 ASN A O     1 
ATOM   863  C CB    . ASN A 1 116 ? 9.661   -10.096 -0.397  1.00 20.99 ? 116 ASN A CB    1 
ATOM   864  C CG    . ASN A 1 116 ? 10.229  -11.262 0.363   1.00 21.40 ? 116 ASN A CG    1 
ATOM   865  O OD1   . ASN A 1 116 ? 10.767  -11.106 1.407   1.00 21.57 ? 116 ASN A OD1   1 
ATOM   866  N ND2   . ASN A 1 116 ? 10.093  -12.429 -0.187  1.00 21.81 ? 116 ASN A ND2   1 
ATOM   867  N N     . GLY A 1 117 ? 7.999   -7.139  -0.491  1.00 19.05 ? 117 GLY A N     1 
ATOM   868  C CA    . GLY A 1 117 ? 7.799   -5.833  -1.076  1.00 17.71 ? 117 GLY A CA    1 
ATOM   869  C C     . GLY A 1 117 ? 8.352   -4.752  -0.173  1.00 17.69 ? 117 GLY A C     1 
ATOM   870  O O     . GLY A 1 117 ? 9.126   -3.903  -0.626  1.00 17.49 ? 117 GLY A O     1 
ATOM   871  N N     . LEU A 1 118 ? 7.946   -4.757  1.105   1.00 17.01 ? 118 LEU A N     1 
ATOM   872  C CA    . LEU A 1 118 ? 8.469   -3.797  2.075   1.00 16.75 ? 118 LEU A CA    1 
ATOM   873  C C     . LEU A 1 118 ? 9.994   -3.910  2.164   1.00 16.54 ? 118 LEU A C     1 
ATOM   874  O O     . LEU A 1 118 ? 10.696  -2.898  2.220   1.00 16.03 ? 118 LEU A O     1 
ATOM   875  C CB    . LEU A 1 118 ? 7.871   -4.030  3.462   1.00 17.13 ? 118 LEU A CB    1 
ATOM   876  C CG    . LEU A 1 118 ? 6.391   -3.690  3.610   1.00 16.72 ? 118 LEU A CG    1 
ATOM   877  C CD1   . LEU A 1 118 ? 5.936   -3.955  5.030   1.00 16.41 ? 118 LEU A CD1   1 
ATOM   878  C CD2   . LEU A 1 118 ? 6.113   -2.258  3.184   1.00 16.98 ? 118 LEU A CD2   1 
ATOM   879  N N     . ARG A 1 119 ? 10.483  -5.139  2.202   1.00 16.95 ? 119 ARG A N     1 
ATOM   880  C CA    . ARG A 1 119 ? 11.932  -5.369  2.283   1.00 17.57 ? 119 ARG A CA    1 
ATOM   881  C C     . ARG A 1 119 ? 12.672  -4.696  1.153   1.00 17.83 ? 119 ARG A C     1 
ATOM   882  O O     . ARG A 1 119 ? 13.687  -4.065  1.401   1.00 18.07 ? 119 ARG A O     1 
ATOM   883  C CB    . ARG A 1 119 ? 12.275  -6.859  2.316   1.00 18.34 ? 119 ARG A CB    1 
ATOM   884  C CG    . ARG A 1 119 ? 13.777  -7.097  2.531   1.00 19.04 ? 119 ARG A CG    1 
ATOM   885  C CD    . ARG A 1 119 ? 14.110  -8.562  2.752   1.00 19.21 ? 119 ARG A CD    1 
ATOM   886  N NE    . ARG A 1 119 ? 13.861  -9.388  1.579   1.00 19.59 ? 119 ARG A NE    1 
ATOM   887  C CZ    . ARG A 1 119 ? 13.956  -10.718 1.575   1.00 19.77 ? 119 ARG A CZ    1 
ATOM   888  N NH1   . ARG A 1 119 ? 14.285  -11.364 2.689   1.00 21.80 ? 119 ARG A NH1   1 
ATOM   889  N NH2   . ARG A 1 119 ? 13.728  -11.407 0.469   1.00 20.15 ? 119 ARG A NH2   1 
ATOM   890  N N     . ASP A 1 120 ? 12.170  -4.821  -0.082  1.00 17.99 ? 120 ASP A N     1 
ATOM   891  C CA    . ASP A 1 120 ? 12.844  -4.250  -1.241  1.00 18.60 ? 120 ASP A CA    1 
ATOM   892  C C     . ASP A 1 120 ? 12.759  -2.735  -1.262  1.00 19.11 ? 120 ASP A C     1 
ATOM   893  O O     . ASP A 1 120 ? 13.687  -2.062  -1.700  1.00 19.83 ? 120 ASP A O     1 
ATOM   894  C CB    . ASP A 1 120 ? 12.295  -4.815  -2.553  1.00 18.54 ? 120 ASP A CB    1 
ATOM   895  C CG    . ASP A 1 120 ? 13.230  -4.555  -3.727  1.00 19.37 ? 120 ASP A CG    1 
ATOM   896  O OD1   . ASP A 1 120 ? 14.390  -4.993  -3.631  1.00 20.43 ? 120 ASP A OD1   1 
ATOM   897  O OD2   . ASP A 1 120 ? 12.835  -3.883  -4.696  1.00 19.46 ? 120 ASP A OD2   1 
ATOM   898  N N     . ILE A 1 121 ? 11.634  -2.188  -0.800  1.00 19.22 ? 121 ILE A N     1 
ATOM   899  C CA    . ILE A 1 121 ? 11.480  -0.753  -0.745  1.00 19.34 ? 121 ILE A CA    1 
ATOM   900  C C     . ILE A 1 121 ? 12.454  -0.144  0.260   1.00 19.34 ? 121 ILE A C     1 
ATOM   901  O O     . ILE A 1 121 ? 13.112  0.856   -0.046  1.00 20.97 ? 121 ILE A O     1 
ATOM   902  C CB    . ILE A 1 121 ? 10.034  -0.362  -0.396  1.00 19.27 ? 121 ILE A CB    1 
ATOM   903  C CG1   . ILE A 1 121 ? 9.103   -0.756  -1.562  1.00 19.11 ? 121 ILE A CG1   1 
ATOM   904  C CG2   . ILE A 1 121 ? 9.939   1.134   -0.140  1.00 19.78 ? 121 ILE A CG2   1 
ATOM   905  C CD1   . ILE A 1 121 ? 7.640   -0.683  -1.225  1.00 19.18 ? 121 ILE A CD1   1 
ATOM   906  N N     . ILE A 1 122 ? 12.573  -0.771  1.425   1.00 20.33 ? 122 ILE A N     1 
ATOM   907  C CA    . ILE A 1 122 ? 13.517  -0.305  2.449   1.00 21.68 ? 122 ILE A CA    1 
ATOM   908  C C     . ILE A 1 122 ? 14.939  -0.282  1.853   1.00 24.13 ? 122 ILE A C     1 
ATOM   909  O O     . ILE A 1 122 ? 15.662  0.711   1.991   1.00 23.45 ? 122 ILE A O     1 
ATOM   910  C CB    . ILE A 1 122 ? 13.457  -1.171  3.715   1.00 21.42 ? 122 ILE A CB    1 
ATOM   911  C CG1   . ILE A 1 122 ? 12.126  -0.933  4.454   1.00 20.53 ? 122 ILE A CG1   1 
ATOM   912  C CG2   . ILE A 1 122 ? 14.663  -0.876  4.625   1.00 22.64 ? 122 ILE A CG2   1 
ATOM   913  C CD1   . ILE A 1 122 ? 11.810  -1.920  5.541   1.00 20.66 ? 122 ILE A CD1   1 
ATOM   914  N N     . ALA A 1 123 ? 15.325  -1.357  1.163   1.00 25.13 ? 123 ALA A N     1 
ATOM   915  C CA    . ALA A 1 123 ? 16.665  -1.400  0.559   1.00 25.78 ? 123 ALA A CA    1 
ATOM   916  C C     . ALA A 1 123 ? 16.838  -0.330  -0.517  1.00 25.92 ? 123 ALA A C     1 
ATOM   917  O O     . ALA A 1 123 ? 17.813  0.417   -0.509  1.00 26.18 ? 123 ALA A O     1 
ATOM   918  C CB    . ALA A 1 123 ? 16.954  -2.776  -0.009  1.00 25.43 ? 123 ALA A CB    1 
ATOM   919  N N     . GLN A 1 124 ? 15.910  -0.235  -1.442  1.00 27.69 ? 124 GLN A N     1 
ATOM   920  C CA    . GLN A 1 124 ? 16.020  0.661   -2.591  1.00 28.84 ? 124 GLN A CA    1 
ATOM   921  C C     . GLN A 1 124 ? 15.950  2.129   -2.254  1.00 30.47 ? 124 GLN A C     1 
ATOM   922  O O     . GLN A 1 124 ? 16.438  2.953   -2.977  1.00 29.54 ? 124 GLN A O     1 
ATOM   923  C CB    . GLN A 1 124 ? 15.039  0.302   -3.686  1.00 31.08 ? 124 GLN A CB    1 
ATOM   924  C CG    . GLN A 1 124 ? 15.285  -1.038  -4.252  1.00 33.75 ? 124 GLN A CG    1 
ATOM   925  C CD    . GLN A 1 124 ? 16.623  -1.093  -4.911  1.00 39.96 ? 124 GLN A CD    1 
ATOM   926  O OE1   . GLN A 1 124 ? 17.420  -1.950  -4.620  1.00 47.70 ? 124 GLN A OE1   1 
ATOM   927  N NE2   . GLN A 1 124 ? 16.888  -0.144  -5.749  1.00 40.88 ? 124 GLN A NE2   1 
ATOM   928  N N     . LEU A 1 125 ? 15.286  2.445   -1.166  1.00 30.60 ? 125 LEU A N     1 
ATOM   929  C CA    . LEU A 1 125 ? 15.255  3.817   -0.696  1.00 32.48 ? 125 LEU A CA    1 
ATOM   930  C C     . LEU A 1 125 ? 16.547  4.218   0.039   1.00 36.86 ? 125 LEU A C     1 
ATOM   931  O O     . LEU A 1 125 ? 16.608  5.295   0.617   1.00 37.99 ? 125 LEU A O     1 
ATOM   932  C CB    . LEU A 1 125 ? 14.031  4.052   0.195   1.00 31.94 ? 125 LEU A CB    1 
ATOM   933  C CG    . LEU A 1 125 ? 12.687  4.103   -0.541  1.00 31.43 ? 125 LEU A CG    1 
ATOM   934  C CD1   . LEU A 1 125 ? 11.597  4.478   0.442   1.00 30.03 ? 125 LEU A CD1   1 
ATOM   935  C CD2   . LEU A 1 125 ? 12.696  5.091   -1.705  1.00 31.57 ? 125 LEU A CD2   1 
ATOM   936  N N     . GLY A 1 126 ? 17.567  3.358   0.004   1.00 39.18 ? 126 GLY A N     1 
ATOM   937  C CA    . GLY A 1 126 ? 18.845  3.633   0.649   1.00 40.10 ? 126 GLY A CA    1 
ATOM   938  C C     . GLY A 1 126 ? 18.813  3.235   2.110   1.00 41.54 ? 126 GLY A C     1 
ATOM   939  O O     . GLY A 1 126 ? 19.320  3.961   2.961   1.00 43.04 ? 126 GLY A O     1 
ATOM   940  N N     . ASN A 1 127 ? 18.207  2.086   2.375   1.00 39.55 ? 127 ASN A N     1 
ATOM   941  C CA    . ASN A 1 127 ? 18.019  1.582   3.695   1.00 41.67 ? 127 ASN A CA    1 
ATOM   942  C C     . ASN A 1 127 ? 17.315  2.533   4.623   1.00 39.54 ? 127 ASN A C     1 
ATOM   943  O O     . ASN A 1 127 ? 17.760  2.851   5.691   1.00 39.68 ? 127 ASN A O     1 
ATOM   944  C CB    . ASN A 1 127 ? 19.328  1.095   4.264   1.00 46.38 ? 127 ASN A CB    1 
ATOM   945  C CG    . ASN A 1 127 ? 19.317  -0.369  4.449   1.00 51.82 ? 127 ASN A CG    1 
ATOM   946  O OD1   . ASN A 1 127 ? 18.826  -0.862  5.466   1.00 53.13 ? 127 ASN A OD1   1 
ATOM   947  N ND2   . ASN A 1 127 ? 19.809  -1.093  3.453   1.00 53.80 ? 127 ASN A ND2   1 
ATOM   948  N N     . GLN A 1 128 ? 16.198  3.030   4.137   1.00 37.46 ? 128 GLN A N     1 
ATOM   949  C CA    . GLN A 1 128 ? 15.406  3.966   4.856   1.00 35.95 ? 128 GLN A CA    1 
ATOM   950  C C     . GLN A 1 128 ? 14.059  3.336   5.041   1.00 34.28 ? 128 GLN A C     1 
ATOM   951  O O     . GLN A 1 128 ? 13.439  2.903   4.098   1.00 31.57 ? 128 GLN A O     1 
ATOM   952  C CB    . GLN A 1 128 ? 15.266  5.196   4.029   1.00 38.75 ? 128 GLN A CB    1 
ATOM   953  C CG    . GLN A 1 128 ? 16.581  5.747   3.536   1.00 43.14 ? 128 GLN A CG    1 
ATOM   954  C CD    . GLN A 1 128 ? 16.746  7.170   3.907   1.00 47.05 ? 128 GLN A CD    1 
ATOM   955  O OE1   . GLN A 1 128 ? 16.205  8.034   3.275   1.00 52.45 ? 128 GLN A OE1   1 
ATOM   956  N NE2   . GLN A 1 128 ? 17.489  7.416   4.948   1.00 49.75 ? 128 GLN A NE2   1 
ATOM   957  N N     . ASN A 1 129 ? 13.621  3.287   6.272   1.00 33.07 ? 129 ASN A N     1 
ATOM   958  C CA    . ASN A 1 129 ? 12.357  2.659   6.594   1.00 34.01 ? 129 ASN A CA    1 
ATOM   959  C C     . ASN A 1 129 ? 11.302  3.651   7.085   1.00 32.55 ? 129 ASN A C     1 
ATOM   960  O O     . ASN A 1 129 ? 10.189  3.236   7.391   1.00 33.35 ? 129 ASN A O     1 
ATOM   961  C CB    . ASN A 1 129 ? 12.566  1.520   7.591   1.00 36.57 ? 129 ASN A CB    1 
ATOM   962  C CG    . ASN A 1 129 ? 13.026  2.006   8.941   1.00 39.71 ? 129 ASN A CG    1 
ATOM   963  O OD1   . ASN A 1 129 ? 13.530  3.122   9.075   1.00 43.36 ? 129 ASN A OD1   1 
ATOM   964  N ND2   . ASN A 1 129 ? 12.866  1.166   9.951   1.00 44.35 ? 129 ASN A ND2   1 
ATOM   965  N N     . SER A 1 130 ? 11.626  4.948   7.083   1.00 30.90 ? 130 SER A N     1 
ATOM   966  C CA    . SER A 1 130 ? 10.760  5.969   7.693   1.00 32.94 ? 130 SER A CA    1 
ATOM   967  C C     . SER A 1 130 ? 9.585   6.450   6.807   1.00 30.91 ? 130 SER A C     1 
ATOM   968  O O     . SER A 1 130 ? 9.035   7.535   7.029   1.00 32.08 ? 130 SER A O     1 
ATOM   969  C CB    . SER A 1 130 ? 11.591  7.176   8.133   1.00 33.78 ? 130 SER A CB    1 
ATOM   970  O OG    . SER A 1 130 ? 11.971  7.962   7.020   1.00 38.37 ? 130 SER A OG    1 
ATOM   971  N N     . PHE A 1 131 ? 9.195   5.646   5.823   1.00 26.14 ? 131 PHE A N     1 
ATOM   972  C CA    . PHE A 1 131 ? 7.950   5.896   5.111   1.00 23.63 ? 131 PHE A CA    1 
ATOM   973  C C     . PHE A 1 131 ? 6.772   5.390   5.927   1.00 21.16 ? 131 PHE A C     1 
ATOM   974  O O     . PHE A 1 131 ? 6.924   4.571   6.843   1.00 20.57 ? 131 PHE A O     1 
ATOM   975  C CB    . PHE A 1 131 ? 7.968   5.265   3.706   1.00 22.60 ? 131 PHE A CB    1 
ATOM   976  C CG    . PHE A 1 131 ? 8.285   3.803   3.691   1.00 20.80 ? 131 PHE A CG    1 
ATOM   977  C CD1   . PHE A 1 131 ? 7.282   2.865   3.812   1.00 19.70 ? 131 PHE A CD1   1 
ATOM   978  C CD2   . PHE A 1 131 ? 9.602   3.359   3.549   1.00 21.56 ? 131 PHE A CD2   1 
ATOM   979  C CE1   . PHE A 1 131 ? 7.558   1.515   3.795   1.00 18.60 ? 131 PHE A CE1   1 
ATOM   980  C CE2   . PHE A 1 131 ? 9.885   2.001   3.538   1.00 19.75 ? 131 PHE A CE2   1 
ATOM   981  C CZ    . PHE A 1 131 ? 8.865   1.080   3.662   1.00 19.62 ? 131 PHE A CZ    1 
ATOM   982  N N     . HIS A 1 132 ? 5.578   5.861   5.579   1.00 19.64 ? 132 HIS A N     1 
ATOM   983  C CA    . HIS A 1 132 ? 4.359   5.435   6.245   1.00 18.92 ? 132 HIS A CA    1 
ATOM   984  C C     . HIS A 1 132 ? 3.748   4.213   5.578   1.00 19.21 ? 132 HIS A C     1 
ATOM   985  O O     . HIS A 1 132 ? 3.961   3.968   4.378   1.00 18.58 ? 132 HIS A O     1 
ATOM   986  C CB    . HIS A 1 132 ? 3.366   6.603   6.262   1.00 20.34 ? 132 HIS A CB    1 
ATOM   987  C CG    . HIS A 1 132 ? 4.002   7.881   6.690   1.00 21.23 ? 132 HIS A CG    1 
ATOM   988  N ND1   . HIS A 1 132 ? 4.205   8.194   8.016   1.00 22.24 ? 132 HIS A ND1   1 
ATOM   989  C CD2   . HIS A 1 132 ? 4.567   8.878   5.975   1.00 21.38 ? 132 HIS A CD2   1 
ATOM   990  C CE1   . HIS A 1 132 ? 4.848   9.344   8.098   1.00 21.22 ? 132 HIS A CE1   1 
ATOM   991  N NE2   . HIS A 1 132 ? 5.081   9.778   6.875   1.00 21.48 ? 132 HIS A NE2   1 
ATOM   992  N N     . ARG A 1 133 ? 3.033   3.429   6.365   1.00 18.04 ? 133 ARG A N     1 
ATOM   993  C CA    . ARG A 1 133 ? 2.419   2.207   5.876   1.00 17.89 ? 133 ARG A CA    1 
ATOM   994  C C     . ARG A 1 133 ? 0.967   2.158   6.237   1.00 18.65 ? 133 ARG A C     1 
ATOM   995  O O     . ARG A 1 133 ? 0.581   2.424   7.389   1.00 18.93 ? 133 ARG A O     1 
ATOM   996  C CB    . ARG A 1 133 ? 3.091   0.968   6.474   1.00 18.32 ? 133 ARG A CB    1 
ATOM   997  C CG    . ARG A 1 133 ? 4.575   0.888   6.201   1.00 18.85 ? 133 ARG A CG    1 
ATOM   998  C CD    . ARG A 1 133 ? 5.383   1.400   7.377   1.00 19.94 ? 133 ARG A CD    1 
ATOM   999  N NE    . ARG A 1 133 ? 6.827   1.316   7.186   1.00 19.94 ? 133 ARG A NE    1 
ATOM   1000 C CZ    . ARG A 1 133 ? 7.574   0.228   7.392   1.00 19.39 ? 133 ARG A CZ    1 
ATOM   1001 N NH1   . ARG A 1 133 ? 7.033   -0.920  7.759   1.00 19.79 ? 133 ARG A NH1   1 
ATOM   1002 N NH2   . ARG A 1 133 ? 8.886   0.307   7.223   1.00 21.08 ? 133 ARG A NH2   1 
ATOM   1003 N N     . LEU A 1 134 ? 0.168   1.778   5.257   1.00 16.79 ? 134 LEU A N     1 
ATOM   1004 C CA    . LEU A 1 134 ? -1.199  1.405   5.482   1.00 16.88 ? 134 LEU A CA    1 
ATOM   1005 C C     . LEU A 1 134 ? -1.272  -0.107  5.501   1.00 17.38 ? 134 LEU A C     1 
ATOM   1006 O O     . LEU A 1 134 ? -1.108  -0.762  4.465   1.00 17.17 ? 134 LEU A O     1 
ATOM   1007 C CB    . LEU A 1 134 ? -2.121  2.005   4.419   1.00 16.45 ? 134 LEU A CB    1 
ATOM   1008 C CG    . LEU A 1 134 ? -3.580  1.618   4.527   1.00 17.34 ? 134 LEU A CG    1 
ATOM   1009 C CD1   . LEU A 1 134 ? -4.128  2.047   5.898   1.00 17.71 ? 134 LEU A CD1   1 
ATOM   1010 C CD2   . LEU A 1 134 ? -4.397  2.235   3.396   1.00 17.64 ? 134 LEU A CD2   1 
ATOM   1011 N N     . ARG A 1 135 ? -1.501  -0.649  6.683   1.00 17.27 ? 135 ARG A N     1 
ATOM   1012 C CA    . ARG A 1 135 ? -1.511  -2.068  6.919   1.00 18.22 ? 135 ARG A CA    1 
ATOM   1013 C C     . ARG A 1 135 ? -2.900  -2.627  6.829   1.00 17.79 ? 135 ARG A C     1 
ATOM   1014 O O     . ARG A 1 135 ? -3.698  -2.396  7.648   1.00 18.14 ? 135 ARG A O     1 
ATOM   1015 C CB    . ARG A 1 135 ? -0.899  -2.417  8.286   1.00 19.05 ? 135 ARG A CB    1 
ATOM   1016 C CG    . ARG A 1 135 ? 0.398   -1.707  8.569   1.00 21.50 ? 135 ARG A CG    1 
ATOM   1017 C CD    . ARG A 1 135 ? 0.780   -1.757  10.039  1.00 23.96 ? 135 ARG A CD    1 
ATOM   1018 N NE    . ARG A 1 135 ? 1.082   -3.093  10.441  1.00 27.99 ? 135 ARG A NE    1 
ATOM   1019 C CZ    . ARG A 1 135 ? 1.350   -3.465  11.673  1.00 33.36 ? 135 ARG A CZ    1 
ATOM   1020 N NH1   . ARG A 1 135 ? 1.386   -2.582  12.638  1.00 37.03 ? 135 ARG A NH1   1 
ATOM   1021 N NH2   . ARG A 1 135 ? 1.616   -4.722  11.940  1.00 35.20 ? 135 ARG A NH2   1 
ATOM   1022 N N     . LEU A 1 136 ? -3.137  -3.426  5.813   1.00 17.10 ? 136 LEU A N     1 
ATOM   1023 C CA    . LEU A 1 136 ? -4.427  -4.017  5.574   1.00 17.04 ? 136 LEU A CA    1 
ATOM   1024 C C     . LEU A 1 136 ? -4.456  -5.467  6.009   1.00 16.55 ? 136 LEU A C     1 
ATOM   1025 O O     . LEU A 1 136 ? -3.850  -6.262  5.402   1.00 16.60 ? 136 LEU A O     1 
ATOM   1026 C CB    . LEU A 1 136 ? -4.756  -3.921  4.078   1.00 17.30 ? 136 LEU A CB    1 
ATOM   1027 C CG    . LEU A 1 136 ? -4.722  -2.525  3.465   1.00 17.83 ? 136 LEU A CG    1 
ATOM   1028 C CD1   . LEU A 1 136 ? -4.686  -2.436  1.944   1.00 18.00 ? 136 LEU A CD1   1 
ATOM   1029 C CD2   . LEU A 1 136 ? -5.859  -1.687  4.011   1.00 18.23 ? 136 LEU A CD2   1 
ATOM   1030 N N     . GLY A 1 137 ? -5.212  -5.754  7.054   1.00 16.52 ? 137 GLY A N     1 
ATOM   1031 C CA    . GLY A 1 137 ? -5.252  -7.112  7.596   1.00 16.32 ? 137 GLY A CA    1 
ATOM   1032 C C     . GLY A 1 137 ? -5.730  -8.177  6.641   1.00 16.85 ? 137 GLY A C     1 
ATOM   1033 O O     . GLY A 1 137 ? -6.741  -7.992  5.960   1.00 16.97 ? 137 GLY A O     1 
ATOM   1034 N N     . ILE A 1 138 ? -4.983  -9.287  6.564   1.00 15.73 ? 138 ILE A N     1 
ATOM   1035 C CA    . ILE A 1 138 ? -5.376  -10.425 5.782   1.00 15.82 ? 138 ILE A CA    1 
ATOM   1036 C C     . ILE A 1 138 ? -5.430  -11.719 6.584   1.00 16.67 ? 138 ILE A C     1 
ATOM   1037 O O     . ILE A 1 138 ? -5.706  -12.770 6.024   1.00 16.89 ? 138 ILE A O     1 
ATOM   1038 C CB    . ILE A 1 138 ? -4.464  -10.627 4.541   1.00 15.49 ? 138 ILE A CB    1 
ATOM   1039 C CG1   . ILE A 1 138 ? -2.993  -10.843 4.957   1.00 15.44 ? 138 ILE A CG1   1 
ATOM   1040 C CG2   . ILE A 1 138 ? -4.585  -9.446  3.585   1.00 16.05 ? 138 ILE A CG2   1 
ATOM   1041 C CD1   . ILE A 1 138 ? -2.144  -11.422 3.849   1.00 15.51 ? 138 ILE A CD1   1 
ATOM   1042 N N     . GLY A 1 139 ? -5.173  -11.638 7.887   1.00 18.27 ? 139 GLY A N     1 
ATOM   1043 C CA    . GLY A 1 139 ? -5.152  -12.839 8.724   1.00 19.28 ? 139 GLY A CA    1 
ATOM   1044 C C     . GLY A 1 139 ? -3.871  -13.634 8.515   1.00 19.51 ? 139 GLY A C     1 
ATOM   1045 O O     . GLY A 1 139 ? -3.082  -13.353 7.609   1.00 18.39 ? 139 GLY A O     1 
ATOM   1046 N N     . HIS A 1 140 ? -3.680  -14.636 9.363   1.00 20.21 ? 140 HIS A N     1 
ATOM   1047 C CA    . HIS A 1 140 ? -2.483  -15.487 9.335   1.00 20.91 ? 140 HIS A CA    1 
ATOM   1048 C C     . HIS A 1 140 ? -2.931  -16.961 9.357   1.00 22.21 ? 140 HIS A C     1 
ATOM   1049 O O     . HIS A 1 140 ? -3.810  -17.326 10.133  1.00 21.42 ? 140 HIS A O     1 
ATOM   1050 C CB    . HIS A 1 140 ? -1.606  -15.163 10.545  1.00 21.31 ? 140 HIS A CB    1 
ATOM   1051 C CG    . HIS A 1 140 ? -0.224  -15.742 10.478  1.00 21.69 ? 140 HIS A CG    1 
ATOM   1052 N ND1   . HIS A 1 140 ? 0.011   -17.094 10.536  1.00 22.73 ? 140 HIS A ND1   1 
ATOM   1053 C CD2   . HIS A 1 140 ? 0.993   -15.155 10.385  1.00 22.39 ? 140 HIS A CD2   1 
ATOM   1054 C CE1   . HIS A 1 140 ? 1.311   -17.320 10.452  1.00 22.83 ? 140 HIS A CE1   1 
ATOM   1055 N NE2   . HIS A 1 140 ? 1.930   -16.159 10.380  1.00 23.13 ? 140 HIS A NE2   1 
ATOM   1056 N N     . PRO A 1 141 ? -2.335  -17.812 8.507   1.00 23.51 ? 141 PRO A N     1 
ATOM   1057 C CA    . PRO A 1 141 ? -2.766  -19.207 8.401   1.00 25.73 ? 141 PRO A CA    1 
ATOM   1058 C C     . PRO A 1 141 ? -2.531  -20.083 9.657   1.00 29.10 ? 141 PRO A C     1 
ATOM   1059 O O     . PRO A 1 141 ? -3.188  -21.099 9.827   1.00 31.20 ? 141 PRO A O     1 
ATOM   1060 C CB    . PRO A 1 141 ? -1.944  -19.734 7.220   1.00 25.41 ? 141 PRO A CB    1 
ATOM   1061 C CG    . PRO A 1 141 ? -0.732  -18.871 7.176   1.00 24.75 ? 141 PRO A CG    1 
ATOM   1062 C CD    . PRO A 1 141 ? -1.173  -17.521 7.647   1.00 24.65 ? 141 PRO A CD    1 
ATOM   1063 N N     . GLY A 1 142 ? -1.575  -19.722 10.484  1.00 29.42 ? 142 GLY A N     1 
ATOM   1064 C CA    . GLY A 1 142 ? -1.379  -20.375 11.771  1.00 34.27 ? 142 GLY A CA    1 
ATOM   1065 C C     . GLY A 1 142 ? -0.052  -21.103 11.897  1.00 36.67 ? 142 GLY A C     1 
ATOM   1066 O O     . GLY A 1 142 ? 0.240   -21.671 12.947  1.00 38.77 ? 142 GLY A O     1 
ATOM   1067 N N     . HIS A 1 143 ? 0.733   -21.165 10.838  1.00 37.97 ? 143 HIS A N     1 
ATOM   1068 C CA    . HIS A 1 143 ? 2.120   -21.548 10.932  1.00 41.51 ? 143 HIS A CA    1 
ATOM   1069 C C     . HIS A 1 143 ? 2.966   -21.000 9.822   1.00 38.32 ? 143 HIS A C     1 
ATOM   1070 O O     . HIS A 1 143 ? 2.504   -20.917 8.704   1.00 35.47 ? 143 HIS A O     1 
ATOM   1071 C CB    . HIS A 1 143 ? 2.284   -23.040 10.989  1.00 46.79 ? 143 HIS A CB    1 
ATOM   1072 C CG    . HIS A 1 143 ? 3.714   -23.462 11.267  1.00 53.51 ? 143 HIS A CG    1 
ATOM   1073 N ND1   . HIS A 1 143 ? 4.444   -24.128 10.383  1.00 55.15 ? 143 HIS A ND1   1 
ATOM   1074 C CD2   . HIS A 1 143 ? 4.548   -23.216 12.359  1.00 55.80 ? 143 HIS A CD2   1 
ATOM   1075 C CE1   . HIS A 1 143 ? 5.658   -24.335 10.878  1.00 57.56 ? 143 HIS A CE1   1 
ATOM   1076 N NE2   . HIS A 1 143 ? 5.723   -23.779 12.088  1.00 57.70 ? 143 HIS A NE2   1 
ATOM   1077 N N     . SER A 1 144 ? 4.222   -20.688 10.129  1.00 37.13 ? 144 SER A N     1 
ATOM   1078 C CA    . SER A 1 144 ? 5.185   -20.070 9.207   1.00 36.21 ? 144 SER A CA    1 
ATOM   1079 C C     . SER A 1 144 ? 5.264   -20.766 7.855   1.00 35.10 ? 144 SER A C     1 
ATOM   1080 O O     . SER A 1 144 ? 5.429   -20.111 6.835   1.00 31.83 ? 144 SER A O     1 
ATOM   1081 C CB    . SER A 1 144 ? 6.586   -20.042 9.832   1.00 38.25 ? 144 SER A CB    1 
ATOM   1082 O OG    . SER A 1 144 ? 7.087   -21.362 10.002  1.00 37.25 ? 144 SER A OG    1 
ATOM   1083 N N     . SER A 1 145 ? 5.145   -22.090 7.854   1.00 35.34 ? 145 SER A N     1 
ATOM   1084 C CA    . SER A 1 145 ? 5.233   -22.873 6.626   1.00 35.52 ? 145 SER A CA    1 
ATOM   1085 C C     . SER A 1 145 ? 4.034   -22.690 5.676   1.00 34.06 ? 145 SER A C     1 
ATOM   1086 O O     . SER A 1 145 ? 4.134   -22.997 4.487   1.00 32.93 ? 145 SER A O     1 
ATOM   1087 C CB    . SER A 1 145 ? 5.409   -24.358 6.962   1.00 37.05 ? 145 SER A CB    1 
ATOM   1088 O OG    . SER A 1 145 ? 4.213   -24.921 7.461   1.00 38.92 ? 145 SER A OG    1 
ATOM   1089 N N     . LEU A 1 146 ? 2.910   -22.208 6.201   1.00 31.43 ? 146 LEU A N     1 
ATOM   1090 C CA    . LEU A 1 146 ? 1.713   -21.957 5.390   1.00 31.65 ? 146 LEU A CA    1 
ATOM   1091 C C     . LEU A 1 146 ? 1.661   -20.536 4.788   1.00 28.48 ? 146 LEU A C     1 
ATOM   1092 O O     . LEU A 1 146 ? 0.846   -20.272 3.907   1.00 27.07 ? 146 LEU A O     1 
ATOM   1093 C CB    . LEU A 1 146 ? 0.454   -22.181 6.241   1.00 32.12 ? 146 LEU A CB    1 
ATOM   1094 C CG    . LEU A 1 146 ? 0.296   -23.567 6.873   1.00 33.34 ? 146 LEU A CG    1 
ATOM   1095 C CD1   . LEU A 1 146 ? -0.958  -23.643 7.721   1.00 34.35 ? 146 LEU A CD1   1 
ATOM   1096 C CD2   . LEU A 1 146 ? 0.254   -24.624 5.790   1.00 33.81 ? 146 LEU A CD2   1 
ATOM   1097 N N     . VAL A 1 147 ? 2.541   -19.644 5.239   1.00 28.22 ? 147 VAL A N     1 
ATOM   1098 C CA    . VAL A 1 147 ? 2.444   -18.228 4.871   1.00 26.34 ? 147 VAL A CA    1 
ATOM   1099 C C     . VAL A 1 147 ? 2.554   -18.001 3.358   1.00 25.78 ? 147 VAL A C     1 
ATOM   1100 O O     . VAL A 1 147 ? 1.731   -17.285 2.781   1.00 22.84 ? 147 VAL A O     1 
ATOM   1101 C CB    . VAL A 1 147 ? 3.463   -17.365 5.631   1.00 27.06 ? 147 VAL A CB    1 
ATOM   1102 C CG1   . VAL A 1 147 ? 3.554   -15.964 5.038   1.00 27.38 ? 147 VAL A CG1   1 
ATOM   1103 C CG2   . VAL A 1 147 ? 3.091   -17.298 7.105   1.00 27.08 ? 147 VAL A CG2   1 
ATOM   1104 N N     . SER A 1 148 ? 3.541   -18.606 2.709   1.00 25.16 ? 148 SER A N     1 
ATOM   1105 C CA    . SER A 1 148 ? 3.758   -18.336 1.284   1.00 24.50 ? 148 SER A CA    1 
ATOM   1106 C C     . SER A 1 148 ? 2.513   -18.683 0.445   1.00 25.16 ? 148 SER A C     1 
ATOM   1107 O O     . SER A 1 148 ? 2.052   -17.864 -0.369  1.00 23.85 ? 148 SER A O     1 
ATOM   1108 C CB    . SER A 1 148 ? 4.997   -19.085 0.759   1.00 25.84 ? 148 SER A CB    1 
ATOM   1109 O OG    . SER A 1 148 ? 5.088   -18.946 -0.657  1.00 28.10 ? 148 SER A OG    1 
ATOM   1110 N N     . GLY A 1 149 ? 1.965   -19.879 0.651   1.00 23.97 ? 149 GLY A N     1 
ATOM   1111 C CA    . GLY A 1 149 ? 0.757   -20.324 -0.071  1.00 24.13 ? 149 GLY A CA    1 
ATOM   1112 C C     . GLY A 1 149 ? -0.452  -19.452 0.254   1.00 24.26 ? 149 GLY A C     1 
ATOM   1113 O O     . GLY A 1 149 ? -1.302  -19.167 -0.611  1.00 25.02 ? 149 GLY A O     1 
ATOM   1114 N N     . TYR A 1 150 ? -0.514  -19.044 1.512   1.00 22.79 ? 150 TYR A N     1 
ATOM   1115 C CA    . TYR A 1 150 ? -1.595  -18.217 2.007   1.00 20.63 ? 150 TYR A CA    1 
ATOM   1116 C C     . TYR A 1 150 ? -1.653  -16.819 1.396   1.00 20.18 ? 150 TYR A C     1 
ATOM   1117 O O     . TYR A 1 150 ? -2.627  -16.450 0.871   1.00 19.87 ? 150 TYR A O     1 
ATOM   1118 C CB    . TYR A 1 150 ? -1.451  -18.074 3.501   1.00 20.36 ? 150 TYR A CB    1 
ATOM   1119 C CG    . TYR A 1 150 ? -2.560  -17.342 4.184   1.00 19.85 ? 150 TYR A CG    1 
ATOM   1120 C CD1   . TYR A 1 150 ? -3.689  -17.989 4.550   1.00 20.08 ? 150 TYR A CD1   1 
ATOM   1121 C CD2   . TYR A 1 150 ? -2.452  -16.020 4.510   1.00 19.99 ? 150 TYR A CD2   1 
ATOM   1122 C CE1   . TYR A 1 150 ? -4.703  -17.334 5.216   1.00 20.83 ? 150 TYR A CE1   1 
ATOM   1123 C CE2   . TYR A 1 150 ? -3.469  -15.358 5.149   1.00 20.02 ? 150 TYR A CE2   1 
ATOM   1124 C CZ    . TYR A 1 150 ? -4.595  -16.026 5.493   1.00 19.58 ? 150 TYR A CZ    1 
ATOM   1125 O OH    . TYR A 1 150 ? -5.605  -15.455 6.138   1.00 20.23 ? 150 TYR A OH    1 
ATOM   1126 N N     . VAL A 1 151 ? -0.561  -16.092 1.389   1.00 19.93 ? 151 VAL A N     1 
ATOM   1127 C CA    . VAL A 1 151 ? -0.594  -14.749 0.805   1.00 19.92 ? 151 VAL A CA    1 
ATOM   1128 C C     . VAL A 1 151 ? -0.775  -14.757 -0.723  1.00 19.79 ? 151 VAL A C     1 
ATOM   1129 O O     . VAL A 1 151 ? -1.340  -13.811 -1.286  1.00 18.95 ? 151 VAL A O     1 
ATOM   1130 C CB    . VAL A 1 151 ? 0.605   -13.855 1.201   1.00 21.62 ? 151 VAL A CB    1 
ATOM   1131 C CG1   . VAL A 1 151 ? 0.792   -13.822 2.711   1.00 21.85 ? 151 VAL A CG1   1 
ATOM   1132 C CG2   . VAL A 1 151 ? 1.898   -14.255 0.492   1.00 21.98 ? 151 VAL A CG2   1 
ATOM   1133 N N     . LEU A 1 152 ? -0.310  -15.818 -1.394  1.00 19.10 ? 152 LEU A N     1 
ATOM   1134 C CA    . LEU A 1 152 ? -0.506  -15.957 -2.841  1.00 21.08 ? 152 LEU A CA    1 
ATOM   1135 C C     . LEU A 1 152 ? -1.793  -16.669 -3.212  1.00 20.83 ? 152 LEU A C     1 
ATOM   1136 O O     . LEU A 1 152 ? -2.023  -16.972 -4.384  1.00 22.39 ? 152 LEU A O     1 
ATOM   1137 C CB    . LEU A 1 152 ? 0.669   -16.710 -3.467  1.00 21.50 ? 152 LEU A CB    1 
ATOM   1138 C CG    . LEU A 1 152 ? 2.022   -16.049 -3.269  1.00 22.03 ? 152 LEU A CG    1 
ATOM   1139 C CD1   . LEU A 1 152 ? 3.089   -16.918 -3.959  1.00 24.15 ? 152 LEU A CD1   1 
ATOM   1140 C CD2   . LEU A 1 152 ? 2.015   -14.656 -3.847  1.00 22.26 ? 152 LEU A CD2   1 
ATOM   1141 N N     . GLY A 1 153 ? -2.640  -16.928 -2.228  1.00 20.38 ? 153 GLY A N     1 
ATOM   1142 C CA    . GLY A 1 153 ? -3.927  -17.540 -2.486  1.00 21.02 ? 153 GLY A CA    1 
ATOM   1143 C C     . GLY A 1 153 ? -5.036  -16.504 -2.511  1.00 21.14 ? 153 GLY A C     1 
ATOM   1144 O O     . GLY A 1 153 ? -4.861  -15.356 -2.043  1.00 18.55 ? 153 GLY A O     1 
ATOM   1145 N N     . ARG A 1 154 ? -6.172  -16.906 -3.047  1.00 22.69 ? 154 ARG A N     1 
ATOM   1146 C CA    . ARG A 1 154 ? -7.375  -16.098 -3.014  1.00 23.91 ? 154 ARG A CA    1 
ATOM   1147 C C     . ARG A 1 154 ? -8.154  -16.435 -1.766  1.00 23.65 ? 154 ARG A C     1 
ATOM   1148 O O     . ARG A 1 154 ? -8.458  -17.531 -1.529  1.00 23.95 ? 154 ARG A O     1 
ATOM   1149 C CB    . ARG A 1 154 ? -8.228  -16.342 -4.245  1.00 27.87 ? 154 ARG A CB    1 
ATOM   1150 C CG    . ARG A 1 154 ? -7.529  -15.916 -5.499  1.00 32.65 ? 154 ARG A CG    1 
ATOM   1151 C CD    . ARG A 1 154 ? -8.341  -15.991 -6.771  1.00 37.51 ? 154 ARG A CD    1 
ATOM   1152 N NE    . ARG A 1 154 ? -7.718  -15.146 -7.788  1.00 44.00 ? 154 ARG A NE    1 
ATOM   1153 C CZ    . ARG A 1 154 ? -6.779  -15.556 -8.632  1.00 47.23 ? 154 ARG A CZ    1 
ATOM   1154 N NH1   . ARG A 1 154 ? -6.274  -14.734 -9.533  1.00 46.98 ? 154 ARG A NH1   1 
ATOM   1155 N NH2   . ARG A 1 154 ? -6.369  -16.811 -8.581  1.00 48.83 ? 154 ARG A NH2   1 
ATOM   1156 N N     . ALA A 1 155 ? -8.441  -15.439 -0.983  1.00 22.92 ? 155 ALA A N     1 
ATOM   1157 C CA    . ALA A 1 155 ? -9.148  -15.619 0.268   1.00 23.20 ? 155 ALA A CA    1 
ATOM   1158 C C     . ALA A 1 155 ? -10.615 -16.018 0.041   1.00 23.54 ? 155 ALA A C     1 
ATOM   1159 O O     . ALA A 1 155 ? -11.197 -15.717 -1.017  1.00 21.98 ? 155 ALA A O     1 
ATOM   1160 C CB    . ALA A 1 155 ? -9.061  -14.337 1.087   1.00 22.82 ? 155 ALA A CB    1 
ATOM   1161 N N     . PRO A 1 156 ? -11.248 -16.603 1.051   1.00 25.02 ? 156 PRO A N     1 
ATOM   1162 C CA    . PRO A 1 156 ? -12.679 -16.850 1.001   1.00 26.34 ? 156 PRO A CA    1 
ATOM   1163 C C     . PRO A 1 156 ? -13.434 -15.516 0.878   1.00 25.84 ? 156 PRO A C     1 
ATOM   1164 O O     . PRO A 1 156 ? -12.975 -14.488 1.303   1.00 23.29 ? 156 PRO A O     1 
ATOM   1165 C CB    . PRO A 1 156 ? -12.973 -17.457 2.369   1.00 26.52 ? 156 PRO A CB    1 
ATOM   1166 C CG    . PRO A 1 156 ? -11.721 -18.085 2.771   1.00 26.34 ? 156 PRO A CG    1 
ATOM   1167 C CD    . PRO A 1 156 ? -10.642 -17.216 2.227   1.00 25.62 ? 156 PRO A CD    1 
ATOM   1168 N N     . ARG A 1 157 ? -14.594 -15.574 0.261   1.00 28.37 ? 157 ARG A N     1 
ATOM   1169 C CA    . ARG A 1 157 ? -15.281 -14.333 -0.002  1.00 30.28 ? 157 ARG A CA    1 
ATOM   1170 C C     . ARG A 1 157 ? -15.536 -13.519 1.240   1.00 25.80 ? 157 ARG A C     1 
ATOM   1171 O O     . ARG A 1 157 ? -15.360 -12.364 1.214   1.00 26.61 ? 157 ARG A O     1 
ATOM   1172 C CB    . ARG A 1 157 ? -16.521 -14.477 -0.874  1.00 34.70 ? 157 ARG A CB    1 
ATOM   1173 C CG    . ARG A 1 157 ? -17.437 -15.613 -0.583  1.00 41.95 ? 157 ARG A CG    1 
ATOM   1174 C CD    . ARG A 1 157 ? -18.120 -15.971 -1.912  1.00 47.50 ? 157 ARG A CD    1 
ATOM   1175 N NE    . ARG A 1 157 ? -19.093 -17.049 -1.813  1.00 54.92 ? 157 ARG A NE    1 
ATOM   1176 C CZ    . ARG A 1 157 ? -18.800 -18.315 -1.630  1.00 59.15 ? 157 ARG A CZ    1 
ATOM   1177 N NH1   . ARG A 1 157 ? -17.560 -18.682 -1.406  1.00 62.73 ? 157 ARG A NH1   1 
ATOM   1178 N NH2   . ARG A 1 157 ? -19.743 -19.217 -1.611  1.00 61.04 ? 157 ARG A NH2   1 
ATOM   1179 N N     . SER A 1 158 ? -15.840 -14.144 2.336   1.00 25.06 ? 158 SER A N     1 
ATOM   1180 C CA    . SER A 1 158 ? -16.046 -13.408 3.594   1.00 24.83 ? 158 SER A CA    1 
ATOM   1181 C C     . SER A 1 158 ? -14.846 -12.560 3.986   1.00 23.57 ? 158 SER A C     1 
ATOM   1182 O O     . SER A 1 158 ? -14.989 -11.453 4.495   1.00 21.80 ? 158 SER A O     1 
ATOM   1183 C CB    . SER A 1 158 ? -16.369 -14.374 4.740   1.00 26.81 ? 158 SER A CB    1 
ATOM   1184 O OG    . SER A 1 158 ? -15.339 -15.320 4.909   1.00 29.01 ? 158 SER A OG    1 
ATOM   1185 N N     . GLU A 1 159 ? -13.650 -13.094 3.757   1.00 21.69 ? 159 GLU A N     1 
ATOM   1186 C CA    . GLU A 1 159 ? -12.434 -12.370 4.094   1.00 20.78 ? 159 GLU A CA    1 
ATOM   1187 C C     . GLU A 1 159 ? -12.164 -11.248 3.102   1.00 19.96 ? 159 GLU A C     1 
ATOM   1188 O O     . GLU A 1 159 ? -11.629 -10.209 3.482   1.00 19.66 ? 159 GLU A O     1 
ATOM   1189 C CB    . GLU A 1 159 ? -11.251 -13.338 4.136   1.00 21.52 ? 159 GLU A CB    1 
ATOM   1190 C CG    . GLU A 1 159 ? -11.358 -14.352 5.266   1.00 22.30 ? 159 GLU A CG    1 
ATOM   1191 C CD    . GLU A 1 159 ? -10.204 -15.337 5.315   1.00 24.12 ? 159 GLU A CD    1 
ATOM   1192 O OE1   . GLU A 1 159 ? -9.119  -15.037 4.780   1.00 23.73 ? 159 GLU A OE1   1 
ATOM   1193 O OE2   . GLU A 1 159 ? -10.388 -16.443 5.873   1.00 26.78 ? 159 GLU A OE2   1 
ATOM   1194 N N     . GLN A 1 160 ? -12.516 -11.469 1.853   1.00 19.71 ? 160 GLN A N     1 
ATOM   1195 C CA    . GLN A 1 160 ? -12.416 -10.419 0.872   1.00 20.49 ? 160 GLN A CA    1 
ATOM   1196 C C     . GLN A 1 160 ? -13.340 -9.257  1.168   1.00 20.13 ? 160 GLN A C     1 
ATOM   1197 O O     . GLN A 1 160 ? -12.962 -8.137  1.032   1.00 18.88 ? 160 GLN A O     1 
ATOM   1198 C CB    . GLN A 1 160 ? -12.670 -10.918 -0.528  1.00 23.28 ? 160 GLN A CB    1 
ATOM   1199 C CG    . GLN A 1 160 ? -11.782 -12.069 -0.919  1.00 26.24 ? 160 GLN A CG    1 
ATOM   1200 C CD    . GLN A 1 160 ? -11.671 -12.242 -2.402  1.00 29.76 ? 160 GLN A CD    1 
ATOM   1201 O OE1   . GLN A 1 160 ? -12.229 -11.481 -3.164  1.00 35.59 ? 160 GLN A OE1   1 
ATOM   1202 N NE2   . GLN A 1 160 ? -10.959 -13.239 -2.814  1.00 30.09 ? 160 GLN A NE2   1 
ATOM   1203 N N     . GLU A 1 161 ? -14.525 -9.498  1.569   1.00 20.43 ? 161 GLU A N     1 
ATOM   1204 C CA    . GLU A 1 161 ? -15.451 -8.441  1.935   1.00 20.87 ? 161 GLU A CA    1 
ATOM   1205 C C     . GLU A 1 161 ? -14.979 -7.669  3.109   1.00 20.31 ? 161 GLU A C     1 
ATOM   1206 O O     . GLU A 1 161 ? -15.131 -6.516  3.145   1.00 19.97 ? 161 GLU A O     1 
ATOM   1207 C CB    . GLU A 1 161 ? -16.782 -8.975  2.292   1.00 22.68 ? 161 GLU A CB    1 
ATOM   1208 C CG    . GLU A 1 161 ? -17.540 -9.388  1.100   1.00 24.02 ? 161 GLU A CG    1 
ATOM   1209 C CD    . GLU A 1 161 ? -18.832 -10.033 1.468   1.00 27.49 ? 161 GLU A CD    1 
ATOM   1210 O OE1   . GLU A 1 161 ? -18.787 -11.018 2.147   1.00 32.10 ? 161 GLU A OE1   1 
ATOM   1211 O OE2   . GLU A 1 161 ? -19.845 -9.565  1.096   1.00 25.64 ? 161 GLU A OE2   1 
ATOM   1212 N N     . LEU A 1 162 ? -14.419 -8.375  4.090   1.00 19.17 ? 162 LEU A N     1 
ATOM   1213 C CA    . LEU A 1 162 ? -13.837 -7.709  5.231   1.00 19.03 ? 162 LEU A CA    1 
ATOM   1214 C C     . LEU A 1 162 ? -12.662 -6.821  4.795   1.00 18.52 ? 162 LEU A C     1 
ATOM   1215 O O     . LEU A 1 162 ? -12.498 -5.700  5.294   1.00 18.50 ? 162 LEU A O     1 
ATOM   1216 C CB    . LEU A 1 162 ? -13.406 -8.751  6.287   1.00 20.21 ? 162 LEU A CB    1 
ATOM   1217 C CG    . LEU A 1 162 ? -14.581 -9.326  7.077   1.00 21.89 ? 162 LEU A CG    1 
ATOM   1218 C CD1   . LEU A 1 162 ? -14.197 -10.606 7.790   1.00 21.88 ? 162 LEU A CD1   1 
ATOM   1219 C CD2   . LEU A 1 162 ? -15.092 -8.288  8.070   1.00 22.26 ? 162 LEU A CD2   1 
ATOM   1220 N N     . LEU A 1 163 ? -11.855 -7.299  3.846   1.00 19.29 ? 163 LEU A N     1 
ATOM   1221 C CA    . LEU A 1 163 ? -10.780 -6.456  3.321   1.00 19.49 ? 163 LEU A CA    1 
ATOM   1222 C C     . LEU A 1 163 ? -11.360 -5.208  2.653   1.00 18.32 ? 163 LEU A C     1 
ATOM   1223 O O     . LEU A 1 163 ? -10.875 -4.094  2.864   1.00 18.10 ? 163 LEU A O     1 
ATOM   1224 C CB    . LEU A 1 163 ? -9.899  -7.225  2.335   1.00 19.89 ? 163 LEU A CB    1 
ATOM   1225 C CG    . LEU A 1 163 ? -8.811  -6.402  1.633   1.00 20.18 ? 163 LEU A CG    1 
ATOM   1226 C CD1   . LEU A 1 163 ? -7.890  -5.743  2.646   1.00 20.25 ? 163 LEU A CD1   1 
ATOM   1227 C CD2   . LEU A 1 163 ? -8.035  -7.292  0.668   1.00 20.48 ? 163 LEU A CD2   1 
ATOM   1228 N N     . ASP A 1 164 ? -12.398 -5.400  1.847   1.00 19.76 ? 164 ASP A N     1 
ATOM   1229 C CA    . ASP A 1 164 ? -13.070 -4.266  1.192   1.00 20.31 ? 164 ASP A CA    1 
ATOM   1230 C C     . ASP A 1 164 ? -13.529 -3.235  2.236   1.00 19.59 ? 164 ASP A C     1 
ATOM   1231 O O     . ASP A 1 164 ? -13.355 -2.036  2.061   1.00 19.33 ? 164 ASP A O     1 
ATOM   1232 C CB    . ASP A 1 164 ? -14.258 -4.739  0.362   1.00 20.96 ? 164 ASP A CB    1 
ATOM   1233 C CG    . ASP A 1 164 ? -13.857 -5.425  -0.926  1.00 23.34 ? 164 ASP A CG    1 
ATOM   1234 O OD1   . ASP A 1 164 ? -12.720 -5.207  -1.420  1.00 24.90 ? 164 ASP A OD1   1 
ATOM   1235 O OD2   . ASP A 1 164 ? -14.701 -6.174  -1.458  1.00 24.60 ? 164 ASP A OD2   1 
ATOM   1236 N N     . THR A 1 165 ? -14.072 -3.742  3.328   1.00 19.98 ? 165 THR A N     1 
ATOM   1237 C CA    . THR A 1 165 ? -14.509 -2.878  4.398   1.00 20.47 ? 165 THR A CA    1 
ATOM   1238 C C     . THR A 1 165 ? -13.365 -2.071  5.002   1.00 20.57 ? 165 THR A C     1 
ATOM   1239 O O     . THR A 1 165 ? -13.488 -0.930  5.178   1.00 20.89 ? 165 THR A O     1 
ATOM   1240 C CB    . THR A 1 165 ? -15.284 -3.671  5.477   1.00 21.56 ? 165 THR A CB    1 
ATOM   1241 O OG1   . THR A 1 165 ? -16.466 -4.158  4.913   1.00 21.67 ? 165 THR A OG1   1 
ATOM   1242 C CG2   . THR A 1 165 ? -15.602 -2.803  6.643   1.00 21.64 ? 165 THR A CG2   1 
ATOM   1243 N N     . SER A 1 166 ? -12.225 -2.680  5.254   1.00 19.56 ? 166 SER A N     1 
ATOM   1244 C CA    . SER A 1 166 ? -11.074 -2.011  5.809   1.00 19.27 ? 166 SER A CA    1 
ATOM   1245 C C     . SER A 1 166 ? -10.534 -0.978  4.824   1.00 16.96 ? 166 SER A C     1 
ATOM   1246 O O     . SER A 1 166 ? -10.046 0.059   5.240   1.00 16.53 ? 166 SER A O     1 
ATOM   1247 C CB    . SER A 1 166 ? -9.974  -3.017  6.227   1.00 20.02 ? 166 SER A CB    1 
ATOM   1248 O OG    . SER A 1 166 ? -9.296  -3.542  5.105   1.00 19.86 ? 166 SER A OG    1 
ATOM   1249 N N     . ILE A 1 167 ? -10.612 -1.269  3.527   1.00 16.47 ? 167 ILE A N     1 
ATOM   1250 C CA    . ILE A 1 167 ? -10.178 -0.315  2.509   1.00 17.16 ? 167 ILE A CA    1 
ATOM   1251 C C     . ILE A 1 167 ? -11.058 0.947   2.541   1.00 18.69 ? 167 ILE A C     1 
ATOM   1252 O O     . ILE A 1 167 ? -10.565 2.066   2.483   1.00 18.98 ? 167 ILE A O     1 
ATOM   1253 C CB    . ILE A 1 167 ? -10.144 -0.964  1.105   1.00 17.00 ? 167 ILE A CB    1 
ATOM   1254 C CG1   . ILE A 1 167 ? -8.902  -1.889  1.017   1.00 16.85 ? 167 ILE A CG1   1 
ATOM   1255 C CG2   . ILE A 1 167 ? -10.087 0.104   0.021   1.00 17.71 ? 167 ILE A CG2   1 
ATOM   1256 C CD1   . ILE A 1 167 ? -8.758  -2.692  -0.254  1.00 16.84 ? 167 ILE A CD1   1 
ATOM   1257 N N     . ASP A 1 168 ? -12.330 0.743   2.699   1.00 21.46 ? 168 ASP A N     1 
ATOM   1258 C CA    . ASP A 1 168 ? -13.224 1.859   2.864   1.00 24.28 ? 168 ASP A CA    1 
ATOM   1259 C C     . ASP A 1 168 ? -12.976 2.714   4.090   1.00 23.08 ? 168 ASP A C     1 
ATOM   1260 O O     . ASP A 1 168 ? -13.013 3.869   4.004   1.00 22.83 ? 168 ASP A O     1 
ATOM   1261 C CB    . ASP A 1 168 ? -14.640 1.394   2.781   1.00 26.76 ? 168 ASP A CB    1 
ATOM   1262 C CG    . ASP A 1 168 ? -15.143 1.428   1.393   1.00 29.97 ? 168 ASP A CG    1 
ATOM   1263 O OD1   . ASP A 1 168 ? -14.372 1.719   0.479   1.00 34.19 ? 168 ASP A OD1   1 
ATOM   1264 O OD2   . ASP A 1 168 ? -16.299 1.203   1.213   1.00 33.54 ? 168 ASP A OD2   1 
ATOM   1265 N N     . PHE A 1 169 ? -12.675 2.107   5.214   1.00 23.49 ? 169 PHE A N     1 
ATOM   1266 C CA    . PHE A 1 169 ? -12.290 2.836   6.411   1.00 22.66 ? 169 PHE A CA    1 
ATOM   1267 C C     . PHE A 1 169 ? -11.082 3.673   6.129   1.00 21.41 ? 169 PHE A C     1 
ATOM   1268 O O     . PHE A 1 169 ? -11.012 4.829   6.529   1.00 19.87 ? 169 PHE A O     1 
ATOM   1269 C CB    . PHE A 1 169 ? -11.929 1.894   7.578   1.00 24.89 ? 169 PHE A CB    1 
ATOM   1270 C CG    . PHE A 1 169 ? -13.075 1.097   8.123   1.00 27.36 ? 169 PHE A CG    1 
ATOM   1271 C CD1   . PHE A 1 169 ? -14.380 1.596   8.121   1.00 29.57 ? 169 PHE A CD1   1 
ATOM   1272 C CD2   . PHE A 1 169 ? -12.837 -0.137  8.727   1.00 29.41 ? 169 PHE A CD2   1 
ATOM   1273 C CE1   . PHE A 1 169 ? -15.423 0.852   8.653   1.00 31.34 ? 169 PHE A CE1   1 
ATOM   1274 C CE2   . PHE A 1 169 ? -13.881 -0.877  9.262   1.00 30.41 ? 169 PHE A CE2   1 
ATOM   1275 C CZ    . PHE A 1 169 ? -15.171 -0.384  9.228   1.00 31.70 ? 169 PHE A CZ    1 
ATOM   1276 N N     . ALA A 1 170 ? -10.094 3.081   5.450   1.00 19.44 ? 170 ALA A N     1 
ATOM   1277 C CA    . ALA A 1 170 ? -8.865  3.802   5.151   1.00 19.06 ? 170 ALA A CA    1 
ATOM   1278 C C     . ALA A 1 170 ? -9.127  4.994   4.208   1.00 18.35 ? 170 ALA A C     1 
ATOM   1279 O O     . ALA A 1 170 ? -8.580  6.088   4.395   1.00 19.20 ? 170 ALA A O     1 
ATOM   1280 C CB    . ALA A 1 170 ? -7.841  2.850   4.548   1.00 19.13 ? 170 ALA A CB    1 
ATOM   1281 N N     . LEU A 1 171 ? -9.975  4.792   3.213   1.00 19.55 ? 171 LEU A N     1 
ATOM   1282 C CA    . LEU A 1 171 ? -10.323 5.901   2.292   1.00 20.42 ? 171 LEU A CA    1 
ATOM   1283 C C     . LEU A 1 171 ? -11.009 7.039   3.054   1.00 21.65 ? 171 LEU A C     1 
ATOM   1284 O O     . LEU A 1 171 ? -10.841 8.216   2.732   1.00 22.32 ? 171 LEU A O     1 
ATOM   1285 C CB    . LEU A 1 171 ? -11.198 5.403   1.146   1.00 20.30 ? 171 LEU A CB    1 
ATOM   1286 C CG    . LEU A 1 171 ? -10.457 4.520   0.139   1.00 19.83 ? 171 LEU A CG    1 
ATOM   1287 C CD1   . LEU A 1 171 ? -11.418 3.893   -0.854  1.00 20.22 ? 171 LEU A CD1   1 
ATOM   1288 C CD2   . LEU A 1 171 ? -9.381  5.313   -0.568  1.00 20.33 ? 171 LEU A CD2   1 
ATOM   1289 N N     . GLY A 1 172 ? -11.761 6.675   4.085   1.00 23.15 ? 172 GLY A N     1 
ATOM   1290 C CA    . GLY A 1 172 ? -12.385 7.646   4.969   1.00 23.66 ? 172 GLY A CA    1 
ATOM   1291 C C     . GLY A 1 172 ? -11.450 8.588   5.695   1.00 24.89 ? 172 GLY A C     1 
ATOM   1292 O O     . GLY A 1 172 ? -11.881 9.684   6.097   1.00 24.22 ? 172 GLY A O     1 
ATOM   1293 N N     . VAL A 1 173 ? -10.191 8.184   5.879   1.00 20.90 ? 173 VAL A N     1 
ATOM   1294 C CA    . VAL A 1 173 ? -9.180  9.086   6.425   1.00 21.24 ? 173 VAL A CA    1 
ATOM   1295 C C     . VAL A 1 173 ? -8.180  9.621   5.415   1.00 20.89 ? 173 VAL A C     1 
ATOM   1296 O O     . VAL A 1 173 ? -7.163  10.094  5.753   1.00 20.17 ? 173 VAL A O     1 
ATOM   1297 C CB    . VAL A 1 173 ? -8.450  8.570   7.661   1.00 21.43 ? 173 VAL A CB    1 
ATOM   1298 C CG1   . VAL A 1 173 ? -9.434  8.164   8.709   1.00 22.46 ? 173 VAL A CG1   1 
ATOM   1299 C CG2   . VAL A 1 173 ? -7.601  7.396   7.299   1.00 22.06 ? 173 VAL A CG2   1 
ATOM   1300 N N     . LEU A 1 174 ? -8.551  9.565   4.149   1.00 22.06 ? 174 LEU A N     1 
ATOM   1301 C CA    . LEU A 1 174 ? -7.702  10.080  3.100   1.00 22.77 ? 174 LEU A CA    1 
ATOM   1302 C C     . LEU A 1 174 ? -7.405  11.551  3.302   1.00 22.56 ? 174 LEU A C     1 
ATOM   1303 O O     . LEU A 1 174 ? -6.298  11.944  3.165   1.00 22.92 ? 174 LEU A O     1 
ATOM   1304 C CB    . LEU A 1 174 ? -8.347  9.866   1.736   1.00 23.47 ? 174 LEU A CB    1 
ATOM   1305 C CG    . LEU A 1 174 ? -7.528  10.307  0.541   1.00 24.41 ? 174 LEU A CG    1 
ATOM   1306 C CD1   . LEU A 1 174 ? -6.226  9.570   0.459   1.00 24.50 ? 174 LEU A CD1   1 
ATOM   1307 C CD2   . LEU A 1 174 ? -8.263  10.058  -0.746  1.00 25.86 ? 174 LEU A CD2   1 
ATOM   1308 N N     . PRO A 1 175 ? -8.382  12.355  3.702   1.00 22.18 ? 175 PRO A N     1 
ATOM   1309 C CA    . PRO A 1 175 ? -8.026  13.760  3.929   1.00 22.12 ? 175 PRO A CA    1 
ATOM   1310 C C     . PRO A 1 175 ? -6.861  13.944  4.911   1.00 21.23 ? 175 PRO A C     1 
ATOM   1311 O O     . PRO A 1 175 ? -5.912  14.696  4.637   1.00 21.43 ? 175 PRO A O     1 
ATOM   1312 C CB    . PRO A 1 175 ? -9.331  14.379  4.467   1.00 22.49 ? 175 PRO A CB    1 
ATOM   1313 C CG    . PRO A 1 175 ? -10.420 13.486  3.986   1.00 23.21 ? 175 PRO A CG    1 
ATOM   1314 C CD    . PRO A 1 175 ? -9.822  12.094  3.891   1.00 22.08 ? 175 PRO A CD    1 
ATOM   1315 N N     . GLU A 1 176 ? -6.923  13.233  6.013   1.00 21.88 ? 176 GLU A N     1 
ATOM   1316 C CA    . GLU A 1 176 ? -5.883  13.264  7.005   1.00 22.22 ? 176 GLU A CA    1 
ATOM   1317 C C     . GLU A 1 176 ? -4.567  12.727  6.508   1.00 22.07 ? 176 GLU A C     1 
ATOM   1318 O O     . GLU A 1 176 ? -3.563  13.291  6.739   1.00 22.89 ? 176 GLU A O     1 
ATOM   1319 C CB    . GLU A 1 176 ? -6.298  12.493  8.238   1.00 24.10 ? 176 GLU A CB    1 
ATOM   1320 C CG    . GLU A 1 176 ? -7.292  13.221  9.109   1.00 25.37 ? 176 GLU A CG    1 
ATOM   1321 C CD    . GLU A 1 176 ? -8.713  13.157  8.600   1.00 26.68 ? 176 GLU A CD    1 
ATOM   1322 O OE1   . GLU A 1 176 ? -9.548  13.895  9.120   1.00 28.18 ? 176 GLU A OE1   1 
ATOM   1323 O OE2   . GLU A 1 176 ? -9.002  12.376  7.718   1.00 26.31 ? 176 GLU A OE2   1 
ATOM   1324 N N     . MET A 1 177 ? -4.622  11.623  5.797   1.00 22.84 ? 177 MET A N     1 
ATOM   1325 C CA    . MET A 1 177 ? -3.415  11.000  5.244   1.00 22.03 ? 177 MET A CA    1 
ATOM   1326 C C     . MET A 1 177 ? -2.750  11.928  4.224   1.00 21.13 ? 177 MET A C     1 
ATOM   1327 O O     . MET A 1 177 ? -1.557  12.206  4.312   1.00 21.24 ? 177 MET A O     1 
ATOM   1328 C CB    . MET A 1 177 ? -3.759  9.651   4.626   1.00 21.73 ? 177 MET A CB    1 
ATOM   1329 C CG    . MET A 1 177 ? -4.248  8.630   5.633   1.00 22.09 ? 177 MET A CG    1 
ATOM   1330 S SD    . MET A 1 177 ? -4.217  6.909   5.082   1.00 22.02 ? 177 MET A SD    1 
ATOM   1331 C CE    . MET A 1 177 ? -5.418  6.895   3.757   1.00 21.91 ? 177 MET A CE    1 
ATOM   1332 N N     . LEU A 1 178 ? -3.528  12.456  3.288   1.00 21.97 ? 178 LEU A N     1 
ATOM   1333 C CA    . LEU A 1 178 ? -2.960  13.380  2.292   1.00 23.23 ? 178 LEU A CA    1 
ATOM   1334 C C     . LEU A 1 178 ? -2.271  14.588  2.929   1.00 23.81 ? 178 LEU A C     1 
ATOM   1335 O O     . LEU A 1 178 ? -1.204  15.013  2.475   1.00 24.02 ? 178 LEU A O     1 
ATOM   1336 C CB    . LEU A 1 178 ? -4.027  13.854  1.299   1.00 24.62 ? 178 LEU A CB    1 
ATOM   1337 C CG    . LEU A 1 178 ? -4.646  12.802  0.381   1.00 24.80 ? 178 LEU A CG    1 
ATOM   1338 C CD1   . LEU A 1 178 ? -5.734  13.415  -0.497  1.00 24.81 ? 178 LEU A CD1   1 
ATOM   1339 C CD2   . LEU A 1 178 ? -3.584  12.103  -0.456  1.00 25.90 ? 178 LEU A CD2   1 
ATOM   1340 N N     . ALA A 1 179 ? -2.869  15.134  3.990   1.00 24.80 ? 179 ALA A N     1 
ATOM   1341 C CA    . ALA A 1 179 ? -2.298  16.281  4.692   1.00 26.59 ? 179 ALA A CA    1 
ATOM   1342 C C     . ALA A 1 179 ? -1.072  15.916  5.542   1.00 27.19 ? 179 ALA A C     1 
ATOM   1343 O O     . ALA A 1 179 ? -0.343  16.807  5.986   1.00 29.92 ? 179 ALA A O     1 
ATOM   1344 C CB    . ALA A 1 179 ? -3.366  16.950  5.560   1.00 26.80 ? 179 ALA A CB    1 
ATOM   1345 N N     . GLY A 1 180 ? -0.839  14.620  5.758   1.00 28.12 ? 180 GLY A N     1 
ATOM   1346 C CA    . GLY A 1 180 ? 0.218   14.148  6.660   1.00 27.28 ? 180 GLY A CA    1 
ATOM   1347 C C     . GLY A 1 180 ? -0.130  14.248  8.141   1.00 29.33 ? 180 GLY A C     1 
ATOM   1348 O O     . GLY A 1 180 ? 0.756   14.237  8.998   1.00 29.46 ? 180 GLY A O     1 
ATOM   1349 N N     . ASP A 1 181 ? -1.404  14.335  8.445   1.00 29.87 ? 181 ASP A N     1 
ATOM   1350 C CA    . ASP A 1 181 ? -1.885  14.393  9.820   1.00 29.79 ? 181 ASP A CA    1 
ATOM   1351 C C     . ASP A 1 181 ? -2.106  12.994  10.359  1.00 28.27 ? 181 ASP A C     1 
ATOM   1352 O O     . ASP A 1 181 ? -3.189  12.564  10.551  1.00 29.34 ? 181 ASP A O     1 
ATOM   1353 C CB    . ASP A 1 181 ? -3.159  15.235  9.876   1.00 30.19 ? 181 ASP A CB    1 
ATOM   1354 C CG    . ASP A 1 181 ? -3.552  15.642  11.277  1.00 31.24 ? 181 ASP A CG    1 
ATOM   1355 O OD1   . ASP A 1 181 ? -2.984  15.147  12.229  1.00 30.65 ? 181 ASP A OD1   1 
ATOM   1356 O OD2   . ASP A 1 181 ? -4.438  16.476  11.404  1.00 30.40 ? 181 ASP A OD2   1 
ATOM   1357 N N     . TRP A 1 182 ? -1.028  12.285  10.584  1.00 28.14 ? 182 TRP A N     1 
ATOM   1358 C CA    . TRP A 1 182 ? -1.102  10.864  10.920  1.00 28.50 ? 182 TRP A CA    1 
ATOM   1359 C C     . TRP A 1 182 ? -1.767  10.625  12.267  1.00 27.61 ? 182 TRP A C     1 
ATOM   1360 O O     . TRP A 1 182 ? -2.463  9.640   12.439  1.00 25.71 ? 182 TRP A O     1 
ATOM   1361 C CB    . TRP A 1 182 ? 0.298   10.205  10.857  1.00 27.36 ? 182 TRP A CB    1 
ATOM   1362 C CG    . TRP A 1 182 ? 0.923   10.394  9.517   1.00 26.24 ? 182 TRP A CG    1 
ATOM   1363 C CD1   . TRP A 1 182 ? 1.922   11.254  9.198   1.00 26.67 ? 182 TRP A CD1   1 
ATOM   1364 C CD2   . TRP A 1 182 ? 0.523   9.769   8.300   1.00 24.57 ? 182 TRP A CD2   1 
ATOM   1365 N NE1   . TRP A 1 182 ? 2.194   11.191  7.852   1.00 25.75 ? 182 TRP A NE1   1 
ATOM   1366 C CE2   . TRP A 1 182 ? 1.347   10.281  7.280   1.00 24.77 ? 182 TRP A CE2   1 
ATOM   1367 C CE3   . TRP A 1 182 ? -0.451  8.815   7.972   1.00 24.68 ? 182 TRP A CE3   1 
ATOM   1368 C CZ2   . TRP A 1 182 ? 1.229   9.881   5.962   1.00 24.09 ? 182 TRP A CZ2   1 
ATOM   1369 C CZ3   . TRP A 1 182 ? -0.577  8.418   6.645   1.00 24.67 ? 182 TRP A CZ3   1 
ATOM   1370 C CH2   . TRP A 1 182 ? 0.265   8.938   5.664   1.00 24.18 ? 182 TRP A CH2   1 
ATOM   1371 N N     . THR A 1 183 ? -1.591  11.538  13.198  1.00 30.57 ? 183 THR A N     1 
ATOM   1372 C CA    . THR A 1 183 ? -2.192  11.394  14.503  1.00 31.71 ? 183 THR A CA    1 
ATOM   1373 C C     . THR A 1 183 ? -3.688  11.354  14.367  1.00 29.26 ? 183 THR A C     1 
ATOM   1374 O O     . THR A 1 183 ? -4.288  10.479  14.863  1.00 29.23 ? 183 THR A O     1 
ATOM   1375 C CB    . THR A 1 183 ? -1.856  12.593  15.404  1.00 33.13 ? 183 THR A CB    1 
ATOM   1376 O OG1   . THR A 1 183 ? -0.456  12.746  15.505  1.00 37.41 ? 183 THR A OG1   1 
ATOM   1377 C CG2   . THR A 1 183 ? -2.416  12.430  16.743  1.00 34.51 ? 183 THR A CG2   1 
ATOM   1378 N N     . ARG A 1 184 ? -4.227  12.303  13.622  1.00 28.18 ? 184 ARG A N     1 
ATOM   1379 C CA    . ARG A 1 184 ? -5.646  12.307  13.359  1.00 28.77 ? 184 ARG A CA    1 
ATOM   1380 C C     . ARG A 1 184 ? -6.133  11.112  12.525  1.00 27.92 ? 184 ARG A C     1 
ATOM   1381 O O     . ARG A 1 184 ? -7.070  10.498  12.848  1.00 28.11 ? 184 ARG A O     1 
ATOM   1382 C CB    . ARG A 1 184 ? -6.107  13.647  12.799  1.00 30.94 ? 184 ARG A CB    1 
ATOM   1383 C CG    . ARG A 1 184 ? -7.593  13.795  12.798  1.00 35.09 ? 184 ARG A CG    1 
ATOM   1384 C CD    . ARG A 1 184 ? -8.149  14.398  14.091  1.00 37.68 ? 184 ARG A CD    1 
ATOM   1385 N NE    . ARG A 1 184 ? -9.589  14.213  14.141  1.00 41.54 ? 184 ARG A NE    1 
ATOM   1386 C CZ    . ARG A 1 184 ? -10.193 13.272  14.849  1.00 44.63 ? 184 ARG A CZ    1 
ATOM   1387 N NH1   . ARG A 1 184 ? -9.498  12.488  15.618  1.00 46.83 ? 184 ARG A NH1   1 
ATOM   1388 N NH2   . ARG A 1 184 ? -11.496 13.134  14.808  1.00 46.32 ? 184 ARG A NH2   1 
ATOM   1389 N N     . ALA A 1 185 ? -5.413  10.774  11.469  1.00 27.60 ? 185 ALA A N     1 
ATOM   1390 C CA    . ALA A 1 185 ? -5.762  9.611   10.647  1.00 25.56 ? 185 ALA A CA    1 
ATOM   1391 C C     . ALA A 1 185 ? -5.829  8.366   11.525  1.00 25.12 ? 185 ALA A C     1 
ATOM   1392 O O     . ALA A 1 185 ? -6.758  7.594   11.432  1.00 24.90 ? 185 ALA A O     1 
ATOM   1393 C CB    . ALA A 1 185 ? -4.741  9.420   9.523   1.00 25.21 ? 185 ALA A CB    1 
ATOM   1394 N N     . MET A 1 186 ? -4.836  8.203   12.398  1.00 27.32 ? 186 MET A N     1 
ATOM   1395 C CA    . MET A 1 186 ? -4.757  7.040   13.285  1.00 28.68 ? 186 MET A CA    1 
ATOM   1396 C C     . MET A 1 186 ? -5.906  7.034   14.280  1.00 29.42 ? 186 MET A C     1 
ATOM   1397 O O     . MET A 1 186 ? -6.564  6.009   14.478  1.00 29.91 ? 186 MET A O     1 
ATOM   1398 C CB    . MET A 1 186 ? -3.395  7.005   14.012  1.00 30.17 ? 186 MET A CB    1 
ATOM   1399 C CG    . MET A 1 186 ? -2.198  6.634   13.136  1.00 31.22 ? 186 MET A CG    1 
ATOM   1400 S SD    . MET A 1 186 ? -0.591  6.504   13.988  1.00 33.93 ? 186 MET A SD    1 
ATOM   1401 C CE    . MET A 1 186 ? 0.534   6.413   12.585  1.00 34.71 ? 186 MET A CE    1 
ATOM   1402 N N     . GLN A 1 187 ? -6.206  8.191   14.840  1.00 31.41 ? 187 GLN A N     1 
ATOM   1403 C CA    . GLN A 1 187 ? -7.275  8.237   15.798  1.00 33.98 ? 187 GLN A CA    1 
ATOM   1404 C C     . GLN A 1 187 ? -8.562  7.839   15.180  1.00 32.03 ? 187 GLN A C     1 
ATOM   1405 O O     . GLN A 1 187 ? -9.254  7.062   15.730  1.00 33.51 ? 187 GLN A O     1 
ATOM   1406 C CB    . GLN A 1 187 ? -7.445  9.650   16.334  1.00 36.08 ? 187 GLN A CB    1 
ATOM   1407 C CG    . GLN A 1 187 ? -6.367  10.066  17.286  1.00 40.88 ? 187 GLN A CG    1 
ATOM   1408 C CD    . GLN A 1 187 ? -6.469  11.506  17.717  1.00 45.73 ? 187 GLN A CD    1 
ATOM   1409 O OE1   . GLN A 1 187 ? -7.262  12.288  17.184  1.00 46.89 ? 187 GLN A OE1   1 
ATOM   1410 N NE2   . GLN A 1 187 ? -5.636  11.871  18.680  1.00 48.03 ? 187 GLN A NE2   1 
ATOM   1411 N N     . LYS A 1 188 ? -8.852  8.366   14.005  1.00 31.63 ? 188 LYS A N     1 
ATOM   1412 C CA    . LYS A 1 188 ? -10.076 8.021   13.279  1.00 30.94 ? 188 LYS A CA    1 
ATOM   1413 C C     . LYS A 1 188 ? -10.115 6.567   12.785  1.00 30.72 ? 188 LYS A C     1 
ATOM   1414 O O     . LYS A 1 188 ? -11.141 5.874   12.888  1.00 31.34 ? 188 LYS A O     1 
ATOM   1415 C CB    . LYS A 1 188 ? -10.262 8.938   12.068  1.00 32.84 ? 188 LYS A CB    1 
ATOM   1416 C CG    . LYS A 1 188 ? -10.647 10.377  12.365  1.00 34.50 ? 188 LYS A CG    1 
ATOM   1417 C CD    . LYS A 1 188 ? -11.062 11.055  11.063  1.00 36.34 ? 188 LYS A CD    1 
ATOM   1418 C CE    . LYS A 1 188 ? -11.529 12.483  11.262  1.00 38.18 ? 188 LYS A CE    1 
ATOM   1419 N NZ    . LYS A 1 188 ? -12.277 12.955  10.061  1.00 38.02 ? 188 LYS A NZ    1 
ATOM   1420 N N     . LEU A 1 189 ? -9.033  6.134   12.168  1.00 29.18 ? 189 LEU A N     1 
ATOM   1421 C CA    . LEU A 1 189 ? -8.977  4.797   11.609  1.00 28.40 ? 189 LEU A CA    1 
ATOM   1422 C C     . LEU A 1 189 ? -8.935  3.671   12.619  1.00 28.35 ? 189 LEU A C     1 
ATOM   1423 O O     . LEU A 1 189 ? -9.677  2.757   12.544  1.00 28.78 ? 189 LEU A O     1 
ATOM   1424 C CB    . LEU A 1 189 ? -7.762  4.689   10.704  1.00 26.44 ? 189 LEU A CB    1 
ATOM   1425 C CG    . LEU A 1 189 ? -7.659  3.366   10.009  1.00 25.92 ? 189 LEU A CG    1 
ATOM   1426 C CD1   . LEU A 1 189 ? -8.838  3.160   9.116   1.00 26.10 ? 189 LEU A CD1   1 
ATOM   1427 C CD2   . LEU A 1 189 ? -6.388  3.390   9.234   1.00 26.37 ? 189 LEU A CD2   1 
ATOM   1428 N N     . HIS A 1 190 ? -8.077  3.798   13.601  1.00 32.47 ? 190 HIS A N     1 
ATOM   1429 C CA    . HIS A 1 190 ? -7.926  2.690   14.566  1.00 34.85 ? 190 HIS A CA    1 
ATOM   1430 C C     . HIS A 1 190 ? -9.149  2.528   15.480  1.00 38.16 ? 190 HIS A C     1 
ATOM   1431 O O     . HIS A 1 190 ? -9.279  1.510   16.159  1.00 37.84 ? 190 HIS A O     1 
ATOM   1432 C CB    . HIS A 1 190 ? -6.662  2.831   15.404  1.00 33.85 ? 190 HIS A CB    1 
ATOM   1433 C CG    . HIS A 1 190 ? -5.413  2.988   14.600  1.00 32.02 ? 190 HIS A CG    1 
ATOM   1434 N ND1   . HIS A 1 190 ? -4.216  3.365   15.163  1.00 31.14 ? 190 HIS A ND1   1 
ATOM   1435 C CD2   . HIS A 1 190 ? -5.180  2.864   13.273  1.00 32.73 ? 190 HIS A CD2   1 
ATOM   1436 C CE1   . HIS A 1 190 ? -3.291  3.442   14.223  1.00 31.07 ? 190 HIS A CE1   1 
ATOM   1437 N NE2   . HIS A 1 190 ? -3.854  3.149   13.067  1.00 29.47 ? 190 HIS A NE2   1 
ATOM   1438 N N     . SER A 1 191 ? -10.049 3.509   15.475  1.00 41.66 ? 191 SER A N     1 
ATOM   1439 C CA    . SER A 1 191 ? -11.289 3.421   16.252  1.00 45.02 ? 191 SER A CA    1 
ATOM   1440 C C     . SER A 1 191 ? -12.466 2.799   15.489  1.00 47.00 ? 191 SER A C     1 
ATOM   1441 O O     . SER A 1 191 ? -13.563 2.707   16.033  1.00 47.58 ? 191 SER A O     1 
ATOM   1442 C CB    . SER A 1 191 ? -11.663 4.811   16.769  1.00 46.43 ? 191 SER A CB    1 
ATOM   1443 O OG    . SER A 1 191 ? -11.605 5.764   15.727  1.00 48.37 ? 191 SER A OG    1 
ATOM   1444 N N     . GLN A 1 192 ? -12.234 2.340   14.255  1.00 49.04 ? 192 GLN A N     1 
ATOM   1445 C CA    . GLN A 1 192 ? -13.292 1.757   13.403  1.00 50.79 ? 192 GLN A CA    1 
ATOM   1446 C C     . GLN A 1 192 ? -13.382 0.224   13.507  1.00 52.58 ? 192 GLN A C     1 
ATOM   1447 O O     . GLN A 1 192 ? -12.351 -0.446  13.563  1.00 54.83 ? 192 GLN A O     1 
ATOM   1448 C CB    . GLN A 1 192 ? -13.036 2.134   11.938  1.00 51.79 ? 192 GLN A CB    1 
ATOM   1449 C CG    . GLN A 1 192 ? -13.276 3.600   11.620  1.00 53.48 ? 192 GLN A CG    1 
ATOM   1450 C CD    . GLN A 1 192 ? -14.729 3.885   11.290  1.00 54.59 ? 192 GLN A CD    1 
ATOM   1451 O OE1   . GLN A 1 192 ? -15.644 3.340   11.913  1.00 56.10 ? 192 GLN A OE1   1 
ATOM   1452 N NE2   . GLN A 1 192 ? -14.951 4.740   10.307  1.00 57.75 ? 192 GLN A NE2   1 
ATOM   1453 N N     . LYS A 1 193 ? -14.599 -0.319  13.516  1.00 51.30 ? 193 LYS A N     1 
ATOM   1454 C CA    . LYS A 1 193 ? -14.839 -1.768  13.664  1.00 54.36 ? 193 LYS A CA    1 
ATOM   1455 C C     . LYS A 1 193 ? -15.580 -2.431  12.519  1.00 49.68 ? 193 LYS A C     1 
ATOM   1456 O O     . LYS A 1 193 ? -16.730 -2.129  12.299  1.00 53.29 ? 193 LYS A O     1 
ATOM   1457 C CB    . LYS A 1 193 ? -15.640 -2.017  14.949  1.00 55.77 ? 193 LYS A CB    1 
ATOM   1458 C CG    . LYS A 1 193 ? -15.810 -3.455  15.383  1.00 56.95 ? 193 LYS A CG    1 
ATOM   1459 C CD    . LYS A 1 193 ? -15.603 -3.502  16.890  1.00 57.85 ? 193 LYS A CD    1 
ATOM   1460 C CE    . LYS A 1 193 ? -15.804 -4.860  17.491  1.00 58.15 ? 193 LYS A CE    1 
ATOM   1461 N NZ    . LYS A 1 193 ? -17.169 -4.935  18.063  1.00 58.69 ? 193 LYS A NZ    1 
ATOM   1462 N N     . ALA A 1 194 ? -14.959 -3.383  11.833  1.00 47.60 ? 194 ALA A N     1 
ATOM   1463 C CA    . ALA A 1 194 ? -15.597 -4.073  10.698  1.00 48.51 ? 194 ALA A CA    1 
ATOM   1464 C C     . ALA A 1 194 ? -16.563 -5.153  11.162  1.00 52.44 ? 194 ALA A C     1 
ATOM   1465 O O     . ALA A 1 194 ? -17.658 -5.284  10.614  1.00 54.55 ? 194 ALA A O     1 
ATOM   1466 C CB    . ALA A 1 194 ? -14.559 -4.685  9.777   1.00 47.60 ? 194 ALA A CB    1 
ATOM   1467 O OXT   . ALA A 1 194 ? -16.265 -5.925  12.075  1.00 57.49 ? 194 ALA A OXT   1 
HETATM 1468 C C1    . GOL B 2 .   ? 4.824   -9.270  6.507   1.00 26.68 ? 201 GOL A C1    1 
HETATM 1469 O O1    . GOL B 2 .   ? 5.011   -10.605 6.887   1.00 26.59 ? 201 GOL A O1    1 
HETATM 1470 C C2    . GOL B 2 .   ? 3.622   -8.717  7.216   1.00 25.70 ? 201 GOL A C2    1 
HETATM 1471 O O2    . GOL B 2 .   ? 2.418   -9.226  6.601   1.00 20.58 ? 201 GOL A O2    1 
HETATM 1472 C C3    . GOL B 2 .   ? 3.803   -9.201  8.670   1.00 24.59 ? 201 GOL A C3    1 
HETATM 1473 O O3    . GOL B 2 .   ? 4.033   -8.104  9.538   1.00 23.48 ? 201 GOL A O3    1 
HETATM 1474 O O     . 3NZ C 3 .   ? 4.943   -12.821 -3.924  1.00 28.00 ? 202 3NZ A O     1 
HETATM 1475 C C     . 3NZ C 3 .   ? 6.060   -12.538 -3.590  1.00 32.50 ? 202 3NZ A C     1 
HETATM 1476 C CA    . 3NZ C 3 .   ? 6.695   -11.988 -4.893  1.00 37.46 ? 202 3NZ A CA    1 
HETATM 1477 C CB    . 3NZ C 3 .   ? 6.331   -12.767 -6.170  1.00 39.87 ? 202 3NZ A CB    1 
HETATM 1478 C CG    . 3NZ C 3 .   ? 6.305   -14.271 -6.062  1.00 44.59 ? 202 3NZ A CG    1 
HETATM 1479 C CD2   . 3NZ C 3 .   ? 6.892   -14.949 -5.006  1.00 44.11 ? 202 3NZ A CD2   1 
HETATM 1480 C CE2   . 3NZ C 3 .   ? 6.844   -16.332 -4.958  1.00 47.90 ? 202 3NZ A CE2   1 
HETATM 1481 C CZ    . 3NZ C 3 .   ? 6.209   -17.047 -5.955  1.00 45.68 ? 202 3NZ A CZ    1 
HETATM 1482 O OM    . 3NZ C 3 .   ? 6.165   -18.409 -5.867  1.00 52.41 ? 202 3NZ A OM    1 
HETATM 1483 C CMZ   . 3NZ C 3 .   ? 5.899   -19.054 -4.610  1.00 51.51 ? 202 3NZ A CMZ   1 
HETATM 1484 C CE1   . 3NZ C 3 .   ? 5.609   -16.373 -7.007  1.00 46.32 ? 202 3NZ A CE1   1 
HETATM 1485 C CD1   . 3NZ C 3 .   ? 5.660   -14.982 -7.060  1.00 43.85 ? 202 3NZ A CD1   1 
HETATM 1486 N N     . 3NZ C 3 .   ? 8.120   -11.787 -4.934  1.00 35.15 ? 202 3NZ A N     1 
HETATM 1487 N "N3'" . 3NZ C 3 .   ? 6.720   -12.711 -2.336  1.00 26.03 ? 202 3NZ A "N3'" 1 
HETATM 1488 C "C3'" . 3NZ C 3 .   ? 6.525   -13.426 -1.023  1.00 23.18 ? 202 3NZ A "C3'" 1 
HETATM 1489 C "C4'" . 3NZ C 3 .   ? 5.264   -14.283 -0.760  1.00 22.92 ? 202 3NZ A "C4'" 1 
HETATM 1490 C "C5'" . 3NZ C 3 .   ? 5.310   -15.667 -1.400  1.00 22.26 ? 202 3NZ A "C5'" 1 
HETATM 1491 O "O5'" . 3NZ C 3 .   ? 6.287   -16.495 -0.759  1.00 23.02 ? 202 3NZ A "O5'" 1 
HETATM 1492 C "C2'" . 3NZ C 3 .   ? 6.611   -12.612 0.308   1.00 23.24 ? 202 3NZ A "C2'" 1 
HETATM 1493 O "O2'" . 3NZ C 3 .   ? 6.602   -11.194 0.142   1.00 20.92 ? 202 3NZ A "O2'" 1 
HETATM 1494 C "C1'" . 3NZ C 3 .   ? 5.336   -13.018 1.055   1.00 24.92 ? 202 3NZ A "C1'" 1 
HETATM 1495 O "O4'" . 3NZ C 3 .   ? 5.148   -14.375 0.677   1.00 22.47 ? 202 3NZ A "O4'" 1 
HETATM 1496 N N9    . 3NZ C 3 .   ? 5.319   -12.738 2.508   1.00 29.44 ? 202 3NZ A N9    1 
HETATM 1497 C C8    . 3NZ C 3 .   ? 4.652   -11.734 3.162   1.00 25.87 ? 202 3NZ A C8    1 
HETATM 1498 N N7    . 3NZ C 3 .   ? 4.887   -11.842 4.487   1.00 31.94 ? 202 3NZ A N7    1 
HETATM 1499 C C5    . 3NZ C 3 .   ? 5.676   -12.883 4.701   1.00 30.79 ? 202 3NZ A C5    1 
HETATM 1500 C C4    . 3NZ C 3 .   ? 5.943   -13.462 3.372   1.00 30.68 ? 202 3NZ A C4    1 
HETATM 1501 C C6    . 3NZ C 3 .   ? 6.342   -13.571 5.820   1.00 31.44 ? 202 3NZ A C6    1 
HETATM 1502 N N6    . 3NZ C 3 .   ? 6.254   -13.224 7.146   1.00 29.83 ? 202 3NZ A N6    1 
HETATM 1503 N N1    . 3NZ C 3 .   ? 7.097   -14.635 5.523   1.00 38.21 ? 202 3NZ A N1    1 
HETATM 1504 C C2    . 3NZ C 3 .   ? 7.285   -15.086 4.291   1.00 36.48 ? 202 3NZ A C2    1 
HETATM 1505 N N3    . 3NZ C 3 .   ? 6.729   -14.527 3.224   1.00 34.43 ? 202 3NZ A N3    1 
HETATM 1506 O O     . HOH D 4 .   ? 14.902  -6.979  -2.136  1.00 31.50 ? 301 HOH A O     1 
HETATM 1507 O O     . HOH D 4 .   ? 14.061  9.271   -2.688  1.00 48.61 ? 302 HOH A O     1 
HETATM 1508 O O     . HOH D 4 .   ? 4.345   -4.706  8.637   1.00 38.56 ? 303 HOH A O     1 
HETATM 1509 O O     . HOH D 4 .   ? 1.336   10.657  -14.519 1.00 49.80 ? 304 HOH A O     1 
HETATM 1510 O O     . HOH D 4 .   ? 10.738  -15.341 0.845   1.00 40.02 ? 305 HOH A O     1 
HETATM 1511 O O     . HOH D 4 .   ? -4.163  -11.875 11.868  1.00 19.15 ? 306 HOH A O     1 
HETATM 1512 O O     . HOH D 4 .   ? -0.141  -5.636  -0.801  1.00 16.18 ? 307 HOH A O     1 
HETATM 1513 O O     . HOH D 4 .   ? 8.072   -18.597 -8.158  1.00 32.10 ? 308 HOH A O     1 
HETATM 1514 O O     . HOH D 4 .   ? 7.263   -3.399  -14.839 1.00 36.83 ? 309 HOH A O     1 
HETATM 1515 O O     . HOH D 4 .   ? -5.272  -20.029 1.646   1.00 37.17 ? 310 HOH A O     1 
HETATM 1516 O O     . HOH D 4 .   ? -3.279  10.157  -13.707 1.00 23.72 ? 311 HOH A O     1 
HETATM 1517 O O     . HOH D 4 .   ? -7.896  -12.906 -1.711  1.00 24.24 ? 312 HOH A O     1 
HETATM 1518 O O     . HOH D 4 .   ? -6.808  3.578   -14.633 1.00 20.35 ? 313 HOH A O     1 
HETATM 1519 O O     . HOH D 4 .   ? 0.160   -11.594 -5.178  1.00 21.71 ? 314 HOH A O     1 
HETATM 1520 O O     . HOH D 4 .   ? -6.124  12.918  -12.288 1.00 35.80 ? 315 HOH A O     1 
HETATM 1521 O O     . HOH D 4 .   ? -7.858  -10.632 -0.110  1.00 25.24 ? 316 HOH A O     1 
HETATM 1522 O O     . HOH D 4 .   ? 3.084   -22.248 2.057   1.00 29.00 ? 317 HOH A O     1 
HETATM 1523 O O     . HOH D 4 .   ? 3.761   4.509   13.912  1.00 35.17 ? 318 HOH A O     1 
HETATM 1524 O O     . HOH D 4 .   ? -8.638  -6.107  6.109   1.00 18.42 ? 319 HOH A O     1 
HETATM 1525 O O     . HOH D 4 .   ? -6.311  16.960  3.106   1.00 29.90 ? 320 HOH A O     1 
HETATM 1526 O O     . HOH D 4 .   ? -8.770  -10.771 2.567   1.00 22.96 ? 321 HOH A O     1 
HETATM 1527 O O     . HOH D 4 .   ? 15.008  2.195   -9.646  1.00 26.33 ? 322 HOH A O     1 
HETATM 1528 O O     . HOH D 4 .   ? -6.678  -7.448  -6.006  1.00 34.07 ? 323 HOH A O     1 
HETATM 1529 O O     . HOH D 4 .   ? -1.235  19.304  1.961   1.00 39.83 ? 324 HOH A O     1 
HETATM 1530 O O     . HOH D 4 .   ? -7.601  -12.950 4.013   1.00 17.85 ? 325 HOH A O     1 
HETATM 1531 O O     . HOH D 4 .   ? 12.766  -8.365  -1.075  1.00 21.63 ? 326 HOH A O     1 
HETATM 1532 O O     . HOH D 4 .   ? 4.183   -4.236  -5.907  1.00 20.24 ? 327 HOH A O     1 
HETATM 1533 O O     . HOH D 4 .   ? -11.788 9.540   0.577   1.00 31.89 ? 328 HOH A O     1 
HETATM 1534 O O     . HOH D 4 .   ? -6.935  -18.618 8.706   1.00 43.65 ? 329 HOH A O     1 
HETATM 1535 O O     . HOH D 4 .   ? -12.749 5.923   8.212   1.00 32.13 ? 330 HOH A O     1 
HETATM 1536 O O     . HOH D 4 .   ? -8.757  2.287   -10.544 1.00 22.81 ? 331 HOH A O     1 
HETATM 1537 O O     . HOH D 4 .   ? -11.836 -11.218 10.505  1.00 33.31 ? 332 HOH A O     1 
HETATM 1538 O O     . HOH D 4 .   ? -12.037 -13.478 8.667   1.00 34.67 ? 333 HOH A O     1 
HETATM 1539 O O     . HOH D 4 .   ? -8.101  17.084  -3.735  1.00 40.83 ? 334 HOH A O     1 
HETATM 1540 O O     . HOH D 4 .   ? -11.122 -7.385  -1.157  1.00 21.89 ? 335 HOH A O     1 
HETATM 1541 O O     . HOH D 4 .   ? 5.464   16.640  1.167   1.00 26.87 ? 336 HOH A O     1 
HETATM 1542 O O     . HOH D 4 .   ? -6.202  -19.624 -4.226  1.00 38.39 ? 337 HOH A O     1 
HETATM 1543 O O     . HOH D 4 .   ? -1.622  -20.397 -3.039  1.00 32.94 ? 338 HOH A O     1 
HETATM 1544 O O     . HOH D 4 .   ? 3.406   14.661  8.611   1.00 40.97 ? 339 HOH A O     1 
HETATM 1545 O O     . HOH D 4 .   ? 9.381   15.112  -0.131  1.00 33.03 ? 340 HOH A O     1 
HETATM 1546 O O     . HOH D 4 .   ? 12.824  1.642   -17.360 1.00 44.95 ? 341 HOH A O     1 
HETATM 1547 O O     . HOH D 4 .   ? -6.414  -8.476  -3.386  1.00 27.54 ? 342 HOH A O     1 
HETATM 1548 O O     . HOH D 4 .   ? 3.103   8.668   -16.765 1.00 51.19 ? 343 HOH A O     1 
HETATM 1549 O O     . HOH D 4 .   ? 3.780   12.669  6.038   1.00 31.03 ? 344 HOH A O     1 
HETATM 1550 O O     . HOH D 4 .   ? 13.917  4.005   -15.112 1.00 37.48 ? 345 HOH A O     1 
HETATM 1551 O O     . HOH D 4 .   ? 15.672  -4.322  3.331   1.00 26.77 ? 346 HOH A O     1 
HETATM 1552 O O     . HOH D 4 .   ? 4.425   -11.224 14.484  1.00 36.14 ? 347 HOH A O     1 
HETATM 1553 O O     . HOH D 4 .   ? -14.862 5.572   2.552   1.00 36.61 ? 348 HOH A O     1 
HETATM 1554 O O     . HOH D 4 .   ? 4.221   13.253  -6.643  1.00 30.23 ? 349 HOH A O     1 
HETATM 1555 O O     . HOH D 4 .   ? 0.012   -0.259  13.150  1.00 33.75 ? 350 HOH A O     1 
HETATM 1556 O O     . HOH D 4 .   ? -1.042  15.442  -0.349  1.00 25.50 ? 351 HOH A O     1 
HETATM 1557 O O     . HOH D 4 .   ? 3.848   -1.619  -16.243 1.00 41.41 ? 352 HOH A O     1 
HETATM 1558 O O     . HOH D 4 .   ? 7.133   2.049   14.126  1.00 45.53 ? 353 HOH A O     1 
HETATM 1559 O O     . HOH D 4 .   ? -0.971  -22.087 2.740   1.00 37.61 ? 354 HOH A O     1 
HETATM 1560 O O     . HOH D 4 .   ? -5.302  -14.503 11.859  1.00 29.28 ? 355 HOH A O     1 
HETATM 1561 O O     . HOH D 4 .   ? -17.151 -6.207  -0.491  1.00 25.51 ? 356 HOH A O     1 
HETATM 1562 O O     . HOH D 4 .   ? 5.564   -20.146 4.006   1.00 31.42 ? 357 HOH A O     1 
HETATM 1563 O O     . HOH D 4 .   ? 12.111  11.512  5.094   1.00 35.71 ? 358 HOH A O     1 
HETATM 1564 O O     . HOH D 4 .   ? 3.238   8.978   12.604  1.00 36.32 ? 359 HOH A O     1 
HETATM 1565 O O     . HOH D 4 .   ? 15.498  -10.572 5.114   1.00 29.39 ? 360 HOH A O     1 
HETATM 1566 O O     . HOH D 4 .   ? 1.369   -20.638 -4.228  1.00 56.67 ? 361 HOH A O     1 
HETATM 1567 O O     . HOH D 4 .   ? -12.542 -17.776 6.840   1.00 39.66 ? 362 HOH A O     1 
HETATM 1568 O O     . HOH D 4 .   ? -4.618  -6.462  -7.998  1.00 39.06 ? 363 HOH A O     1 
HETATM 1569 O O     . HOH D 4 .   ? 6.173   3.523   -20.946 1.00 34.44 ? 364 HOH A O     1 
HETATM 1570 O O     . HOH D 4 .   ? 0.319   14.013  12.908  1.00 45.72 ? 365 HOH A O     1 
HETATM 1571 O O     . HOH D 4 .   ? 14.166  8.228   -11.492 1.00 37.20 ? 366 HOH A O     1 
HETATM 1572 O O     . HOH D 4 .   ? 15.047  7.106   -4.221  1.00 43.81 ? 367 HOH A O     1 
HETATM 1573 O O     . HOH D 4 .   ? -1.067  17.963  -0.844  1.00 33.64 ? 368 HOH A O     1 
HETATM 1574 O O     . HOH D 4 .   ? 2.298   -19.192 13.115  1.00 43.21 ? 369 HOH A O     1 
HETATM 1575 O O     . HOH D 4 .   ? -2.228  -8.966  -10.498 1.00 31.96 ? 370 HOH A O     1 
HETATM 1576 O O     . HOH D 4 .   ? 10.126  -1.913  -17.744 1.00 36.39 ? 371 HOH A O     1 
HETATM 1577 O O     . HOH D 4 .   ? -5.259  21.199  -5.764  1.00 36.03 ? 372 HOH A O     1 
HETATM 1578 O O     . HOH D 4 .   ? 4.636   -16.436 10.290  1.00 34.77 ? 373 HOH A O     1 
HETATM 1579 O O     . HOH D 4 .   ? -13.352 -0.992  -0.591  1.00 25.44 ? 374 HOH A O     1 
HETATM 1580 O O     . HOH D 4 .   ? 4.055   -3.102  14.205  1.00 52.27 ? 375 HOH A O     1 
HETATM 1581 O O     . HOH D 4 .   ? -8.714  16.669  10.571  1.00 46.74 ? 376 HOH A O     1 
HETATM 1582 O O     . HOH D 4 .   ? -8.948  -9.292  -2.322  1.00 34.09 ? 377 HOH A O     1 
HETATM 1583 O O     . HOH D 4 .   ? -10.485 13.949  -10.812 1.00 45.62 ? 378 HOH A O     1 
HETATM 1584 O O     . HOH D 4 .   ? -7.961  -16.301 7.541   1.00 48.11 ? 379 HOH A O     1 
HETATM 1585 O O     . HOH D 4 .   ? -3.195  16.431  14.667  1.00 42.47 ? 380 HOH A O     1 
HETATM 1586 O O     . HOH D 4 .   ? 3.675   19.412  -6.678  1.00 41.46 ? 381 HOH A O     1 
HETATM 1587 O O     . HOH D 4 .   ? -11.618 12.567  -13.446 1.00 45.98 ? 382 HOH A O     1 
HETATM 1588 O O     . HOH D 4 .   ? -13.011 -16.857 -3.007  1.00 64.81 ? 383 HOH A O     1 
HETATM 1589 O O     . HOH D 4 .   ? -3.054  -4.648  -9.276  1.00 41.59 ? 384 HOH A O     1 
HETATM 1590 O O     . HOH D 4 .   ? -8.254  4.417   -12.348 1.00 41.27 ? 385 HOH A O     1 
HETATM 1591 O O     . HOH D 4 .   ? -8.308  19.605  -5.279  1.00 51.26 ? 386 HOH A O     1 
HETATM 1592 O O     . HOH D 4 .   ? 13.574  -4.156  -14.958 1.00 59.28 ? 387 HOH A O     1 
HETATM 1593 O O     . HOH D 4 .   ? -5.954  10.858  -14.254 1.00 31.67 ? 388 HOH A O     1 
HETATM 1594 O O     . HOH D 4 .   ? -15.172 5.648   6.936   1.00 42.96 ? 389 HOH A O     1 
HETATM 1595 O O     . HOH D 4 .   ? 3.128   -15.332 13.133  1.00 39.22 ? 390 HOH A O     1 
HETATM 1596 O O     . HOH D 4 .   ? -12.723 -4.921  -7.157  1.00 60.62 ? 391 HOH A O     1 
HETATM 1597 O O     . HOH D 4 .   ? 16.180  12.217  -5.947  1.00 38.50 ? 392 HOH A O     1 
HETATM 1598 O O     . HOH D 4 .   ? -9.307  6.556   -16.119 1.00 61.39 ? 393 HOH A O     1 
HETATM 1599 O O     . HOH D 4 .   ? 9.638   -5.051  -14.434 1.00 43.74 ? 394 HOH A O     1 
HETATM 1600 O O     . HOH D 4 .   ? -9.862  -0.716  10.681  1.00 46.39 ? 395 HOH A O     1 
HETATM 1601 O O     . HOH D 4 .   ? 2.150   -12.790 -13.551 1.00 39.84 ? 396 HOH A O     1 
HETATM 1602 O O     . HOH D 4 .   ? -17.474 -11.029 5.827   1.00 32.03 ? 397 HOH A O     1 
HETATM 1603 O O     . HOH D 4 .   ? 1.671   -5.621  -9.836  1.00 34.04 ? 398 HOH A O     1 
HETATM 1604 O O     . HOH D 4 .   ? 6.941   -22.043 2.564   1.00 42.09 ? 399 HOH A O     1 
HETATM 1605 O O     . HOH D 4 .   ? 13.426  1.367   12.545  1.00 62.18 ? 400 HOH A O     1 
HETATM 1606 O O     . HOH D 4 .   ? 16.355  -5.076  -5.620  1.00 40.08 ? 401 HOH A O     1 
HETATM 1607 O O     . HOH D 4 .   ? -17.725 -11.545 8.439   1.00 49.49 ? 402 HOH A O     1 
HETATM 1608 O O     . HOH D 4 .   ? 0.035   -18.031 13.864  1.00 39.54 ? 403 HOH A O     1 
HETATM 1609 O O     . HOH D 4 .   ? -5.459  15.611  -12.035 1.00 56.42 ? 404 HOH A O     1 
HETATM 1610 O O     . HOH D 4 .   ? 8.912   9.603   8.513   1.00 36.37 ? 405 HOH A O     1 
HETATM 1611 O O     . HOH D 4 .   ? 15.684  -4.488  6.005   1.00 37.21 ? 406 HOH A O     1 
HETATM 1612 O O     . HOH D 4 .   ? -12.310 -7.740  11.697  1.00 40.92 ? 407 HOH A O     1 
HETATM 1613 O O     . HOH D 4 .   ? -0.839  -4.604  -11.783 1.00 50.27 ? 408 HOH A O     1 
HETATM 1614 O O     . HOH D 4 .   ? -0.099  25.916  -5.316  1.00 56.10 ? 409 HOH A O     1 
HETATM 1615 O O     . HOH D 4 .   ? -6.513  16.844  -9.437  1.00 58.78 ? 410 HOH A O     1 
HETATM 1616 O O     . HOH D 4 .   ? 14.303  7.031   6.576   1.00 60.25 ? 411 HOH A O     1 
HETATM 1617 O O     . HOH D 4 .   ? 3.788   19.676  3.349   1.00 44.91 ? 412 HOH A O     1 
HETATM 1618 O O     . HOH D 4 .   ? -6.252  17.238  13.243  1.00 52.59 ? 413 HOH A O     1 
HETATM 1619 O O     . HOH D 4 .   ? -9.997  0.207   -11.556 1.00 43.64 ? 414 HOH A O     1 
HETATM 1620 O O     . HOH D 4 .   ? -8.559  -1.337  15.659  1.00 60.79 ? 415 HOH A O     1 
HETATM 1621 O O     . HOH D 4 .   ? -2.557  -22.809 14.142  1.00 52.68 ? 416 HOH A O     1 
HETATM 1622 O O     . HOH D 4 .   ? -8.439  -18.494 5.609   1.00 52.78 ? 417 HOH A O     1 
HETATM 1623 O O     . HOH D 4 .   ? -7.842  -14.009 10.755  1.00 46.04 ? 418 HOH A O     1 
HETATM 1624 O O     . HOH D 4 .   ? -16.258 3.526   5.677   1.00 40.65 ? 419 HOH A O     1 
HETATM 1625 O O     . HOH D 4 .   ? 15.459  5.291   8.545   1.00 51.33 ? 420 HOH A O     1 
HETATM 1626 O O     . HOH D 4 .   ? -14.506 -10.948 -3.442  1.00 33.64 ? 421 HOH A O     1 
HETATM 1627 O O     . HOH D 4 .   ? -19.213 -0.717  13.069  1.00 62.52 ? 422 HOH A O     1 
HETATM 1628 O O     . HOH D 4 .   ? 2.066   -10.446 4.149   1.00 17.55 ? 423 HOH A O     1 
HETATM 1629 O O     . HOH D 4 .   ? 4.335   -1.851  8.007   1.00 20.88 ? 424 HOH A O     1 
HETATM 1630 O O     . HOH D 4 .   ? 3.752   11.286  -13.287 1.00 37.63 ? 425 HOH A O     1 
HETATM 1631 O O     . HOH D 4 .   ? -7.578  -19.492 3.041   1.00 37.81 ? 426 HOH A O     1 
HETATM 1632 O O     . HOH D 4 .   ? -11.525 -14.281 -5.635  1.00 39.95 ? 427 HOH A O     1 
HETATM 1633 O O     . HOH D 4 .   ? -3.513  14.553  -14.047 1.00 59.87 ? 428 HOH A O     1 
HETATM 1634 O O     . HOH D 4 .   ? -15.808 -17.782 5.166   1.00 55.67 ? 429 HOH A O     1 
HETATM 1635 O O     . HOH D 4 .   ? -17.537 -5.766  6.665   1.00 33.70 ? 430 HOH A O     1 
HETATM 1636 O O     . HOH D 4 .   ? -0.406  19.272  4.583   1.00 37.79 ? 431 HOH A O     1 
HETATM 1637 O O     . HOH D 4 .   ? -5.157  -3.686  -7.904  1.00 38.24 ? 432 HOH A O     1 
HETATM 1638 O O     . HOH D 4 .   ? 4.375   17.045  -4.949  1.00 51.75 ? 433 HOH A O     1 
HETATM 1639 O O     . HOH D 4 .   ? -16.883 1.019   12.244  1.00 49.13 ? 434 HOH A O     1 
HETATM 1640 O O     . HOH D 4 .   ? 4.455   13.999  -14.425 1.00 53.01 ? 435 HOH A O     1 
HETATM 1641 O O     . HOH D 4 .   ? 12.449  16.996  -0.690  1.00 60.09 ? 436 HOH A O     1 
HETATM 1642 O O     . HOH D 4 .   ? 20.172  3.810   6.640   1.00 58.90 ? 437 HOH A O     1 
HETATM 1643 O O     . HOH D 4 .   ? -13.238 8.237   9.448   1.00 42.57 ? 438 HOH A O     1 
HETATM 1644 O O     . HOH D 4 .   ? -14.292 -14.415 7.386   1.00 43.42 ? 439 HOH A O     1 
HETATM 1645 O O     . HOH D 4 .   ? 5.152   12.679  9.023   1.00 45.73 ? 440 HOH A O     1 
HETATM 1646 O O     . HOH D 4 .   ? 11.195  -10.444 -9.537  1.00 46.67 ? 441 HOH A O     1 
HETATM 1647 O O     . HOH D 4 .   ? -0.762  -6.580  -13.514 1.00 54.93 ? 442 HOH A O     1 
HETATM 1648 O O     . HOH D 4 .   ? -0.781  20.190  -8.172  1.00 42.00 ? 443 HOH A O     1 
HETATM 1649 O O     . HOH D 4 .   ? -6.750  -16.422 10.285  1.00 52.43 ? 444 HOH A O     1 
HETATM 1650 O O     . HOH D 4 .   ? -2.770  -23.716 11.165  1.00 57.15 ? 445 HOH A O     1 
HETATM 1651 O O     . HOH D 4 .   ? -13.154 6.835   -11.760 1.00 42.62 ? 446 HOH A O     1 
HETATM 1652 O O     . HOH D 4 .   ? -12.943 15.737  10.340  1.00 46.18 ? 447 HOH A O     1 
HETATM 1653 O O     . HOH D 4 .   ? 14.614  -3.515  -6.732  1.00 43.38 ? 448 HOH A O     1 
HETATM 1654 O O     . HOH D 4 .   ? 15.359  8.117   0.175   1.00 45.19 ? 449 HOH A O     1 
HETATM 1655 O O     . HOH D 4 .   ? 1.753   20.966  5.046   1.00 57.05 ? 450 HOH A O     1 
HETATM 1656 O O     . HOH D 4 .   ? -3.009  4.074   17.963  1.00 52.16 ? 451 HOH A O     1 
HETATM 1657 O O     . HOH D 4 .   ? -7.822  -11.253 -13.088 1.00 53.56 ? 452 HOH A O     1 
HETATM 1658 O O     . HOH D 4 .   ? 4.615   16.753  -13.778 1.00 59.13 ? 453 HOH A O     1 
HETATM 1659 O O     . HOH D 4 .   ? 16.499  1.404   -7.926  1.00 49.41 ? 454 HOH A O     1 
HETATM 1660 O O     . HOH D 4 .   ? -0.313  4.218   16.898  1.00 50.93 ? 455 HOH A O     1 
HETATM 1661 O O     . HOH D 4 .   ? -7.928  -0.578  12.965  1.00 45.70 ? 456 HOH A O     1 
HETATM 1662 O O     . HOH D 4 .   ? -11.831 -3.130  12.581  1.00 54.37 ? 457 HOH A O     1 
HETATM 1663 O O     . HOH D 4 .   ? -3.647  -17.963 -6.466  1.00 52.60 ? 458 HOH A O     1 
HETATM 1664 O O     . HOH D 4 .   ? 7.069   15.597  -15.130 1.00 54.07 ? 459 HOH A O     1 
HETATM 1665 O O     . HOH D 4 .   ? 19.857  1.219   -7.039  1.00 57.04 ? 460 HOH A O     1 
HETATM 1666 O O     . HOH D 4 .   ? -8.644  10.743  -15.476 1.00 65.28 ? 461 HOH A O     1 
HETATM 1667 O O     . HOH D 4 .   ? 10.140  -13.352 3.540   1.00 39.73 ? 462 HOH A O     1 
HETATM 1668 O O     . HOH D 4 .   ? 19.039  3.304   -5.148  1.00 73.82 ? 463 HOH A O     1 
HETATM 1669 O O     . HOH D 4 .   ? 7.938   -1.730  14.753  1.00 51.51 ? 464 HOH A O     1 
HETATM 1670 O O     . HOH D 4 .   ? 3.717   -20.231 -2.655  1.00 49.89 ? 465 HOH A O     1 
HETATM 1671 O O     . HOH D 4 .   ? -4.678  -22.292 8.367   1.00 49.67 ? 466 HOH A O     1 
HETATM 1672 O O     . HOH D 4 .   ? 5.257   16.890  -9.440  1.00 41.91 ? 467 HOH A O     1 
HETATM 1673 O O     . HOH D 4 .   ? 20.520  6.738   2.325   1.00 56.88 ? 468 HOH A O     1 
HETATM 1674 O O     . HOH D 4 .   ? 0.960   3.282   14.624  1.00 43.28 ? 469 HOH A O     1 
HETATM 1675 O O     . HOH D 4 .   ? -14.280 5.469   15.217  1.00 58.35 ? 470 HOH A O     1 
HETATM 1676 O O     . HOH D 4 .   ? 16.715  -7.767  -0.127  1.00 46.17 ? 471 HOH A O     1 
HETATM 1677 O O     . HOH D 4 .   ? 6.301   -3.736  10.297  1.00 59.07 ? 472 HOH A O     1 
HETATM 1678 O O     . HOH D 4 .   ? 7.714   -1.541  -16.740 1.00 39.72 ? 473 HOH A O     1 
HETATM 1679 O O     . HOH D 4 .   ? 1.271   -2.821  -17.200 1.00 47.17 ? 474 HOH A O     1 
HETATM 1680 O O     . HOH D 4 .   ? -9.595  -14.616 8.895   1.00 54.72 ? 475 HOH A O     1 
HETATM 1681 O O     . HOH D 4 .   ? -3.049  16.726  -11.637 1.00 44.45 ? 476 HOH A O     1 
HETATM 1682 O O     . HOH D 4 .   ? -12.236 -20.460 -0.816  1.00 54.56 ? 477 HOH A O     1 
HETATM 1683 O O     . HOH D 4 .   ? -11.364 -19.202 -3.599  1.00 57.22 ? 478 HOH A O     1 
HETATM 1684 O O     . HOH D 4 .   ? 7.504   -17.939 3.792   1.00 36.48 ? 479 HOH A O     1 
HETATM 1685 O O     . HOH D 4 .   ? -15.442 4.699   -0.187  1.00 58.97 ? 480 HOH A O     1 
HETATM 1686 O O     . HOH D 4 .   ? -13.666 2.974   -5.239  1.00 35.70 ? 481 HOH A O     1 
HETATM 1687 O O     . HOH D 4 .   ? -16.968 0.865   -1.374  1.00 33.55 ? 482 HOH A O     1 
HETATM 1688 O O     . HOH D 4 .   ? -15.648 3.951   -3.456  1.00 55.03 ? 483 HOH A O     1 
HETATM 1689 O O     . HOH D 4 .   ? -11.540 12.220  7.242   1.00 24.62 ? 484 HOH A O     1 
HETATM 1690 O O     . HOH D 4 .   ? -10.163 18.540  -7.367  1.00 48.83 ? 485 HOH A O     1 
HETATM 1691 O O     . HOH D 4 .   ? 6.321   -11.431 12.002  1.00 50.00 ? 486 HOH A O     1 
HETATM 1692 O O     . HOH D 4 .   ? 3.586   -12.863 11.256  1.00 32.92 ? 487 HOH A O     1 
HETATM 1693 O O     . HOH D 4 .   ? 1.547   0.123   15.318  1.00 47.29 ? 488 HOH A O     1 
HETATM 1694 O O     . HOH D 4 .   ? 16.209  -7.192  5.886   1.00 34.46 ? 489 HOH A O     1 
HETATM 1695 O O     . HOH D 4 .   ? 15.154  11.819  -3.397  1.00 48.18 ? 490 HOH A O     1 
HETATM 1696 O O     . HOH D 4 .   ? 8.136   11.164  -15.835 1.00 41.45 ? 491 HOH A O     1 
HETATM 1697 O O     . HOH D 4 .   ? 4.786   -17.743 12.985  1.00 47.09 ? 492 HOH A O     1 
HETATM 1698 O O     . HOH D 4 .   ? -16.005 9.511   -8.639  1.00 51.61 ? 493 HOH A O     1 
HETATM 1699 O O     . HOH D 4 .   ? 10.667  -7.875  -11.825 1.00 36.88 ? 494 HOH A O     1 
HETATM 1700 O O     . HOH D 4 .   ? -12.380 -4.728  14.514  1.00 60.02 ? 495 HOH A O     1 
HETATM 1701 O O     . HOH D 4 .   ? 4.625   -6.618  -15.466 1.00 38.18 ? 496 HOH A O     1 
HETATM 1702 O O     . HOH D 4 .   ? 18.055  1.022   -10.185 1.00 59.68 ? 497 HOH A O     1 
HETATM 1703 O O     . HOH D 4 .   ? 7.588   9.305   -17.816 1.00 44.52 ? 498 HOH A O     1 
HETATM 1704 O O     . HOH D 4 .   ? -19.436 -12.060 4.447   1.00 36.30 ? 499 HOH A O     1 
HETATM 1705 O O     . HOH D 4 .   ? -9.500  -7.734  -7.008  1.00 43.13 ? 500 HOH A O     1 
HETATM 1706 O O     . HOH D 4 .   ? 6.565   -16.422 8.055   1.00 44.73 ? 501 HOH A O     1 
HETATM 1707 O O     . HOH D 4 .   ? -1.829  23.069  1.702   1.00 38.55 ? 502 HOH A O     1 
HETATM 1708 O O     . HOH D 4 .   ? 9.565   9.141   11.390  1.00 46.87 ? 503 HOH A O     1 
HETATM 1709 O O     . HOH D 4 .   ? -11.587 8.559   -2.138  1.00 42.24 ? 504 HOH A O     1 
HETATM 1710 O O     . HOH D 4 .   ? 12.249  -6.835  9.877   1.00 43.88 ? 505 HOH A O     1 
HETATM 1711 O O     . HOH D 4 .   ? 5.257   -9.436  16.807  1.00 45.22 ? 506 HOH A O     1 
HETATM 1712 O O     . HOH D 4 .   ? -4.629  -19.077 13.003  1.00 40.53 ? 507 HOH A O     1 
HETATM 1713 O O     . HOH D 4 .   ? 11.544  -4.250  -17.036 1.00 47.40 ? 508 HOH A O     1 
HETATM 1714 O O     . HOH D 4 .   ? 20.524  -2.881  -4.815  1.00 46.49 ? 509 HOH A O     1 
HETATM 1715 O O     . HOH D 4 .   ? 17.877  -2.807  3.908   1.00 54.46 ? 510 HOH A O     1 
HETATM 1716 O O     . HOH D 4 .   ? 6.067   -4.937  -18.113 1.00 52.27 ? 511 HOH A O     1 
HETATM 1717 O O     . HOH D 4 .   ? 16.672  7.159   -11.024 1.00 51.86 ? 512 HOH A O     1 
HETATM 1718 O O     . HOH D 4 .   ? -3.328  23.309  -8.480  1.00 47.65 ? 513 HOH A O     1 
HETATM 1719 O O     . HOH D 4 .   ? -5.782  22.059  -8.271  1.00 49.08 ? 514 HOH A O     1 
HETATM 1720 O O     . HOH D 4 .   ? 12.782  -12.298 5.861   1.00 53.23 ? 515 HOH A O     1 
HETATM 1721 O O     . HOH D 4 .   ? 9.592   15.590  3.210   1.00 51.24 ? 516 HOH A O     1 
HETATM 1722 O O     . HOH D 4 .   ? -3.038  9.079   17.193  1.00 53.67 ? 517 HOH A O     1 
HETATM 1723 O O     . HOH D 4 .   ? -14.220 6.498   -1.898  1.00 48.93 ? 518 HOH A O     1 
HETATM 1724 O O     . HOH D 4 .   ? 16.066  -3.141  -14.546 1.00 53.35 ? 519 HOH A O     1 
# 
loop_
_pdbx_poly_seq_scheme.asym_id 
_pdbx_poly_seq_scheme.entity_id 
_pdbx_poly_seq_scheme.seq_id 
_pdbx_poly_seq_scheme.mon_id 
_pdbx_poly_seq_scheme.ndb_seq_num 
_pdbx_poly_seq_scheme.pdb_seq_num 
_pdbx_poly_seq_scheme.auth_seq_num 
_pdbx_poly_seq_scheme.pdb_mon_id 
_pdbx_poly_seq_scheme.auth_mon_id 
_pdbx_poly_seq_scheme.pdb_strand_id 
_pdbx_poly_seq_scheme.pdb_ins_code 
_pdbx_poly_seq_scheme.hetero 
A 1 1   MET 1   1   1   MET MET A . n 
A 1 2   THR 2   2   2   THR THR A . n 
A 1 3   ALA 3   3   3   ALA ALA A . n 
A 1 4   VAL 4   4   4   VAL VAL A . n 
A 1 5   GLN 5   5   5   GLN GLN A . n 
A 1 6   LEU 6   6   6   LEU LEU A . n 
A 1 7   ILE 7   7   7   ILE ILE A . n 
A 1 8   VAL 8   8   8   VAL VAL A . n 
A 1 9   GLY 9   9   9   GLY GLY A . n 
A 1 10  LEU 10  10  10  LEU LEU A . n 
A 1 11  GLY 11  11  11  GLY GLY A . n 
A 1 12  ASN 12  12  12  ASN ASN A . n 
A 1 13  PRO 13  13  13  PRO PRO A . n 
A 1 14  GLY 14  14  14  GLY GLY A . n 
A 1 15  PRO 15  15  15  PRO PRO A . n 
A 1 16  GLU 16  16  16  GLU GLU A . n 
A 1 17  TYR 17  17  17  TYR TYR A . n 
A 1 18  ASP 18  18  18  ASP ASP A . n 
A 1 19  GLN 19  19  19  GLN GLN A . n 
A 1 20  THR 20  20  20  THR THR A . n 
A 1 21  ARG 21  21  21  ARG ARG A . n 
A 1 22  HIS 22  22  22  HIS HIS A . n 
A 1 23  ASN 23  23  23  ASN ASN A . n 
A 1 24  ALA 24  24  24  ALA ALA A . n 
A 1 25  GLY 25  25  25  GLY GLY A . n 
A 1 26  ALA 26  26  26  ALA ALA A . n 
A 1 27  LEU 27  27  27  LEU LEU A . n 
A 1 28  PHE 28  28  28  PHE PHE A . n 
A 1 29  VAL 29  29  29  VAL VAL A . n 
A 1 30  GLU 30  30  30  GLU GLU A . n 
A 1 31  ARG 31  31  31  ARG ARG A . n 
A 1 32  LEU 32  32  32  LEU LEU A . n 
A 1 33  ALA 33  33  33  ALA ALA A . n 
A 1 34  HIS 34  34  34  HIS HIS A . n 
A 1 35  ALA 35  35  35  ALA ALA A . n 
A 1 36  GLN 36  36  36  GLN GLN A . n 
A 1 37  GLY 37  37  37  GLY GLY A . n 
A 1 38  VAL 38  38  38  VAL VAL A . n 
A 1 39  SER 39  39  39  SER SER A . n 
A 1 40  LEU 40  40  40  LEU LEU A . n 
A 1 41  VAL 41  41  41  VAL VAL A . n 
A 1 42  ALA 42  42  42  ALA ALA A . n 
A 1 43  ASP 43  43  43  ASP ASP A . n 
A 1 44  ARG 44  44  44  ARG ARG A . n 
A 1 45  LYS 45  45  45  LYS LYS A . n 
A 1 46  TYR 46  46  46  TYR TYR A . n 
A 1 47  PHE 47  47  47  PHE PHE A . n 
A 1 48  GLY 48  48  48  GLY GLY A . n 
A 1 49  LEU 49  49  49  LEU LEU A . n 
A 1 50  VAL 50  50  50  VAL VAL A . n 
A 1 51  GLY 51  51  51  GLY GLY A . n 
A 1 52  LYS 52  52  52  LYS LYS A . n 
A 1 53  PHE 53  53  53  PHE PHE A . n 
A 1 54  SER 54  54  54  SER SER A . n 
A 1 55  HIS 55  55  55  HIS HIS A . n 
A 1 56  GLN 56  56  56  GLN GLN A . n 
A 1 57  GLY 57  57  57  GLY GLY A . n 
A 1 58  LYS 58  58  58  LYS LYS A . n 
A 1 59  ASP 59  59  59  ASP ASP A . n 
A 1 60  VAL 60  60  60  VAL VAL A . n 
A 1 61  ARG 61  61  61  ARG ARG A . n 
A 1 62  LEU 62  62  62  LEU LEU A . n 
A 1 63  LEU 63  63  63  LEU LEU A . n 
A 1 64  ILE 64  64  64  ILE ILE A . n 
A 1 65  PRO 65  65  65  PRO PRO A . n 
A 1 66  THR 66  66  66  THR THR A . n 
A 1 67  THR 67  67  67  THR THR A . n 
A 1 68  TYR 68  68  68  TYR TYR A . n 
A 1 69  MET 69  69  69  MET MET A . n 
A 1 70  ASN 70  70  70  ASN ASN A . n 
A 1 71  ARG 71  71  71  ARG ARG A . n 
A 1 72  SER 72  72  72  SER SER A . n 
A 1 73  GLY 73  73  73  GLY GLY A . n 
A 1 74  GLN 74  74  74  GLN GLN A . n 
A 1 75  SER 75  75  75  SER SER A . n 
A 1 76  VAL 76  76  76  VAL VAL A . n 
A 1 77  ALA 77  77  77  ALA ALA A . n 
A 1 78  ALA 78  78  78  ALA ALA A . n 
A 1 79  LEU 79  79  79  LEU LEU A . n 
A 1 80  ALA 80  80  80  ALA ALA A . n 
A 1 81  GLY 81  81  81  GLY GLY A . n 
A 1 82  PHE 82  82  82  PHE PHE A . n 
A 1 83  PHE 83  83  83  PHE PHE A . n 
A 1 84  ARG 84  84  84  ARG ARG A . n 
A 1 85  ILE 85  85  85  ILE ILE A . n 
A 1 86  ALA 86  86  86  ALA ALA A . n 
A 1 87  PRO 87  87  87  PRO PRO A . n 
A 1 88  ASP 88  88  88  ASP ASP A . n 
A 1 89  ALA 89  89  89  ALA ALA A . n 
A 1 90  ILE 90  90  90  ILE ILE A . n 
A 1 91  LEU 91  91  91  LEU LEU A . n 
A 1 92  VAL 92  92  92  VAL VAL A . n 
A 1 93  ALA 93  93  93  ALA ALA A . n 
A 1 94  HIS 94  94  94  HIS HIS A . n 
A 1 95  ASP 95  95  95  ASP ASP A . n 
A 1 96  GLU 96  96  96  GLU GLU A . n 
A 1 97  LEU 97  97  97  LEU LEU A . n 
A 1 98  ASP 98  98  98  ASP ASP A . n 
A 1 99  MET 99  99  99  MET MET A . n 
A 1 100 PRO 100 100 100 PRO PRO A . n 
A 1 101 PRO 101 101 101 PRO PRO A . n 
A 1 102 GLY 102 102 102 GLY GLY A . n 
A 1 103 VAL 103 103 103 VAL VAL A . n 
A 1 104 ALA 104 104 104 ALA ALA A . n 
A 1 105 LYS 105 105 105 LYS LYS A . n 
A 1 106 LEU 106 106 106 LEU LEU A . n 
A 1 107 LYS 107 107 107 LYS LYS A . n 
A 1 108 THR 108 108 108 THR THR A . n 
A 1 109 GLY 109 109 109 GLY GLY A . n 
A 1 110 GLY 110 110 110 GLY GLY A . n 
A 1 111 GLY 111 111 111 GLY GLY A . n 
A 1 112 HIS 112 112 112 HIS HIS A . n 
A 1 113 GLY 113 113 113 GLY GLY A . n 
A 1 114 GLY 114 114 114 GLY GLY A . n 
A 1 115 HIS 115 115 115 HIS HIS A . n 
A 1 116 ASN 116 116 116 ASN ASN A . n 
A 1 117 GLY 117 117 117 GLY GLY A . n 
A 1 118 LEU 118 118 118 LEU LEU A . n 
A 1 119 ARG 119 119 119 ARG ARG A . n 
A 1 120 ASP 120 120 120 ASP ASP A . n 
A 1 121 ILE 121 121 121 ILE ILE A . n 
A 1 122 ILE 122 122 122 ILE ILE A . n 
A 1 123 ALA 123 123 123 ALA ALA A . n 
A 1 124 GLN 124 124 124 GLN GLN A . n 
A 1 125 LEU 125 125 125 LEU LEU A . n 
A 1 126 GLY 126 126 126 GLY GLY A . n 
A 1 127 ASN 127 127 127 ASN ASN A . n 
A 1 128 GLN 128 128 128 GLN GLN A . n 
A 1 129 ASN 129 129 129 ASN ASN A . n 
A 1 130 SER 130 130 130 SER SER A . n 
A 1 131 PHE 131 131 131 PHE PHE A . n 
A 1 132 HIS 132 132 132 HIS HIS A . n 
A 1 133 ARG 133 133 133 ARG ARG A . n 
A 1 134 LEU 134 134 134 LEU LEU A . n 
A 1 135 ARG 135 135 135 ARG ARG A . n 
A 1 136 LEU 136 136 136 LEU LEU A . n 
A 1 137 GLY 137 137 137 GLY GLY A . n 
A 1 138 ILE 138 138 138 ILE ILE A . n 
A 1 139 GLY 139 139 139 GLY GLY A . n 
A 1 140 HIS 140 140 140 HIS HIS A . n 
A 1 141 PRO 141 141 141 PRO PRO A . n 
A 1 142 GLY 142 142 142 GLY GLY A . n 
A 1 143 HIS 143 143 143 HIS HIS A . n 
A 1 144 SER 144 144 144 SER SER A . n 
A 1 145 SER 145 145 145 SER SER A . n 
A 1 146 LEU 146 146 146 LEU LEU A . n 
A 1 147 VAL 147 147 147 VAL VAL A . n 
A 1 148 SER 148 148 148 SER SER A . n 
A 1 149 GLY 149 149 149 GLY GLY A . n 
A 1 150 TYR 150 150 150 TYR TYR A . n 
A 1 151 VAL 151 151 151 VAL VAL A . n 
A 1 152 LEU 152 152 152 LEU LEU A . n 
A 1 153 GLY 153 153 153 GLY GLY A . n 
A 1 154 ARG 154 154 154 ARG ARG A . n 
A 1 155 ALA 155 155 155 ALA ALA A . n 
A 1 156 PRO 156 156 156 PRO PRO A . n 
A 1 157 ARG 157 157 157 ARG ARG A . n 
A 1 158 SER 158 158 158 SER SER A . n 
A 1 159 GLU 159 159 159 GLU GLU A . n 
A 1 160 GLN 160 160 160 GLN GLN A . n 
A 1 161 GLU 161 161 161 GLU GLU A . n 
A 1 162 LEU 162 162 162 LEU LEU A . n 
A 1 163 LEU 163 163 163 LEU LEU A . n 
A 1 164 ASP 164 164 164 ASP ASP A . n 
A 1 165 THR 165 165 165 THR THR A . n 
A 1 166 SER 166 166 166 SER SER A . n 
A 1 167 ILE 167 167 167 ILE ILE A . n 
A 1 168 ASP 168 168 168 ASP ASP A . n 
A 1 169 PHE 169 169 169 PHE PHE A . n 
A 1 170 ALA 170 170 170 ALA ALA A . n 
A 1 171 LEU 171 171 171 LEU LEU A . n 
A 1 172 GLY 172 172 172 GLY GLY A . n 
A 1 173 VAL 173 173 173 VAL VAL A . n 
A 1 174 LEU 174 174 174 LEU LEU A . n 
A 1 175 PRO 175 175 175 PRO PRO A . n 
A 1 176 GLU 176 176 176 GLU GLU A . n 
A 1 177 MET 177 177 177 MET MET A . n 
A 1 178 LEU 178 178 178 LEU LEU A . n 
A 1 179 ALA 179 179 179 ALA ALA A . n 
A 1 180 GLY 180 180 180 GLY GLY A . n 
A 1 181 ASP 181 181 181 ASP ASP A . n 
A 1 182 TRP 182 182 182 TRP TRP A . n 
A 1 183 THR 183 183 183 THR THR A . n 
A 1 184 ARG 184 184 184 ARG ARG A . n 
A 1 185 ALA 185 185 185 ALA ALA A . n 
A 1 186 MET 186 186 186 MET MET A . n 
A 1 187 GLN 187 187 187 GLN GLN A . n 
A 1 188 LYS 188 188 188 LYS LYS A . n 
A 1 189 LEU 189 189 189 LEU LEU A . n 
A 1 190 HIS 190 190 190 HIS HIS A . n 
A 1 191 SER 191 191 191 SER SER A . n 
A 1 192 GLN 192 192 192 GLN GLN A . n 
A 1 193 LYS 193 193 193 LYS LYS A . n 
A 1 194 ALA 194 194 194 ALA ALA A . n 
# 
loop_
_pdbx_nonpoly_scheme.asym_id 
_pdbx_nonpoly_scheme.entity_id 
_pdbx_nonpoly_scheme.mon_id 
_pdbx_nonpoly_scheme.ndb_seq_num 
_pdbx_nonpoly_scheme.pdb_seq_num 
_pdbx_nonpoly_scheme.auth_seq_num 
_pdbx_nonpoly_scheme.pdb_mon_id 
_pdbx_nonpoly_scheme.auth_mon_id 
_pdbx_nonpoly_scheme.pdb_strand_id 
_pdbx_nonpoly_scheme.pdb_ins_code 
B 2 GOL 1   201 1   GOL GOL A . 
C 3 3NZ 1   202 1   3NZ XXX A . 
D 4 HOH 1   301 1   HOH HOH A . 
D 4 HOH 2   302 2   HOH HOH A . 
D 4 HOH 3   303 3   HOH HOH A . 
D 4 HOH 4   304 4   HOH HOH A . 
D 4 HOH 5   305 5   HOH HOH A . 
D 4 HOH 6   306 6   HOH HOH A . 
D 4 HOH 7   307 7   HOH HOH A . 
D 4 HOH 8   308 8   HOH HOH A . 
D 4 HOH 9   309 10  HOH HOH A . 
D 4 HOH 10  310 11  HOH HOH A . 
D 4 HOH 11  311 12  HOH HOH A . 
D 4 HOH 12  312 13  HOH HOH A . 
D 4 HOH 13  313 14  HOH HOH A . 
D 4 HOH 14  314 15  HOH HOH A . 
D 4 HOH 15  315 16  HOH HOH A . 
D 4 HOH 16  316 17  HOH HOH A . 
D 4 HOH 17  317 18  HOH HOH A . 
D 4 HOH 18  318 19  HOH HOH A . 
D 4 HOH 19  319 20  HOH HOH A . 
D 4 HOH 20  320 21  HOH HOH A . 
D 4 HOH 21  321 22  HOH HOH A . 
D 4 HOH 22  322 23  HOH HOH A . 
D 4 HOH 23  323 24  HOH HOH A . 
D 4 HOH 24  324 25  HOH HOH A . 
D 4 HOH 25  325 26  HOH HOH A . 
D 4 HOH 26  326 27  HOH HOH A . 
D 4 HOH 27  327 28  HOH HOH A . 
D 4 HOH 28  328 29  HOH HOH A . 
D 4 HOH 29  329 30  HOH HOH A . 
D 4 HOH 30  330 31  HOH HOH A . 
D 4 HOH 31  331 32  HOH HOH A . 
D 4 HOH 32  332 33  HOH HOH A . 
D 4 HOH 33  333 34  HOH HOH A . 
D 4 HOH 34  334 35  HOH HOH A . 
D 4 HOH 35  335 36  HOH HOH A . 
D 4 HOH 36  336 37  HOH HOH A . 
D 4 HOH 37  337 38  HOH HOH A . 
D 4 HOH 38  338 39  HOH HOH A . 
D 4 HOH 39  339 40  HOH HOH A . 
D 4 HOH 40  340 41  HOH HOH A . 
D 4 HOH 41  341 42  HOH HOH A . 
D 4 HOH 42  342 43  HOH HOH A . 
D 4 HOH 43  343 44  HOH HOH A . 
D 4 HOH 44  344 45  HOH HOH A . 
D 4 HOH 45  345 46  HOH HOH A . 
D 4 HOH 46  346 47  HOH HOH A . 
D 4 HOH 47  347 48  HOH HOH A . 
D 4 HOH 48  348 49  HOH HOH A . 
D 4 HOH 49  349 50  HOH HOH A . 
D 4 HOH 50  350 51  HOH HOH A . 
D 4 HOH 51  351 52  HOH HOH A . 
D 4 HOH 52  352 53  HOH HOH A . 
D 4 HOH 53  353 54  HOH HOH A . 
D 4 HOH 54  354 55  HOH HOH A . 
D 4 HOH 55  355 56  HOH HOH A . 
D 4 HOH 56  356 57  HOH HOH A . 
D 4 HOH 57  357 58  HOH HOH A . 
D 4 HOH 58  358 59  HOH HOH A . 
D 4 HOH 59  359 60  HOH HOH A . 
D 4 HOH 60  360 61  HOH HOH A . 
D 4 HOH 61  361 62  HOH HOH A . 
D 4 HOH 62  362 64  HOH HOH A . 
D 4 HOH 63  363 65  HOH HOH A . 
D 4 HOH 64  364 66  HOH HOH A . 
D 4 HOH 65  365 67  HOH HOH A . 
D 4 HOH 66  366 68  HOH HOH A . 
D 4 HOH 67  367 69  HOH HOH A . 
D 4 HOH 68  368 70  HOH HOH A . 
D 4 HOH 69  369 71  HOH HOH A . 
D 4 HOH 70  370 72  HOH HOH A . 
D 4 HOH 71  371 73  HOH HOH A . 
D 4 HOH 72  372 74  HOH HOH A . 
D 4 HOH 73  373 75  HOH HOH A . 
D 4 HOH 74  374 76  HOH HOH A . 
D 4 HOH 75  375 77  HOH HOH A . 
D 4 HOH 76  376 78  HOH HOH A . 
D 4 HOH 77  377 80  HOH HOH A . 
D 4 HOH 78  378 81  HOH HOH A . 
D 4 HOH 79  379 82  HOH HOH A . 
D 4 HOH 80  380 83  HOH HOH A . 
D 4 HOH 81  381 84  HOH HOH A . 
D 4 HOH 82  382 86  HOH HOH A . 
D 4 HOH 83  383 87  HOH HOH A . 
D 4 HOH 84  384 88  HOH HOH A . 
D 4 HOH 85  385 89  HOH HOH A . 
D 4 HOH 86  386 90  HOH HOH A . 
D 4 HOH 87  387 91  HOH HOH A . 
D 4 HOH 88  388 93  HOH HOH A . 
D 4 HOH 89  389 94  HOH HOH A . 
D 4 HOH 90  390 95  HOH HOH A . 
D 4 HOH 91  391 96  HOH HOH A . 
D 4 HOH 92  392 97  HOH HOH A . 
D 4 HOH 93  393 99  HOH HOH A . 
D 4 HOH 94  394 100 HOH HOH A . 
D 4 HOH 95  395 101 HOH HOH A . 
D 4 HOH 96  396 102 HOH HOH A . 
D 4 HOH 97  397 103 HOH HOH A . 
D 4 HOH 98  398 104 HOH HOH A . 
D 4 HOH 99  399 106 HOH HOH A . 
D 4 HOH 100 400 107 HOH HOH A . 
D 4 HOH 101 401 108 HOH HOH A . 
D 4 HOH 102 402 109 HOH HOH A . 
D 4 HOH 103 403 110 HOH HOH A . 
D 4 HOH 104 404 111 HOH HOH A . 
D 4 HOH 105 405 112 HOH HOH A . 
D 4 HOH 106 406 113 HOH HOH A . 
D 4 HOH 107 407 114 HOH HOH A . 
D 4 HOH 108 408 115 HOH HOH A . 
D 4 HOH 109 409 116 HOH HOH A . 
D 4 HOH 110 410 117 HOH HOH A . 
D 4 HOH 111 411 118 HOH HOH A . 
D 4 HOH 112 412 119 HOH HOH A . 
D 4 HOH 113 413 120 HOH HOH A . 
D 4 HOH 114 414 121 HOH HOH A . 
D 4 HOH 115 415 122 HOH HOH A . 
D 4 HOH 116 416 124 HOH HOH A . 
D 4 HOH 117 417 125 HOH HOH A . 
D 4 HOH 118 418 126 HOH HOH A . 
D 4 HOH 119 419 128 HOH HOH A . 
D 4 HOH 120 420 129 HOH HOH A . 
D 4 HOH 121 421 131 HOH HOH A . 
D 4 HOH 122 422 132 HOH HOH A . 
D 4 HOH 123 423 133 HOH HOH A . 
D 4 HOH 124 424 134 HOH HOH A . 
D 4 HOH 125 425 135 HOH HOH A . 
D 4 HOH 126 426 136 HOH HOH A . 
D 4 HOH 127 427 137 HOH HOH A . 
D 4 HOH 128 428 138 HOH HOH A . 
D 4 HOH 129 429 139 HOH HOH A . 
D 4 HOH 130 430 141 HOH HOH A . 
D 4 HOH 131 431 142 HOH HOH A . 
D 4 HOH 132 432 143 HOH HOH A . 
D 4 HOH 133 433 144 HOH HOH A . 
D 4 HOH 134 434 146 HOH HOH A . 
D 4 HOH 135 435 147 HOH HOH A . 
D 4 HOH 136 436 148 HOH HOH A . 
D 4 HOH 137 437 150 HOH HOH A . 
D 4 HOH 138 438 151 HOH HOH A . 
D 4 HOH 139 439 153 HOH HOH A . 
D 4 HOH 140 440 154 HOH HOH A . 
D 4 HOH 141 441 155 HOH HOH A . 
D 4 HOH 142 442 156 HOH HOH A . 
D 4 HOH 143 443 157 HOH HOH A . 
D 4 HOH 144 444 158 HOH HOH A . 
D 4 HOH 145 445 159 HOH HOH A . 
D 4 HOH 146 446 161 HOH HOH A . 
D 4 HOH 147 447 162 HOH HOH A . 
D 4 HOH 148 448 163 HOH HOH A . 
D 4 HOH 149 449 164 HOH HOH A . 
D 4 HOH 150 450 166 HOH HOH A . 
D 4 HOH 151 451 167 HOH HOH A . 
D 4 HOH 152 452 168 HOH HOH A . 
D 4 HOH 153 453 169 HOH HOH A . 
D 4 HOH 154 454 170 HOH HOH A . 
D 4 HOH 155 455 171 HOH HOH A . 
D 4 HOH 156 456 172 HOH HOH A . 
D 4 HOH 157 457 174 HOH HOH A . 
D 4 HOH 158 458 175 HOH HOH A . 
D 4 HOH 159 459 176 HOH HOH A . 
D 4 HOH 160 460 178 HOH HOH A . 
D 4 HOH 161 461 179 HOH HOH A . 
D 4 HOH 162 462 180 HOH HOH A . 
D 4 HOH 163 463 181 HOH HOH A . 
D 4 HOH 164 464 182 HOH HOH A . 
D 4 HOH 165 465 183 HOH HOH A . 
D 4 HOH 166 466 184 HOH HOH A . 
D 4 HOH 167 467 185 HOH HOH A . 
D 4 HOH 168 468 186 HOH HOH A . 
D 4 HOH 169 469 187 HOH HOH A . 
D 4 HOH 170 470 189 HOH HOH A . 
D 4 HOH 171 471 191 HOH HOH A . 
D 4 HOH 172 472 192 HOH HOH A . 
D 4 HOH 173 473 193 HOH HOH A . 
D 4 HOH 174 474 194 HOH HOH A . 
D 4 HOH 175 475 195 HOH HOH A . 
D 4 HOH 176 476 196 HOH HOH A . 
D 4 HOH 177 477 197 HOH HOH A . 
D 4 HOH 178 478 198 HOH HOH A . 
D 4 HOH 179 479 199 HOH HOH A . 
D 4 HOH 180 480 200 HOH HOH A . 
D 4 HOH 181 481 201 HOH HOH A . 
D 4 HOH 182 482 202 HOH HOH A . 
D 4 HOH 183 483 203 HOH HOH A . 
D 4 HOH 184 484 204 HOH HOH A . 
D 4 HOH 185 485 205 HOH HOH A . 
D 4 HOH 186 486 206 HOH HOH A . 
D 4 HOH 187 487 207 HOH HOH A . 
D 4 HOH 188 488 208 HOH HOH A . 
D 4 HOH 189 489 209 HOH HOH A . 
D 4 HOH 190 490 210 HOH HOH A . 
D 4 HOH 191 491 211 HOH HOH A . 
D 4 HOH 192 492 213 HOH HOH A . 
D 4 HOH 193 493 214 HOH HOH A . 
D 4 HOH 194 494 215 HOH HOH A . 
D 4 HOH 195 495 216 HOH HOH A . 
D 4 HOH 196 496 2   HOH HOH A . 
D 4 HOH 197 497 3   HOH HOH A . 
D 4 HOH 198 498 4   HOH HOH A . 
D 4 HOH 199 499 5   HOH HOH A . 
D 4 HOH 200 500 6   HOH HOH A . 
D 4 HOH 201 501 1   HOH HOH A . 
D 4 HOH 202 502 2   HOH HOH A . 
D 4 HOH 203 503 3   HOH HOH A . 
D 4 HOH 204 504 4   HOH HOH A . 
D 4 HOH 205 505 5   HOH HOH A . 
D 4 HOH 206 506 6   HOH HOH A . 
D 4 HOH 207 507 8   HOH HOH A . 
D 4 HOH 208 508 9   HOH HOH A . 
D 4 HOH 209 509 10  HOH HOH A . 
D 4 HOH 210 510 3   HOH HOH A . 
D 4 HOH 211 511 4   HOH HOH A . 
D 4 HOH 212 512 5   HOH HOH A . 
D 4 HOH 213 513 1   HOH HOH A . 
D 4 HOH 214 514 2   HOH HOH A . 
D 4 HOH 215 515 3   HOH HOH A . 
D 4 HOH 216 516 4   HOH HOH A . 
D 4 HOH 217 517 5   HOH HOH A . 
D 4 HOH 218 518 6   HOH HOH A . 
D 4 HOH 219 519 7   HOH HOH A . 
# 
_pdbx_struct_assembly.id                   1 
_pdbx_struct_assembly.details              author_and_software_defined_assembly 
_pdbx_struct_assembly.method_details       PISA 
_pdbx_struct_assembly.oligomeric_details   monomeric 
_pdbx_struct_assembly.oligomeric_count     1 
# 
_pdbx_struct_assembly_gen.assembly_id       1 
_pdbx_struct_assembly_gen.oper_expression   1 
_pdbx_struct_assembly_gen.asym_id_list      A,B,C,D 
# 
_pdbx_struct_oper_list.id                   1 
_pdbx_struct_oper_list.type                 'identity operation' 
_pdbx_struct_oper_list.name                 1_555 
_pdbx_struct_oper_list.symmetry_operation   x,y,z 
_pdbx_struct_oper_list.matrix[1][1]         1.0000000000 
_pdbx_struct_oper_list.matrix[1][2]         0.0000000000 
_pdbx_struct_oper_list.matrix[1][3]         0.0000000000 
_pdbx_struct_oper_list.vector[1]            0.0000000000 
_pdbx_struct_oper_list.matrix[2][1]         0.0000000000 
_pdbx_struct_oper_list.matrix[2][2]         1.0000000000 
_pdbx_struct_oper_list.matrix[2][3]         0.0000000000 
_pdbx_struct_oper_list.vector[2]            0.0000000000 
_pdbx_struct_oper_list.matrix[3][1]         0.0000000000 
_pdbx_struct_oper_list.matrix[3][2]         0.0000000000 
_pdbx_struct_oper_list.matrix[3][3]         1.0000000000 
_pdbx_struct_oper_list.vector[3]            0.0000000000 
# 
loop_
_pdbx_audit_revision_history.ordinal 
_pdbx_audit_revision_history.data_content_type 
_pdbx_audit_revision_history.major_revision 
_pdbx_audit_revision_history.minor_revision 
_pdbx_audit_revision_history.revision_date 
1 'Structure model' 1 0 2014-05-28 
2 'Structure model' 1 1 2014-11-12 
3 'Structure model' 1 2 2023-11-08 
# 
_pdbx_audit_revision_details.ordinal             1 
_pdbx_audit_revision_details.revision_ordinal    1 
_pdbx_audit_revision_details.data_content_type   'Structure model' 
_pdbx_audit_revision_details.provider            repository 
_pdbx_audit_revision_details.type                'Initial release' 
_pdbx_audit_revision_details.description         ? 
_pdbx_audit_revision_details.details             ? 
# 
loop_
_pdbx_audit_revision_group.ordinal 
_pdbx_audit_revision_group.revision_ordinal 
_pdbx_audit_revision_group.data_content_type 
_pdbx_audit_revision_group.group 
1 2 'Structure model' 'Database references'    
2 3 'Structure model' 'Data collection'        
3 3 'Structure model' 'Database references'    
4 3 'Structure model' 'Derived calculations'   
5 3 'Structure model' 'Refinement description' 
# 
loop_
_pdbx_audit_revision_category.ordinal 
_pdbx_audit_revision_category.revision_ordinal 
_pdbx_audit_revision_category.data_content_type 
_pdbx_audit_revision_category.category 
1 3 'Structure model' chem_comp_atom                
2 3 'Structure model' chem_comp_bond                
3 3 'Structure model' database_2                    
4 3 'Structure model' pdbx_initial_refinement_model 
5 3 'Structure model' struct_site                   
# 
loop_
_pdbx_audit_revision_item.ordinal 
_pdbx_audit_revision_item.revision_ordinal 
_pdbx_audit_revision_item.data_content_type 
_pdbx_audit_revision_item.item 
1 3 'Structure model' '_database_2.pdbx_DOI'                
2 3 'Structure model' '_database_2.pdbx_database_accession' 
3 3 'Structure model' '_struct_site.pdbx_auth_asym_id'      
4 3 'Structure model' '_struct_site.pdbx_auth_comp_id'      
5 3 'Structure model' '_struct_site.pdbx_auth_seq_id'       
# 
loop_
_software.name 
_software.classification 
_software.version 
_software.citation_id 
_software.pdbx_ordinal 
HKL-2000  'data collection' .        ? 1 
AMoRE     phasing           .        ? 2 
REFMAC    refinement        5.8.0049 ? 3 
HKL-2000  'data reduction'  .        ? 4 
SCALEPACK 'data scaling'    .        ? 5 
# 
loop_
_pdbx_validate_rmsd_bond.id 
_pdbx_validate_rmsd_bond.PDB_model_num 
_pdbx_validate_rmsd_bond.auth_atom_id_1 
_pdbx_validate_rmsd_bond.auth_asym_id_1 
_pdbx_validate_rmsd_bond.auth_comp_id_1 
_pdbx_validate_rmsd_bond.auth_seq_id_1 
_pdbx_validate_rmsd_bond.PDB_ins_code_1 
_pdbx_validate_rmsd_bond.label_alt_id_1 
_pdbx_validate_rmsd_bond.auth_atom_id_2 
_pdbx_validate_rmsd_bond.auth_asym_id_2 
_pdbx_validate_rmsd_bond.auth_comp_id_2 
_pdbx_validate_rmsd_bond.auth_seq_id_2 
_pdbx_validate_rmsd_bond.PDB_ins_code_2 
_pdbx_validate_rmsd_bond.label_alt_id_2 
_pdbx_validate_rmsd_bond.bond_value 
_pdbx_validate_rmsd_bond.bond_target_value 
_pdbx_validate_rmsd_bond.bond_deviation 
_pdbx_validate_rmsd_bond.bond_standard_deviation 
_pdbx_validate_rmsd_bond.linker_flag 
1 1 NE2 A HIS 112 ? ? CD2 A HIS 112 ? ? 1.303 1.373 -0.070 0.011 N 
2 1 CD  A GLU 161 ? ? OE2 A GLU 161 ? ? 1.176 1.252 -0.076 0.011 N 
# 
loop_
_chem_comp_atom.comp_id 
_chem_comp_atom.atom_id 
_chem_comp_atom.type_symbol 
_chem_comp_atom.pdbx_aromatic_flag 
_chem_comp_atom.pdbx_stereo_config 
_chem_comp_atom.pdbx_ordinal 
3NZ O     O N N 1   
3NZ C     C N N 2   
3NZ CA    C N S 3   
3NZ CB    C N N 4   
3NZ CG    C Y N 5   
3NZ CD2   C Y N 6   
3NZ CE2   C Y N 7   
3NZ CZ    C Y N 8   
3NZ OM    O N N 9   
3NZ CMZ   C N N 10  
3NZ CE1   C Y N 11  
3NZ CD1   C Y N 12  
3NZ N     N N N 13  
3NZ "N3'" N N N 14  
3NZ "C3'" C N S 15  
3NZ "C4'" C N S 16  
3NZ "C5'" C N N 17  
3NZ "O5'" O N N 18  
3NZ "C2'" C N R 19  
3NZ "O2'" O N N 20  
3NZ "C1'" C N R 21  
3NZ "O4'" O N N 22  
3NZ N9    N Y N 23  
3NZ C8    C Y N 24  
3NZ N7    N Y N 25  
3NZ C5    C Y N 26  
3NZ C4    C Y N 27  
3NZ C6    C Y N 28  
3NZ N6    N N N 29  
3NZ N1    N Y N 30  
3NZ C2    C Y N 31  
3NZ N3    N Y N 32  
3NZ H1    H N N 33  
3NZ H2    H N N 34  
3NZ H3    H N N 35  
3NZ H4    H N N 36  
3NZ H5    H N N 37  
3NZ H6    H N N 38  
3NZ H7    H N N 39  
3NZ H8    H N N 40  
3NZ H9    H N N 41  
3NZ H10   H N N 42  
3NZ H11   H N N 43  
3NZ H12   H N N 44  
3NZ H14   H N N 45  
3NZ H15   H N N 46  
3NZ H16   H N N 47  
3NZ H17   H N N 48  
3NZ H18   H N N 49  
3NZ H19   H N N 50  
3NZ H20   H N N 51  
3NZ H21   H N N 52  
3NZ H22   H N N 53  
3NZ H23   H N N 54  
3NZ H24   H N N 55  
3NZ H25   H N N 56  
3NZ H26   H N N 57  
ALA N     N N N 58  
ALA CA    C N S 59  
ALA C     C N N 60  
ALA O     O N N 61  
ALA CB    C N N 62  
ALA OXT   O N N 63  
ALA H     H N N 64  
ALA H2    H N N 65  
ALA HA    H N N 66  
ALA HB1   H N N 67  
ALA HB2   H N N 68  
ALA HB3   H N N 69  
ALA HXT   H N N 70  
ARG N     N N N 71  
ARG CA    C N S 72  
ARG C     C N N 73  
ARG O     O N N 74  
ARG CB    C N N 75  
ARG CG    C N N 76  
ARG CD    C N N 77  
ARG NE    N N N 78  
ARG CZ    C N N 79  
ARG NH1   N N N 80  
ARG NH2   N N N 81  
ARG OXT   O N N 82  
ARG H     H N N 83  
ARG H2    H N N 84  
ARG HA    H N N 85  
ARG HB2   H N N 86  
ARG HB3   H N N 87  
ARG HG2   H N N 88  
ARG HG3   H N N 89  
ARG HD2   H N N 90  
ARG HD3   H N N 91  
ARG HE    H N N 92  
ARG HH11  H N N 93  
ARG HH12  H N N 94  
ARG HH21  H N N 95  
ARG HH22  H N N 96  
ARG HXT   H N N 97  
ASN N     N N N 98  
ASN CA    C N S 99  
ASN C     C N N 100 
ASN O     O N N 101 
ASN CB    C N N 102 
ASN CG    C N N 103 
ASN OD1   O N N 104 
ASN ND2   N N N 105 
ASN OXT   O N N 106 
ASN H     H N N 107 
ASN H2    H N N 108 
ASN HA    H N N 109 
ASN HB2   H N N 110 
ASN HB3   H N N 111 
ASN HD21  H N N 112 
ASN HD22  H N N 113 
ASN HXT   H N N 114 
ASP N     N N N 115 
ASP CA    C N S 116 
ASP C     C N N 117 
ASP O     O N N 118 
ASP CB    C N N 119 
ASP CG    C N N 120 
ASP OD1   O N N 121 
ASP OD2   O N N 122 
ASP OXT   O N N 123 
ASP H     H N N 124 
ASP H2    H N N 125 
ASP HA    H N N 126 
ASP HB2   H N N 127 
ASP HB3   H N N 128 
ASP HD2   H N N 129 
ASP HXT   H N N 130 
GLN N     N N N 131 
GLN CA    C N S 132 
GLN C     C N N 133 
GLN O     O N N 134 
GLN CB    C N N 135 
GLN CG    C N N 136 
GLN CD    C N N 137 
GLN OE1   O N N 138 
GLN NE2   N N N 139 
GLN OXT   O N N 140 
GLN H     H N N 141 
GLN H2    H N N 142 
GLN HA    H N N 143 
GLN HB2   H N N 144 
GLN HB3   H N N 145 
GLN HG2   H N N 146 
GLN HG3   H N N 147 
GLN HE21  H N N 148 
GLN HE22  H N N 149 
GLN HXT   H N N 150 
GLU N     N N N 151 
GLU CA    C N S 152 
GLU C     C N N 153 
GLU O     O N N 154 
GLU CB    C N N 155 
GLU CG    C N N 156 
GLU CD    C N N 157 
GLU OE1   O N N 158 
GLU OE2   O N N 159 
GLU OXT   O N N 160 
GLU H     H N N 161 
GLU H2    H N N 162 
GLU HA    H N N 163 
GLU HB2   H N N 164 
GLU HB3   H N N 165 
GLU HG2   H N N 166 
GLU HG3   H N N 167 
GLU HE2   H N N 168 
GLU HXT   H N N 169 
GLY N     N N N 170 
GLY CA    C N N 171 
GLY C     C N N 172 
GLY O     O N N 173 
GLY OXT   O N N 174 
GLY H     H N N 175 
GLY H2    H N N 176 
GLY HA2   H N N 177 
GLY HA3   H N N 178 
GLY HXT   H N N 179 
GOL C1    C N N 180 
GOL O1    O N N 181 
GOL C2    C N N 182 
GOL O2    O N N 183 
GOL C3    C N N 184 
GOL O3    O N N 185 
GOL H11   H N N 186 
GOL H12   H N N 187 
GOL HO1   H N N 188 
GOL H2    H N N 189 
GOL HO2   H N N 190 
GOL H31   H N N 191 
GOL H32   H N N 192 
GOL HO3   H N N 193 
HIS N     N N N 194 
HIS CA    C N S 195 
HIS C     C N N 196 
HIS O     O N N 197 
HIS CB    C N N 198 
HIS CG    C Y N 199 
HIS ND1   N Y N 200 
HIS CD2   C Y N 201 
HIS CE1   C Y N 202 
HIS NE2   N Y N 203 
HIS OXT   O N N 204 
HIS H     H N N 205 
HIS H2    H N N 206 
HIS HA    H N N 207 
HIS HB2   H N N 208 
HIS HB3   H N N 209 
HIS HD1   H N N 210 
HIS HD2   H N N 211 
HIS HE1   H N N 212 
HIS HE2   H N N 213 
HIS HXT   H N N 214 
HOH O     O N N 215 
HOH H1    H N N 216 
HOH H2    H N N 217 
ILE N     N N N 218 
ILE CA    C N S 219 
ILE C     C N N 220 
ILE O     O N N 221 
ILE CB    C N S 222 
ILE CG1   C N N 223 
ILE CG2   C N N 224 
ILE CD1   C N N 225 
ILE OXT   O N N 226 
ILE H     H N N 227 
ILE H2    H N N 228 
ILE HA    H N N 229 
ILE HB    H N N 230 
ILE HG12  H N N 231 
ILE HG13  H N N 232 
ILE HG21  H N N 233 
ILE HG22  H N N 234 
ILE HG23  H N N 235 
ILE HD11  H N N 236 
ILE HD12  H N N 237 
ILE HD13  H N N 238 
ILE HXT   H N N 239 
LEU N     N N N 240 
LEU CA    C N S 241 
LEU C     C N N 242 
LEU O     O N N 243 
LEU CB    C N N 244 
LEU CG    C N N 245 
LEU CD1   C N N 246 
LEU CD2   C N N 247 
LEU OXT   O N N 248 
LEU H     H N N 249 
LEU H2    H N N 250 
LEU HA    H N N 251 
LEU HB2   H N N 252 
LEU HB3   H N N 253 
LEU HG    H N N 254 
LEU HD11  H N N 255 
LEU HD12  H N N 256 
LEU HD13  H N N 257 
LEU HD21  H N N 258 
LEU HD22  H N N 259 
LEU HD23  H N N 260 
LEU HXT   H N N 261 
LYS N     N N N 262 
LYS CA    C N S 263 
LYS C     C N N 264 
LYS O     O N N 265 
LYS CB    C N N 266 
LYS CG    C N N 267 
LYS CD    C N N 268 
LYS CE    C N N 269 
LYS NZ    N N N 270 
LYS OXT   O N N 271 
LYS H     H N N 272 
LYS H2    H N N 273 
LYS HA    H N N 274 
LYS HB2   H N N 275 
LYS HB3   H N N 276 
LYS HG2   H N N 277 
LYS HG3   H N N 278 
LYS HD2   H N N 279 
LYS HD3   H N N 280 
LYS HE2   H N N 281 
LYS HE3   H N N 282 
LYS HZ1   H N N 283 
LYS HZ2   H N N 284 
LYS HZ3   H N N 285 
LYS HXT   H N N 286 
MET N     N N N 287 
MET CA    C N S 288 
MET C     C N N 289 
MET O     O N N 290 
MET CB    C N N 291 
MET CG    C N N 292 
MET SD    S N N 293 
MET CE    C N N 294 
MET OXT   O N N 295 
MET H     H N N 296 
MET H2    H N N 297 
MET HA    H N N 298 
MET HB2   H N N 299 
MET HB3   H N N 300 
MET HG2   H N N 301 
MET HG3   H N N 302 
MET HE1   H N N 303 
MET HE2   H N N 304 
MET HE3   H N N 305 
MET HXT   H N N 306 
PHE N     N N N 307 
PHE CA    C N S 308 
PHE C     C N N 309 
PHE O     O N N 310 
PHE CB    C N N 311 
PHE CG    C Y N 312 
PHE CD1   C Y N 313 
PHE CD2   C Y N 314 
PHE CE1   C Y N 315 
PHE CE2   C Y N 316 
PHE CZ    C Y N 317 
PHE OXT   O N N 318 
PHE H     H N N 319 
PHE H2    H N N 320 
PHE HA    H N N 321 
PHE HB2   H N N 322 
PHE HB3   H N N 323 
PHE HD1   H N N 324 
PHE HD2   H N N 325 
PHE HE1   H N N 326 
PHE HE2   H N N 327 
PHE HZ    H N N 328 
PHE HXT   H N N 329 
PRO N     N N N 330 
PRO CA    C N S 331 
PRO C     C N N 332 
PRO O     O N N 333 
PRO CB    C N N 334 
PRO CG    C N N 335 
PRO CD    C N N 336 
PRO OXT   O N N 337 
PRO H     H N N 338 
PRO HA    H N N 339 
PRO HB2   H N N 340 
PRO HB3   H N N 341 
PRO HG2   H N N 342 
PRO HG3   H N N 343 
PRO HD2   H N N 344 
PRO HD3   H N N 345 
PRO HXT   H N N 346 
SER N     N N N 347 
SER CA    C N S 348 
SER C     C N N 349 
SER O     O N N 350 
SER CB    C N N 351 
SER OG    O N N 352 
SER OXT   O N N 353 
SER H     H N N 354 
SER H2    H N N 355 
SER HA    H N N 356 
SER HB2   H N N 357 
SER HB3   H N N 358 
SER HG    H N N 359 
SER HXT   H N N 360 
THR N     N N N 361 
THR CA    C N S 362 
THR C     C N N 363 
THR O     O N N 364 
THR CB    C N R 365 
THR OG1   O N N 366 
THR CG2   C N N 367 
THR OXT   O N N 368 
THR H     H N N 369 
THR H2    H N N 370 
THR HA    H N N 371 
THR HB    H N N 372 
THR HG1   H N N 373 
THR HG21  H N N 374 
THR HG22  H N N 375 
THR HG23  H N N 376 
THR HXT   H N N 377 
TRP N     N N N 378 
TRP CA    C N S 379 
TRP C     C N N 380 
TRP O     O N N 381 
TRP CB    C N N 382 
TRP CG    C Y N 383 
TRP CD1   C Y N 384 
TRP CD2   C Y N 385 
TRP NE1   N Y N 386 
TRP CE2   C Y N 387 
TRP CE3   C Y N 388 
TRP CZ2   C Y N 389 
TRP CZ3   C Y N 390 
TRP CH2   C Y N 391 
TRP OXT   O N N 392 
TRP H     H N N 393 
TRP H2    H N N 394 
TRP HA    H N N 395 
TRP HB2   H N N 396 
TRP HB3   H N N 397 
TRP HD1   H N N 398 
TRP HE1   H N N 399 
TRP HE3   H N N 400 
TRP HZ2   H N N 401 
TRP HZ3   H N N 402 
TRP HH2   H N N 403 
TRP HXT   H N N 404 
TYR N     N N N 405 
TYR CA    C N S 406 
TYR C     C N N 407 
TYR O     O N N 408 
TYR CB    C N N 409 
TYR CG    C Y N 410 
TYR CD1   C Y N 411 
TYR CD2   C Y N 412 
TYR CE1   C Y N 413 
TYR CE2   C Y N 414 
TYR CZ    C Y N 415 
TYR OH    O N N 416 
TYR OXT   O N N 417 
TYR H     H N N 418 
TYR H2    H N N 419 
TYR HA    H N N 420 
TYR HB2   H N N 421 
TYR HB3   H N N 422 
TYR HD1   H N N 423 
TYR HD2   H N N 424 
TYR HE1   H N N 425 
TYR HE2   H N N 426 
TYR HH    H N N 427 
TYR HXT   H N N 428 
VAL N     N N N 429 
VAL CA    C N S 430 
VAL C     C N N 431 
VAL O     O N N 432 
VAL CB    C N N 433 
VAL CG1   C N N 434 
VAL CG2   C N N 435 
VAL OXT   O N N 436 
VAL H     H N N 437 
VAL H2    H N N 438 
VAL HA    H N N 439 
VAL HB    H N N 440 
VAL HG11  H N N 441 
VAL HG12  H N N 442 
VAL HG13  H N N 443 
VAL HG21  H N N 444 
VAL HG22  H N N 445 
VAL HG23  H N N 446 
VAL HXT   H N N 447 
# 
loop_
_chem_comp_bond.comp_id 
_chem_comp_bond.atom_id_1 
_chem_comp_bond.atom_id_2 
_chem_comp_bond.value_order 
_chem_comp_bond.pdbx_aromatic_flag 
_chem_comp_bond.pdbx_stereo_config 
_chem_comp_bond.pdbx_ordinal 
3NZ N6    C6    sing N N 1   
3NZ N7    C5    sing Y N 2   
3NZ N7    C8    doub Y N 3   
3NZ C6    C5    doub Y N 4   
3NZ C6    N1    sing Y N 5   
3NZ C5    C4    sing Y N 6   
3NZ C8    N9    sing Y N 7   
3NZ N1    C2    doub Y N 8   
3NZ C4    N9    sing Y N 9   
3NZ C4    N3    doub Y N 10  
3NZ N9    "C1'" sing N N 11  
3NZ C2    N3    sing Y N 12  
3NZ "O4'" "C1'" sing N N 13  
3NZ "O4'" "C4'" sing N N 14  
3NZ "C1'" "C2'" sing N N 15  
3NZ "C4'" "C5'" sing N N 16  
3NZ "C4'" "C3'" sing N N 17  
3NZ "C5'" "O5'" sing N N 18  
3NZ "C2'" "O2'" sing N N 19  
3NZ "C2'" "C3'" sing N N 20  
3NZ "C3'" "N3'" sing N N 21  
3NZ O     C     doub N N 22  
3NZ CMZ   OM    sing N N 23  
3NZ "N3'" C     sing N N 24  
3NZ C     CA    sing N N 25  
3NZ OM    CZ    sing N N 26  
3NZ CZ    CE1   doub Y N 27  
3NZ CZ    CE2   sing Y N 28  
3NZ CE1   CD1   sing Y N 29  
3NZ CE2   CD2   doub Y N 30  
3NZ CD1   CG    doub Y N 31  
3NZ CD2   CG    sing Y N 32  
3NZ CG    CB    sing N N 33  
3NZ CA    CB    sing N N 34  
3NZ CA    N     sing N N 35  
3NZ CA    H1    sing N N 36  
3NZ CB    H2    sing N N 37  
3NZ CB    H3    sing N N 38  
3NZ CD2   H4    sing N N 39  
3NZ CE2   H5    sing N N 40  
3NZ CMZ   H6    sing N N 41  
3NZ CMZ   H7    sing N N 42  
3NZ CMZ   H8    sing N N 43  
3NZ CE1   H9    sing N N 44  
3NZ CD1   H10   sing N N 45  
3NZ N     H11   sing N N 46  
3NZ N     H12   sing N N 47  
3NZ "N3'" H14   sing N N 48  
3NZ "C3'" H15   sing N N 49  
3NZ "C4'" H16   sing N N 50  
3NZ "C5'" H17   sing N N 51  
3NZ "C5'" H18   sing N N 52  
3NZ "O5'" H19   sing N N 53  
3NZ "C2'" H20   sing N N 54  
3NZ "O2'" H21   sing N N 55  
3NZ "C1'" H22   sing N N 56  
3NZ C8    H23   sing N N 57  
3NZ N6    H24   sing N N 58  
3NZ N6    H25   sing N N 59  
3NZ C2    H26   sing N N 60  
ALA N     CA    sing N N 61  
ALA N     H     sing N N 62  
ALA N     H2    sing N N 63  
ALA CA    C     sing N N 64  
ALA CA    CB    sing N N 65  
ALA CA    HA    sing N N 66  
ALA C     O     doub N N 67  
ALA C     OXT   sing N N 68  
ALA CB    HB1   sing N N 69  
ALA CB    HB2   sing N N 70  
ALA CB    HB3   sing N N 71  
ALA OXT   HXT   sing N N 72  
ARG N     CA    sing N N 73  
ARG N     H     sing N N 74  
ARG N     H2    sing N N 75  
ARG CA    C     sing N N 76  
ARG CA    CB    sing N N 77  
ARG CA    HA    sing N N 78  
ARG C     O     doub N N 79  
ARG C     OXT   sing N N 80  
ARG CB    CG    sing N N 81  
ARG CB    HB2   sing N N 82  
ARG CB    HB3   sing N N 83  
ARG CG    CD    sing N N 84  
ARG CG    HG2   sing N N 85  
ARG CG    HG3   sing N N 86  
ARG CD    NE    sing N N 87  
ARG CD    HD2   sing N N 88  
ARG CD    HD3   sing N N 89  
ARG NE    CZ    sing N N 90  
ARG NE    HE    sing N N 91  
ARG CZ    NH1   sing N N 92  
ARG CZ    NH2   doub N N 93  
ARG NH1   HH11  sing N N 94  
ARG NH1   HH12  sing N N 95  
ARG NH2   HH21  sing N N 96  
ARG NH2   HH22  sing N N 97  
ARG OXT   HXT   sing N N 98  
ASN N     CA    sing N N 99  
ASN N     H     sing N N 100 
ASN N     H2    sing N N 101 
ASN CA    C     sing N N 102 
ASN CA    CB    sing N N 103 
ASN CA    HA    sing N N 104 
ASN C     O     doub N N 105 
ASN C     OXT   sing N N 106 
ASN CB    CG    sing N N 107 
ASN CB    HB2   sing N N 108 
ASN CB    HB3   sing N N 109 
ASN CG    OD1   doub N N 110 
ASN CG    ND2   sing N N 111 
ASN ND2   HD21  sing N N 112 
ASN ND2   HD22  sing N N 113 
ASN OXT   HXT   sing N N 114 
ASP N     CA    sing N N 115 
ASP N     H     sing N N 116 
ASP N     H2    sing N N 117 
ASP CA    C     sing N N 118 
ASP CA    CB    sing N N 119 
ASP CA    HA    sing N N 120 
ASP C     O     doub N N 121 
ASP C     OXT   sing N N 122 
ASP CB    CG    sing N N 123 
ASP CB    HB2   sing N N 124 
ASP CB    HB3   sing N N 125 
ASP CG    OD1   doub N N 126 
ASP CG    OD2   sing N N 127 
ASP OD2   HD2   sing N N 128 
ASP OXT   HXT   sing N N 129 
GLN N     CA    sing N N 130 
GLN N     H     sing N N 131 
GLN N     H2    sing N N 132 
GLN CA    C     sing N N 133 
GLN CA    CB    sing N N 134 
GLN CA    HA    sing N N 135 
GLN C     O     doub N N 136 
GLN C     OXT   sing N N 137 
GLN CB    CG    sing N N 138 
GLN CB    HB2   sing N N 139 
GLN CB    HB3   sing N N 140 
GLN CG    CD    sing N N 141 
GLN CG    HG2   sing N N 142 
GLN CG    HG3   sing N N 143 
GLN CD    OE1   doub N N 144 
GLN CD    NE2   sing N N 145 
GLN NE2   HE21  sing N N 146 
GLN NE2   HE22  sing N N 147 
GLN OXT   HXT   sing N N 148 
GLU N     CA    sing N N 149 
GLU N     H     sing N N 150 
GLU N     H2    sing N N 151 
GLU CA    C     sing N N 152 
GLU CA    CB    sing N N 153 
GLU CA    HA    sing N N 154 
GLU C     O     doub N N 155 
GLU C     OXT   sing N N 156 
GLU CB    CG    sing N N 157 
GLU CB    HB2   sing N N 158 
GLU CB    HB3   sing N N 159 
GLU CG    CD    sing N N 160 
GLU CG    HG2   sing N N 161 
GLU CG    HG3   sing N N 162 
GLU CD    OE1   doub N N 163 
GLU CD    OE2   sing N N 164 
GLU OE2   HE2   sing N N 165 
GLU OXT   HXT   sing N N 166 
GLY N     CA    sing N N 167 
GLY N     H     sing N N 168 
GLY N     H2    sing N N 169 
GLY CA    C     sing N N 170 
GLY CA    HA2   sing N N 171 
GLY CA    HA3   sing N N 172 
GLY C     O     doub N N 173 
GLY C     OXT   sing N N 174 
GLY OXT   HXT   sing N N 175 
GOL C1    O1    sing N N 176 
GOL C1    C2    sing N N 177 
GOL C1    H11   sing N N 178 
GOL C1    H12   sing N N 179 
GOL O1    HO1   sing N N 180 
GOL C2    O2    sing N N 181 
GOL C2    C3    sing N N 182 
GOL C2    H2    sing N N 183 
GOL O2    HO2   sing N N 184 
GOL C3    O3    sing N N 185 
GOL C3    H31   sing N N 186 
GOL C3    H32   sing N N 187 
GOL O3    HO3   sing N N 188 
HIS N     CA    sing N N 189 
HIS N     H     sing N N 190 
HIS N     H2    sing N N 191 
HIS CA    C     sing N N 192 
HIS CA    CB    sing N N 193 
HIS CA    HA    sing N N 194 
HIS C     O     doub N N 195 
HIS C     OXT   sing N N 196 
HIS CB    CG    sing N N 197 
HIS CB    HB2   sing N N 198 
HIS CB    HB3   sing N N 199 
HIS CG    ND1   sing Y N 200 
HIS CG    CD2   doub Y N 201 
HIS ND1   CE1   doub Y N 202 
HIS ND1   HD1   sing N N 203 
HIS CD2   NE2   sing Y N 204 
HIS CD2   HD2   sing N N 205 
HIS CE1   NE2   sing Y N 206 
HIS CE1   HE1   sing N N 207 
HIS NE2   HE2   sing N N 208 
HIS OXT   HXT   sing N N 209 
HOH O     H1    sing N N 210 
HOH O     H2    sing N N 211 
ILE N     CA    sing N N 212 
ILE N     H     sing N N 213 
ILE N     H2    sing N N 214 
ILE CA    C     sing N N 215 
ILE CA    CB    sing N N 216 
ILE CA    HA    sing N N 217 
ILE C     O     doub N N 218 
ILE C     OXT   sing N N 219 
ILE CB    CG1   sing N N 220 
ILE CB    CG2   sing N N 221 
ILE CB    HB    sing N N 222 
ILE CG1   CD1   sing N N 223 
ILE CG1   HG12  sing N N 224 
ILE CG1   HG13  sing N N 225 
ILE CG2   HG21  sing N N 226 
ILE CG2   HG22  sing N N 227 
ILE CG2   HG23  sing N N 228 
ILE CD1   HD11  sing N N 229 
ILE CD1   HD12  sing N N 230 
ILE CD1   HD13  sing N N 231 
ILE OXT   HXT   sing N N 232 
LEU N     CA    sing N N 233 
LEU N     H     sing N N 234 
LEU N     H2    sing N N 235 
LEU CA    C     sing N N 236 
LEU CA    CB    sing N N 237 
LEU CA    HA    sing N N 238 
LEU C     O     doub N N 239 
LEU C     OXT   sing N N 240 
LEU CB    CG    sing N N 241 
LEU CB    HB2   sing N N 242 
LEU CB    HB3   sing N N 243 
LEU CG    CD1   sing N N 244 
LEU CG    CD2   sing N N 245 
LEU CG    HG    sing N N 246 
LEU CD1   HD11  sing N N 247 
LEU CD1   HD12  sing N N 248 
LEU CD1   HD13  sing N N 249 
LEU CD2   HD21  sing N N 250 
LEU CD2   HD22  sing N N 251 
LEU CD2   HD23  sing N N 252 
LEU OXT   HXT   sing N N 253 
LYS N     CA    sing N N 254 
LYS N     H     sing N N 255 
LYS N     H2    sing N N 256 
LYS CA    C     sing N N 257 
LYS CA    CB    sing N N 258 
LYS CA    HA    sing N N 259 
LYS C     O     doub N N 260 
LYS C     OXT   sing N N 261 
LYS CB    CG    sing N N 262 
LYS CB    HB2   sing N N 263 
LYS CB    HB3   sing N N 264 
LYS CG    CD    sing N N 265 
LYS CG    HG2   sing N N 266 
LYS CG    HG3   sing N N 267 
LYS CD    CE    sing N N 268 
LYS CD    HD2   sing N N 269 
LYS CD    HD3   sing N N 270 
LYS CE    NZ    sing N N 271 
LYS CE    HE2   sing N N 272 
LYS CE    HE3   sing N N 273 
LYS NZ    HZ1   sing N N 274 
LYS NZ    HZ2   sing N N 275 
LYS NZ    HZ3   sing N N 276 
LYS OXT   HXT   sing N N 277 
MET N     CA    sing N N 278 
MET N     H     sing N N 279 
MET N     H2    sing N N 280 
MET CA    C     sing N N 281 
MET CA    CB    sing N N 282 
MET CA    HA    sing N N 283 
MET C     O     doub N N 284 
MET C     OXT   sing N N 285 
MET CB    CG    sing N N 286 
MET CB    HB2   sing N N 287 
MET CB    HB3   sing N N 288 
MET CG    SD    sing N N 289 
MET CG    HG2   sing N N 290 
MET CG    HG3   sing N N 291 
MET SD    CE    sing N N 292 
MET CE    HE1   sing N N 293 
MET CE    HE2   sing N N 294 
MET CE    HE3   sing N N 295 
MET OXT   HXT   sing N N 296 
PHE N     CA    sing N N 297 
PHE N     H     sing N N 298 
PHE N     H2    sing N N 299 
PHE CA    C     sing N N 300 
PHE CA    CB    sing N N 301 
PHE CA    HA    sing N N 302 
PHE C     O     doub N N 303 
PHE C     OXT   sing N N 304 
PHE CB    CG    sing N N 305 
PHE CB    HB2   sing N N 306 
PHE CB    HB3   sing N N 307 
PHE CG    CD1   doub Y N 308 
PHE CG    CD2   sing Y N 309 
PHE CD1   CE1   sing Y N 310 
PHE CD1   HD1   sing N N 311 
PHE CD2   CE2   doub Y N 312 
PHE CD2   HD2   sing N N 313 
PHE CE1   CZ    doub Y N 314 
PHE CE1   HE1   sing N N 315 
PHE CE2   CZ    sing Y N 316 
PHE CE2   HE2   sing N N 317 
PHE CZ    HZ    sing N N 318 
PHE OXT   HXT   sing N N 319 
PRO N     CA    sing N N 320 
PRO N     CD    sing N N 321 
PRO N     H     sing N N 322 
PRO CA    C     sing N N 323 
PRO CA    CB    sing N N 324 
PRO CA    HA    sing N N 325 
PRO C     O     doub N N 326 
PRO C     OXT   sing N N 327 
PRO CB    CG    sing N N 328 
PRO CB    HB2   sing N N 329 
PRO CB    HB3   sing N N 330 
PRO CG    CD    sing N N 331 
PRO CG    HG2   sing N N 332 
PRO CG    HG3   sing N N 333 
PRO CD    HD2   sing N N 334 
PRO CD    HD3   sing N N 335 
PRO OXT   HXT   sing N N 336 
SER N     CA    sing N N 337 
SER N     H     sing N N 338 
SER N     H2    sing N N 339 
SER CA    C     sing N N 340 
SER CA    CB    sing N N 341 
SER CA    HA    sing N N 342 
SER C     O     doub N N 343 
SER C     OXT   sing N N 344 
SER CB    OG    sing N N 345 
SER CB    HB2   sing N N 346 
SER CB    HB3   sing N N 347 
SER OG    HG    sing N N 348 
SER OXT   HXT   sing N N 349 
THR N     CA    sing N N 350 
THR N     H     sing N N 351 
THR N     H2    sing N N 352 
THR CA    C     sing N N 353 
THR CA    CB    sing N N 354 
THR CA    HA    sing N N 355 
THR C     O     doub N N 356 
THR C     OXT   sing N N 357 
THR CB    OG1   sing N N 358 
THR CB    CG2   sing N N 359 
THR CB    HB    sing N N 360 
THR OG1   HG1   sing N N 361 
THR CG2   HG21  sing N N 362 
THR CG2   HG22  sing N N 363 
THR CG2   HG23  sing N N 364 
THR OXT   HXT   sing N N 365 
TRP N     CA    sing N N 366 
TRP N     H     sing N N 367 
TRP N     H2    sing N N 368 
TRP CA    C     sing N N 369 
TRP CA    CB    sing N N 370 
TRP CA    HA    sing N N 371 
TRP C     O     doub N N 372 
TRP C     OXT   sing N N 373 
TRP CB    CG    sing N N 374 
TRP CB    HB2   sing N N 375 
TRP CB    HB3   sing N N 376 
TRP CG    CD1   doub Y N 377 
TRP CG    CD2   sing Y N 378 
TRP CD1   NE1   sing Y N 379 
TRP CD1   HD1   sing N N 380 
TRP CD2   CE2   doub Y N 381 
TRP CD2   CE3   sing Y N 382 
TRP NE1   CE2   sing Y N 383 
TRP NE1   HE1   sing N N 384 
TRP CE2   CZ2   sing Y N 385 
TRP CE3   CZ3   doub Y N 386 
TRP CE3   HE3   sing N N 387 
TRP CZ2   CH2   doub Y N 388 
TRP CZ2   HZ2   sing N N 389 
TRP CZ3   CH2   sing Y N 390 
TRP CZ3   HZ3   sing N N 391 
TRP CH2   HH2   sing N N 392 
TRP OXT   HXT   sing N N 393 
TYR N     CA    sing N N 394 
TYR N     H     sing N N 395 
TYR N     H2    sing N N 396 
TYR CA    C     sing N N 397 
TYR CA    CB    sing N N 398 
TYR CA    HA    sing N N 399 
TYR C     O     doub N N 400 
TYR C     OXT   sing N N 401 
TYR CB    CG    sing N N 402 
TYR CB    HB2   sing N N 403 
TYR CB    HB3   sing N N 404 
TYR CG    CD1   doub Y N 405 
TYR CG    CD2   sing Y N 406 
TYR CD1   CE1   sing Y N 407 
TYR CD1   HD1   sing N N 408 
TYR CD2   CE2   doub Y N 409 
TYR CD2   HD2   sing N N 410 
TYR CE1   CZ    doub Y N 411 
TYR CE1   HE1   sing N N 412 
TYR CE2   CZ    sing Y N 413 
TYR CE2   HE2   sing N N 414 
TYR CZ    OH    sing N N 415 
TYR OH    HH    sing N N 416 
TYR OXT   HXT   sing N N 417 
VAL N     CA    sing N N 418 
VAL N     H     sing N N 419 
VAL N     H2    sing N N 420 
VAL CA    C     sing N N 421 
VAL CA    CB    sing N N 422 
VAL CA    HA    sing N N 423 
VAL C     O     doub N N 424 
VAL C     OXT   sing N N 425 
VAL CB    CG1   sing N N 426 
VAL CB    CG2   sing N N 427 
VAL CB    HB    sing N N 428 
VAL CG1   HG11  sing N N 429 
VAL CG1   HG12  sing N N 430 
VAL CG1   HG13  sing N N 431 
VAL CG2   HG21  sing N N 432 
VAL CG2   HG22  sing N N 433 
VAL CG2   HG23  sing N N 434 
VAL OXT   HXT   sing N N 435 
# 
loop_
_pdbx_entity_nonpoly.entity_id 
_pdbx_entity_nonpoly.name 
_pdbx_entity_nonpoly.comp_id 
2 GLYCEROL                                           GOL 
3 "3'-deoxy-3'-[(O-methyl-L-tyrosyl)amino]adenosine" 3NZ 
4 water                                              HOH 
# 
_pdbx_initial_refinement_model.id               1 
_pdbx_initial_refinement_model.entity_id_list   ? 
_pdbx_initial_refinement_model.type             'experimental model' 
_pdbx_initial_refinement_model.source_name      PDB 
_pdbx_initial_refinement_model.accession_code   4JC4 
_pdbx_initial_refinement_model.details          ? 
# 
